data_7T8V
#
_entry.id   7T8V
#
_cell.length_a   133.631
_cell.length_b   178.003
_cell.length_c   179.653
_cell.angle_alpha   90.000
_cell.angle_beta   90.000
_cell.angle_gamma   90.000
#
_symmetry.space_group_name_H-M   'I 2 2 2'
#
loop_
_entity.id
_entity.type
_entity.pdbx_description
1 polymer 'Chaetomium alpha glucosidase'
2 non-polymer (1S,2S,3R,4S,5S)-1-(hydroxymethyl)-5-[(6-{[2-nitro-4-(1H-1,2,3-triazol-1-yl)phenyl]amino}hexyl)amino]cyclohexane-1,2,3,4-tetrol
3 non-polymer 2-acetamido-2-deoxy-beta-D-glucopyranose
4 non-polymer 'SULFATE ION'
5 non-polymer GLYCEROL
6 non-polymer 2-[BIS-(2-HYDROXY-ETHYL)-AMINO]-2-HYDROXYMETHYL-PROPANE-1,3-DIOL
7 water water
#
_entity_poly.entity_id   1
_entity_poly.type   'polypeptide(L)'
_entity_poly.pdbx_seq_one_letter_code
;MGILPSPGMPALLSLVSLLSVLLMGCVAETGVEGESILHSEIGRLNNQSLLWGPYRPNIYFGTRPRIGKSLMTGLMWGKI
ESYTDFQHTVRYTCEQNEGMKGYGWDEYDPRRGGIQSIHDIQNGLDITTSFVKIPGGAHGGSWAARIKGTLNDDAPKDQK
TIVVFYVSQEGENSELEAVPSENEFGYEGDVILKGRSEALGNYKLVVTKGKGVIPQSDHDLSRLRGPGQTVVQSLTYPDE
VLWQAKPILFQQLKAGIDWLVENKYDVADPPPPWQVYLLANKPGSGNVHIVQKVFEGDFEFDILFSSESAGKEVTSKDLE
REVKQATEVFGERFARVFDLKAPFQGDNYKKFGKSMFSNLIGGIGYFYGHSLVDRSYAPEYDEENEGFWEDAAEARARHQ
EALEGPYELFTSIPSRPFFPRGFLWDEGFHLLPIADWDIDLALEIIKSWYNLMDEDGWIAREQILGAEARSKVPKEFQTQ
YPHYANPPTLFLVLDNFVERLRKNNASQPVVKDNLSLDETLSTASVDNPEVGLEYLRRLYPLLRRQFDWFRKTQAGDIKS
YDREAYSTKEAYRWRGRTVSHCLTSGLDDYPRPQPPHPGELHVDLMSWVGVMVKSLISIGSLLGATEDVEFYTKVLDAIE
HNLDDLHWSEKEGCYCDATIDEFEEHKLVCHKGYISLFPFLTGLLKPDSPKLGKLLALIGDESELWSPYGLRSLSKKDEF
YGTAENYWRSPVWININYLAIVQLYNIATQDGPYKETARDLYTRLRKNIVETVYRNWEETGFAWEQYNPETGKGQRTQHF
TGWTSLVVKIMSGHHHHHH
;
_entity_poly.pdbx_strand_id   A,B
#
loop_
_chem_comp.id
_chem_comp.type
_chem_comp.name
_chem_comp.formula
BTB non-polymer 2-[BIS-(2-HYDROXY-ETHYL)-AMINO]-2-HYDROXYMETHYL-PROPANE-1,3-DIOL 'C8 H19 N O5'
GOL non-polymer GLYCEROL 'C3 H8 O3'
NAG D-saccharide, beta linking 2-acetamido-2-deoxy-beta-D-glucopyranose 'C8 H15 N O6'
SO4 non-polymer 'SULFATE ION' 'O4 S -2'
W9Y non-polymer (1S,2S,3R,4S,5S)-1-(hydroxymethyl)-5-[(6-{[2-nitro-4-(1H-1,2,3-triazol-1-yl)phenyl]amino}hexyl)amino]cyclohexane-1,2,3,4-tetrol 'C21 H32 N6 O7'
#
# COMPACT_ATOMS: atom_id res chain seq x y z
N LEU A 38 -13.14 2.00 -33.04
CA LEU A 38 -11.94 1.44 -33.75
C LEU A 38 -10.77 1.28 -32.76
N HIS A 39 -10.70 2.16 -31.75
CA HIS A 39 -9.68 2.09 -30.72
C HIS A 39 -9.77 0.76 -29.96
N SER A 40 -11.01 0.36 -29.58
CA SER A 40 -11.25 -0.89 -28.88
C SER A 40 -10.83 -2.08 -29.75
N GLU A 41 -11.06 -1.95 -31.06
CA GLU A 41 -10.77 -2.99 -32.02
C GLU A 41 -9.24 -3.18 -32.17
N ILE A 42 -8.52 -2.07 -32.27
CA ILE A 42 -7.06 -2.08 -32.37
C ILE A 42 -6.47 -2.60 -31.04
N GLY A 43 -7.08 -2.19 -29.93
CA GLY A 43 -6.74 -2.70 -28.61
C GLY A 43 -6.79 -4.23 -28.55
N ARG A 44 -7.88 -4.82 -29.04
CA ARG A 44 -8.08 -6.27 -28.98
C ARG A 44 -7.05 -6.97 -29.88
N LEU A 45 -6.82 -6.40 -31.08
CA LEU A 45 -5.92 -7.01 -32.05
C LEU A 45 -4.50 -7.02 -31.51
N ASN A 46 -4.15 -5.94 -30.77
CA ASN A 46 -2.83 -5.75 -30.23
C ASN A 46 -2.59 -6.74 -29.09
N ASN A 47 -3.62 -6.89 -28.24
CA ASN A 47 -3.59 -7.84 -27.15
C ASN A 47 -3.28 -9.23 -27.71
N GLN A 48 -3.99 -9.60 -28.78
CA GLN A 48 -3.86 -10.93 -29.35
C GLN A 48 -2.47 -11.11 -29.97
N SER A 49 -1.95 -10.02 -30.55
CA SER A 49 -0.68 -10.10 -31.25
C SER A 49 0.48 -10.26 -30.25
N LEU A 50 0.34 -9.67 -29.05
CA LEU A 50 1.47 -9.56 -28.15
C LEU A 50 1.38 -10.58 -27.01
N LEU A 51 0.38 -11.47 -27.04
CA LEU A 51 0.08 -12.25 -25.86
C LEU A 51 1.23 -13.18 -25.50
N TRP A 52 1.69 -13.96 -26.47
CA TRP A 52 2.73 -14.96 -26.25
C TRP A 52 4.10 -14.36 -26.59
N GLY A 53 5.08 -14.66 -25.75
CA GLY A 53 6.45 -14.34 -26.08
C GLY A 53 7.44 -15.14 -25.25
N PRO A 54 8.75 -15.03 -25.53
CA PRO A 54 9.77 -15.58 -24.66
C PRO A 54 10.03 -14.54 -23.57
N TYR A 55 8.99 -14.27 -22.79
CA TYR A 55 8.88 -13.06 -21.98
C TYR A 55 9.47 -13.31 -20.59
N ARG A 56 10.57 -14.11 -20.54
CA ARG A 56 11.29 -14.40 -19.31
C ARG A 56 12.76 -14.09 -19.54
N PRO A 57 13.11 -12.82 -19.67
CA PRO A 57 14.47 -12.46 -20.06
C PRO A 57 15.49 -12.82 -18.96
N ASN A 58 14.99 -13.18 -17.77
CA ASN A 58 15.85 -13.50 -16.63
C ASN A 58 16.45 -14.90 -16.79
N ILE A 59 15.89 -15.72 -17.70
CA ILE A 59 16.48 -17.03 -17.98
C ILE A 59 16.93 -17.08 -19.46
N TYR A 60 17.85 -17.99 -19.77
CA TYR A 60 18.39 -18.11 -21.12
C TYR A 60 17.25 -18.30 -22.11
N PHE A 61 16.37 -19.25 -21.85
CA PHE A 61 15.24 -19.45 -22.77
C PHE A 61 14.03 -20.02 -22.05
N GLY A 62 12.90 -19.36 -22.24
CA GLY A 62 11.63 -19.80 -21.68
C GLY A 62 10.48 -18.95 -22.21
N THR A 63 9.26 -19.44 -22.10
CA THR A 63 8.10 -18.71 -22.59
C THR A 63 7.09 -18.57 -21.46
N ARG A 64 6.31 -17.48 -21.53
CA ARG A 64 5.10 -17.29 -20.76
C ARG A 64 4.22 -16.32 -21.53
N PRO A 65 2.89 -16.39 -21.39
CA PRO A 65 2.00 -15.37 -21.96
C PRO A 65 1.87 -14.22 -20.98
N ARG A 66 1.32 -13.09 -21.46
CA ARG A 66 1.07 -11.93 -20.60
C ARG A 66 -0.16 -12.19 -19.71
N ILE A 67 -0.07 -13.23 -18.88
CA ILE A 67 -1.11 -13.57 -17.92
C ILE A 67 -0.42 -13.94 -16.61
N GLY A 68 -0.86 -13.32 -15.52
CA GLY A 68 -0.18 -13.46 -14.24
C GLY A 68 -0.01 -14.94 -13.86
N LYS A 69 -1.12 -15.69 -13.90
CA LYS A 69 -1.11 -17.05 -13.43
C LYS A 69 -1.51 -17.96 -14.57
N SER A 70 -0.50 -18.61 -15.18
CA SER A 70 -0.70 -19.32 -16.43
C SER A 70 0.41 -20.36 -16.65
N LEU A 71 0.59 -20.72 -17.94
CA LEU A 71 1.54 -21.73 -18.37
C LEU A 71 2.90 -21.05 -18.61
N MET A 72 3.97 -21.58 -18.00
CA MET A 72 5.32 -21.08 -18.26
C MET A 72 6.22 -22.25 -18.66
N THR A 73 7.22 -21.97 -19.48
CA THR A 73 8.17 -22.99 -19.88
C THR A 73 9.60 -22.47 -19.67
N GLY A 74 10.53 -23.41 -19.46
CA GLY A 74 11.94 -23.06 -19.25
C GLY A 74 12.89 -24.15 -19.73
N LEU A 75 14.08 -23.74 -20.18
CA LEU A 75 15.10 -24.67 -20.67
C LEU A 75 16.26 -24.73 -19.68
N MET A 76 16.77 -25.93 -19.45
CA MET A 76 18.02 -26.13 -18.72
C MET A 76 18.88 -27.09 -19.51
N TRP A 77 20.18 -26.89 -19.46
CA TRP A 77 21.10 -27.88 -19.99
C TRP A 77 22.36 -27.87 -19.15
N GLY A 78 23.10 -28.97 -19.22
CA GLY A 78 24.46 -29.02 -18.70
C GLY A 78 25.14 -30.31 -19.07
N LYS A 79 26.48 -30.26 -19.25
CA LYS A 79 27.25 -31.48 -19.45
C LYS A 79 27.26 -32.27 -18.14
N ILE A 80 27.37 -33.60 -18.26
CA ILE A 80 27.63 -34.48 -17.11
C ILE A 80 28.83 -35.39 -17.42
N GLU A 81 29.88 -35.27 -16.60
CA GLU A 81 31.11 -36.01 -16.81
C GLU A 81 31.43 -36.85 -15.58
N SER A 82 30.77 -36.53 -14.48
CA SER A 82 31.10 -37.13 -13.19
C SER A 82 29.82 -37.32 -12.39
N TYR A 83 29.95 -37.82 -11.16
CA TYR A 83 28.79 -38.06 -10.32
C TYR A 83 28.36 -36.79 -9.57
N THR A 84 29.12 -35.68 -9.72
CA THR A 84 28.88 -34.51 -8.88
C THR A 84 28.86 -33.20 -9.68
N ASP A 85 29.26 -33.26 -10.95
CA ASP A 85 29.52 -32.05 -11.71
C ASP A 85 28.20 -31.39 -12.20
N PHE A 86 27.11 -32.18 -12.42
CA PHE A 86 25.91 -31.65 -13.11
C PHE A 86 25.31 -30.48 -12.34
N GLN A 87 25.31 -30.55 -11.02
CA GLN A 87 24.78 -29.48 -10.17
C GLN A 87 25.53 -28.17 -10.39
N HIS A 88 26.77 -28.25 -10.93
CA HIS A 88 27.60 -27.06 -11.15
C HIS A 88 27.52 -26.62 -12.62
N THR A 89 27.21 -27.55 -13.54
CA THR A 89 27.28 -27.24 -14.95
C THR A 89 25.94 -26.70 -15.45
N VAL A 90 24.83 -27.08 -14.77
CA VAL A 90 23.49 -26.85 -15.33
C VAL A 90 23.24 -25.35 -15.46
N ARG A 91 22.66 -24.95 -16.59
CA ARG A 91 22.33 -23.57 -16.87
C ARG A 91 20.84 -23.39 -16.71
N TYR A 92 20.43 -22.23 -16.16
CA TYR A 92 19.03 -21.85 -16.14
C TYR A 92 18.86 -20.33 -16.19
N THR A 93 19.09 -19.66 -15.06
CA THR A 93 19.00 -18.20 -15.02
C THR A 93 20.24 -17.60 -15.66
N CYS A 94 20.08 -16.38 -16.22
CA CYS A 94 21.17 -15.71 -16.94
C CYS A 94 22.24 -15.29 -15.96
N GLU A 95 23.49 -15.50 -16.37
CA GLU A 95 24.66 -15.02 -15.67
C GLU A 95 25.65 -14.55 -16.72
N GLN A 96 26.69 -13.86 -16.27
CA GLN A 96 27.83 -13.59 -17.11
C GLN A 96 29.12 -13.78 -16.28
N ASN A 97 29.90 -14.82 -16.64
CA ASN A 97 31.19 -15.10 -16.00
C ASN A 97 32.15 -15.61 -17.07
N GLU A 98 33.31 -16.14 -16.63
CA GLU A 98 34.37 -16.57 -17.54
C GLU A 98 33.93 -17.82 -18.31
N GLY A 99 32.95 -18.59 -17.73
CA GLY A 99 32.45 -19.85 -18.30
C GLY A 99 31.43 -19.63 -19.43
N MET A 100 30.97 -18.39 -19.57
CA MET A 100 30.03 -18.06 -20.64
C MET A 100 30.68 -17.06 -21.59
N LYS A 101 30.86 -17.44 -22.85
CA LYS A 101 31.48 -16.52 -23.79
C LYS A 101 30.53 -15.37 -24.10
N GLY A 102 29.28 -15.69 -24.38
CA GLY A 102 28.31 -14.68 -24.73
C GLY A 102 26.98 -15.33 -25.09
N TYR A 103 25.94 -14.49 -25.21
CA TYR A 103 24.63 -14.90 -25.66
C TYR A 103 23.81 -13.67 -26.00
N GLY A 104 22.77 -13.87 -26.84
CA GLY A 104 21.83 -12.81 -27.13
C GLY A 104 20.98 -13.12 -28.35
N TRP A 105 20.02 -12.25 -28.61
CA TRP A 105 19.12 -12.36 -29.75
C TRP A 105 19.79 -11.77 -30.99
N ASP A 106 19.90 -12.58 -32.04
CA ASP A 106 20.46 -12.14 -33.32
C ASP A 106 19.40 -11.38 -34.10
N GLU A 107 18.15 -11.83 -33.96
CA GLU A 107 16.99 -11.15 -34.52
C GLU A 107 15.85 -11.32 -33.54
N TYR A 108 15.00 -10.31 -33.42
CA TYR A 108 13.82 -10.48 -32.60
C TYR A 108 12.79 -9.40 -32.88
N ASP A 109 11.54 -9.83 -32.93
CA ASP A 109 10.39 -8.95 -32.87
C ASP A 109 9.33 -9.66 -32.05
N PRO A 110 8.81 -9.02 -30.97
CA PRO A 110 7.89 -9.70 -30.06
C PRO A 110 6.60 -10.19 -30.72
N ARG A 111 6.27 -9.62 -31.90
CA ARG A 111 5.08 -10.03 -32.64
C ARG A 111 5.30 -11.37 -33.35
N ARG A 112 6.53 -11.60 -33.85
CA ARG A 112 6.85 -12.75 -34.71
C ARG A 112 7.76 -13.77 -34.00
N GLY A 113 8.62 -13.29 -33.08
CA GLY A 113 9.68 -14.12 -32.51
C GLY A 113 11.05 -13.78 -33.10
N GLY A 114 12.01 -14.71 -32.96
CA GLY A 114 13.36 -14.48 -33.44
C GLY A 114 14.29 -15.65 -33.10
N ILE A 115 15.60 -15.44 -33.30
CA ILE A 115 16.63 -16.43 -33.07
C ILE A 115 17.60 -15.91 -32.00
N GLN A 116 17.92 -16.78 -31.03
CA GLN A 116 18.87 -16.48 -29.98
C GLN A 116 20.09 -17.42 -30.10
N SER A 117 21.30 -16.86 -29.86
CA SER A 117 22.57 -17.60 -29.85
C SER A 117 23.17 -17.58 -28.45
N ILE A 118 23.54 -18.76 -27.97
CA ILE A 118 24.20 -18.89 -26.68
C ILE A 118 25.54 -19.62 -26.89
N HIS A 119 26.65 -18.99 -26.45
CA HIS A 119 27.98 -19.60 -26.55
C HIS A 119 28.49 -19.98 -25.16
N ASP A 120 28.39 -21.29 -24.85
CA ASP A 120 28.69 -21.79 -23.51
C ASP A 120 30.04 -22.48 -23.52
N ILE A 121 31.02 -21.85 -22.87
CA ILE A 121 32.38 -22.41 -22.81
C ILE A 121 32.39 -23.59 -21.85
N GLN A 122 31.92 -23.36 -20.62
CA GLN A 122 31.96 -24.38 -19.60
C GLN A 122 31.33 -25.70 -20.11
N ASN A 123 30.24 -25.61 -20.85
CA ASN A 123 29.55 -26.81 -21.27
C ASN A 123 29.92 -27.20 -22.71
N GLY A 124 30.92 -26.48 -23.30
CA GLY A 124 31.48 -26.77 -24.60
C GLY A 124 30.42 -26.78 -25.72
N LEU A 125 29.39 -25.90 -25.61
CA LEU A 125 28.22 -25.94 -26.48
C LEU A 125 27.95 -24.56 -27.06
N ASP A 126 27.60 -24.54 -28.36
CA ASP A 126 26.90 -23.41 -28.97
C ASP A 126 25.42 -23.79 -29.16
N ILE A 127 24.55 -23.00 -28.55
CA ILE A 127 23.12 -23.31 -28.58
C ILE A 127 22.38 -22.25 -29.38
N THR A 128 21.40 -22.70 -30.18
CA THR A 128 20.49 -21.82 -30.88
C THR A 128 19.08 -22.12 -30.38
N THR A 129 18.33 -21.08 -29.99
CA THR A 129 16.92 -21.23 -29.71
C THR A 129 16.13 -20.33 -30.66
N SER A 130 15.32 -20.96 -31.51
CA SER A 130 14.49 -20.21 -32.44
C SER A 130 13.08 -20.22 -31.89
N PHE A 131 12.43 -19.06 -31.91
CA PHE A 131 11.06 -18.98 -31.42
C PHE A 131 10.19 -18.32 -32.48
N VAL A 132 8.95 -18.82 -32.64
CA VAL A 132 8.11 -18.33 -33.70
C VAL A 132 6.64 -18.35 -33.27
N LYS A 133 5.91 -17.31 -33.69
CA LYS A 133 4.50 -17.19 -33.35
C LYS A 133 3.64 -17.46 -34.58
N ILE A 134 2.57 -18.25 -34.40
CA ILE A 134 1.61 -18.54 -35.46
C ILE A 134 0.24 -18.08 -34.98
N PRO A 135 -0.26 -16.93 -35.50
CA PRO A 135 -1.57 -16.40 -35.09
C PRO A 135 -2.73 -17.34 -35.47
N GLY A 136 -3.84 -17.23 -34.71
CA GLY A 136 -5.05 -17.99 -34.99
C GLY A 136 -5.78 -18.41 -33.71
N GLY A 137 -7.10 -18.68 -33.84
CA GLY A 137 -7.95 -19.00 -32.71
C GLY A 137 -8.28 -17.78 -31.86
N ALA A 138 -8.74 -18.02 -30.63
CA ALA A 138 -9.28 -16.95 -29.79
C ALA A 138 -8.39 -16.71 -28.56
N HIS A 139 -7.21 -17.33 -28.52
CA HIS A 139 -6.49 -17.43 -27.25
C HIS A 139 -5.05 -16.91 -27.37
N GLY A 140 -4.80 -16.11 -28.39
CA GLY A 140 -3.50 -15.48 -28.56
C GLY A 140 -2.57 -16.29 -29.46
N GLY A 141 -3.09 -17.34 -30.09
CA GLY A 141 -2.36 -18.00 -31.14
C GLY A 141 -1.47 -19.12 -30.62
N SER A 142 -0.59 -19.61 -31.52
CA SER A 142 0.26 -20.75 -31.27
C SER A 142 1.73 -20.33 -31.39
N TRP A 143 2.64 -21.20 -30.97
CA TRP A 143 4.05 -20.90 -31.08
C TRP A 143 4.84 -22.19 -31.14
N ALA A 144 6.10 -22.06 -31.56
CA ALA A 144 7.03 -23.17 -31.59
C ALA A 144 8.45 -22.67 -31.33
N ALA A 145 9.30 -23.58 -30.86
CA ALA A 145 10.69 -23.32 -30.61
C ALA A 145 11.51 -24.49 -31.12
N ARG A 146 12.67 -24.18 -31.65
CA ARG A 146 13.68 -25.18 -31.94
C ARG A 146 14.88 -24.94 -31.01
N ILE A 147 15.30 -26.01 -30.33
CA ILE A 147 16.50 -25.99 -29.51
C ILE A 147 17.57 -26.80 -30.23
N LYS A 148 18.64 -26.12 -30.65
CA LYS A 148 19.74 -26.78 -31.36
C LYS A 148 21.05 -26.60 -30.58
N GLY A 149 21.68 -27.73 -30.20
CA GLY A 149 22.99 -27.71 -29.56
C GLY A 149 24.10 -28.26 -30.48
N THR A 150 25.19 -27.50 -30.61
CA THR A 150 26.37 -27.92 -31.35
C THR A 150 27.58 -27.92 -30.41
N LEU A 151 28.25 -29.09 -30.28
CA LEU A 151 29.51 -29.14 -29.53
C LEU A 151 30.52 -28.24 -30.22
N ASN A 152 31.29 -27.47 -29.42
CA ASN A 152 32.34 -26.63 -29.97
C ASN A 152 33.58 -27.50 -30.18
N ASP A 153 34.63 -26.93 -30.79
CA ASP A 153 35.79 -27.67 -31.25
C ASP A 153 36.49 -28.38 -30.07
N ASP A 154 36.48 -27.72 -28.88
CA ASP A 154 37.26 -28.18 -27.72
C ASP A 154 36.52 -29.29 -26.97
N ALA A 155 35.19 -29.35 -27.14
CA ALA A 155 34.38 -30.31 -26.39
C ALA A 155 34.72 -31.74 -26.83
N PRO A 156 34.84 -32.71 -25.89
CA PRO A 156 35.01 -34.14 -26.24
C PRO A 156 33.85 -34.58 -27.12
N LYS A 157 34.16 -35.30 -28.21
CA LYS A 157 33.18 -35.55 -29.28
C LYS A 157 32.04 -36.45 -28.76
N ASP A 158 32.26 -37.06 -27.58
CA ASP A 158 31.28 -37.96 -26.99
C ASP A 158 30.76 -37.40 -25.65
N GLN A 159 30.85 -36.08 -25.47
CA GLN A 159 30.25 -35.44 -24.32
C GLN A 159 28.78 -35.89 -24.16
N LYS A 160 28.40 -36.19 -22.93
CA LYS A 160 26.99 -36.32 -22.59
C LYS A 160 26.44 -34.97 -22.06
N THR A 161 25.31 -34.54 -22.65
CA THR A 161 24.60 -33.34 -22.25
C THR A 161 23.20 -33.73 -21.79
N ILE A 162 22.82 -33.26 -20.58
CA ILE A 162 21.45 -33.38 -20.11
C ILE A 162 20.69 -32.13 -20.53
N VAL A 163 19.48 -32.34 -21.07
CA VAL A 163 18.62 -31.23 -21.42
C VAL A 163 17.26 -31.44 -20.79
N VAL A 164 16.71 -30.36 -20.21
CA VAL A 164 15.43 -30.41 -19.54
C VAL A 164 14.54 -29.30 -20.10
N PHE A 165 13.32 -29.67 -20.48
CA PHE A 165 12.26 -28.72 -20.71
C PHE A 165 11.27 -28.79 -19.55
N TYR A 166 11.15 -27.69 -18.81
CA TYR A 166 10.36 -27.61 -17.58
C TYR A 166 9.10 -26.82 -17.89
N VAL A 167 7.95 -27.37 -17.52
CA VAL A 167 6.67 -26.74 -17.82
C VAL A 167 5.85 -26.68 -16.55
N SER A 168 5.26 -25.51 -16.28
CA SER A 168 4.45 -25.37 -15.09
C SER A 168 3.22 -24.56 -15.42
N GLN A 169 2.16 -24.76 -14.62
CA GLN A 169 0.92 -24.03 -14.84
C GLN A 169 0.32 -23.61 -13.50
N GLU A 170 0.14 -22.30 -13.33
CA GLU A 170 -0.59 -21.77 -12.19
C GLU A 170 -2.05 -21.55 -12.61
N GLY A 171 -2.96 -21.98 -11.73
CA GLY A 171 -4.40 -21.75 -11.89
C GLY A 171 -5.19 -22.65 -10.94
N GLU A 172 -6.42 -22.23 -10.60
CA GLU A 172 -7.26 -23.02 -9.69
C GLU A 172 -7.96 -24.17 -10.47
N ASN A 173 -8.46 -23.87 -11.69
CA ASN A 173 -9.30 -24.81 -12.43
C ASN A 173 -8.61 -25.28 -13.72
N SER A 174 -7.27 -25.15 -13.78
CA SER A 174 -6.51 -25.49 -14.97
C SER A 174 -6.00 -26.93 -14.86
N GLU A 175 -5.80 -27.58 -15.99
CA GLU A 175 -5.29 -28.94 -15.96
C GLU A 175 -4.21 -29.10 -17.02
N LEU A 176 -3.21 -29.96 -16.73
CA LEU A 176 -2.16 -30.28 -17.68
C LEU A 176 -1.73 -31.72 -17.46
N GLU A 177 -1.75 -32.52 -18.53
CA GLU A 177 -1.54 -33.96 -18.41
C GLU A 177 -0.57 -34.44 -19.49
N ALA A 178 0.43 -35.20 -19.07
CA ALA A 178 1.32 -35.87 -20.02
C ALA A 178 0.69 -37.18 -20.46
N VAL A 179 0.33 -37.26 -21.74
CA VAL A 179 -0.04 -38.53 -22.35
C VAL A 179 1.08 -39.52 -22.12
N PRO A 180 0.83 -40.68 -21.44
CA PRO A 180 1.88 -41.67 -21.21
C PRO A 180 2.45 -42.32 -22.48
N SER A 181 3.67 -42.86 -22.38
CA SER A 181 4.30 -43.54 -23.50
C SER A 181 3.79 -44.98 -23.58
N GLU A 182 3.87 -45.55 -24.80
CA GLU A 182 3.73 -47.00 -25.02
C GLU A 182 4.81 -47.76 -24.23
N ASN A 183 6.09 -47.35 -24.41
CA ASN A 183 7.25 -48.11 -23.94
C ASN A 183 7.28 -48.12 -22.42
N GLU A 184 8.02 -49.08 -21.86
CA GLU A 184 7.94 -49.34 -20.41
C GLU A 184 8.55 -48.17 -19.62
N PHE A 185 9.65 -47.62 -20.13
CA PHE A 185 10.57 -46.87 -19.29
C PHE A 185 10.62 -45.40 -19.68
N GLY A 186 9.88 -45.01 -20.74
CA GLY A 186 9.94 -43.65 -21.25
C GLY A 186 9.56 -43.56 -22.73
N TYR A 187 10.06 -42.53 -23.42
CA TYR A 187 9.57 -42.18 -24.74
C TYR A 187 10.60 -42.48 -25.81
N GLU A 188 10.14 -43.20 -26.86
CA GLU A 188 10.89 -43.39 -28.11
C GLU A 188 10.66 -42.16 -29.00
N GLY A 189 9.45 -41.58 -28.88
CA GLY A 189 9.03 -40.49 -29.75
C GLY A 189 8.72 -39.20 -28.98
N ASP A 190 7.65 -38.52 -29.39
CA ASP A 190 7.34 -37.20 -28.89
C ASP A 190 6.64 -37.32 -27.55
N VAL A 191 6.83 -36.29 -26.70
CA VAL A 191 6.07 -36.17 -25.47
C VAL A 191 4.94 -35.19 -25.73
N ILE A 192 3.72 -35.60 -25.39
CA ILE A 192 2.56 -34.77 -25.64
C ILE A 192 1.94 -34.38 -24.31
N LEU A 193 1.83 -33.06 -24.07
CA LEU A 193 1.07 -32.57 -22.92
C LEU A 193 -0.23 -31.96 -23.41
N LYS A 194 -1.35 -32.43 -22.83
CA LYS A 194 -2.66 -31.84 -23.08
C LYS A 194 -3.10 -31.03 -21.85
N GLY A 195 -3.52 -29.78 -22.08
CA GLY A 195 -3.90 -28.90 -21.00
C GLY A 195 -5.12 -28.04 -21.33
N ARG A 196 -5.70 -27.45 -20.30
CA ARG A 196 -6.81 -26.53 -20.44
C ARG A 196 -6.71 -25.48 -19.33
N SER A 197 -6.97 -24.22 -19.70
CA SER A 197 -7.23 -23.16 -18.74
C SER A 197 -8.27 -22.22 -19.31
N GLU A 198 -8.94 -21.44 -18.43
CA GLU A 198 -9.90 -20.42 -18.86
C GLU A 198 -9.23 -19.44 -19.83
N ALA A 199 -7.97 -19.07 -19.53
CA ALA A 199 -7.30 -18.05 -20.33
C ALA A 199 -6.80 -18.62 -21.67
N LEU A 200 -6.49 -19.91 -21.70
CA LEU A 200 -5.86 -20.46 -22.89
C LEU A 200 -6.82 -21.39 -23.64
N GLY A 201 -7.96 -21.68 -23.02
CA GLY A 201 -8.83 -22.74 -23.53
C GLY A 201 -8.06 -24.06 -23.57
N ASN A 202 -8.33 -24.87 -24.59
CA ASN A 202 -7.65 -26.15 -24.77
C ASN A 202 -6.36 -25.92 -25.55
N TYR A 203 -5.32 -26.71 -25.22
CA TYR A 203 -4.08 -26.65 -26.00
C TYR A 203 -3.33 -27.96 -25.85
N LYS A 204 -2.40 -28.20 -26.77
CA LYS A 204 -1.44 -29.28 -26.62
C LYS A 204 -0.04 -28.70 -26.83
N LEU A 205 0.89 -29.12 -25.96
CA LEU A 205 2.30 -28.76 -26.04
C LEU A 205 3.10 -30.04 -26.28
N VAL A 206 3.95 -30.04 -27.32
CA VAL A 206 4.65 -31.23 -27.77
C VAL A 206 6.15 -30.95 -27.75
N VAL A 207 6.91 -31.84 -27.08
CA VAL A 207 8.36 -31.84 -27.15
C VAL A 207 8.78 -33.00 -28.04
N THR A 208 9.37 -32.69 -29.21
CA THR A 208 9.61 -33.72 -30.21
C THR A 208 10.76 -34.63 -29.77
N LYS A 209 10.79 -35.83 -30.35
CA LYS A 209 11.82 -36.83 -30.10
C LYS A 209 13.19 -36.19 -30.31
N GLY A 210 13.32 -35.47 -31.42
CA GLY A 210 14.55 -34.77 -31.73
C GLY A 210 15.57 -35.66 -32.43
N LYS A 211 16.64 -35.03 -32.90
CA LYS A 211 17.73 -35.66 -33.62
C LYS A 211 18.99 -35.59 -32.74
N GLY A 212 19.77 -36.68 -32.75
CA GLY A 212 21.01 -36.76 -32.00
C GLY A 212 21.12 -38.10 -31.26
N VAL A 213 22.36 -38.55 -31.04
CA VAL A 213 22.59 -39.84 -30.44
C VAL A 213 22.06 -39.84 -29.00
N ILE A 214 21.32 -40.91 -28.64
CA ILE A 214 20.93 -41.14 -27.27
C ILE A 214 21.83 -42.21 -26.65
N PRO A 215 22.60 -41.89 -25.60
CA PRO A 215 23.49 -42.87 -24.95
C PRO A 215 22.72 -44.04 -24.36
N GLN A 216 23.33 -45.24 -24.38
CA GLN A 216 22.67 -46.45 -23.90
C GLN A 216 23.54 -47.09 -22.80
N SER A 217 22.91 -47.65 -21.78
CA SER A 217 23.64 -48.20 -20.65
C SER A 217 23.53 -49.72 -20.63
N ASP A 218 24.67 -50.38 -20.46
CA ASP A 218 24.69 -51.81 -20.31
C ASP A 218 24.55 -52.23 -18.85
N HIS A 219 24.35 -51.27 -17.95
CA HIS A 219 24.27 -51.58 -16.54
C HIS A 219 22.98 -52.35 -16.21
N ASP A 220 23.03 -53.11 -15.12
CA ASP A 220 21.91 -53.83 -14.58
C ASP A 220 20.72 -52.89 -14.30
N LEU A 221 21.02 -51.65 -13.87
CA LEU A 221 20.01 -50.66 -13.54
C LEU A 221 19.01 -50.49 -14.70
N SER A 222 19.46 -50.75 -15.94
CA SER A 222 18.62 -50.59 -17.12
C SER A 222 17.44 -51.57 -17.13
N ARG A 223 17.52 -52.64 -16.33
CA ARG A 223 16.41 -53.58 -16.27
C ARG A 223 15.22 -52.86 -15.61
N LEU A 224 15.53 -51.85 -14.78
CA LEU A 224 14.51 -51.21 -13.99
C LEU A 224 14.21 -49.81 -14.49
N ARG A 225 15.19 -49.21 -15.19
CA ARG A 225 15.08 -47.79 -15.55
C ARG A 225 15.13 -47.61 -17.07
N GLY A 226 15.24 -48.73 -17.81
CA GLY A 226 15.51 -48.69 -19.24
C GLY A 226 17.00 -48.46 -19.53
N PRO A 227 17.46 -48.69 -20.79
CA PRO A 227 18.88 -48.44 -21.14
C PRO A 227 19.19 -46.98 -21.44
N GLY A 228 18.16 -46.12 -21.46
CA GLY A 228 18.33 -44.71 -21.81
C GLY A 228 17.29 -44.21 -22.83
N GLN A 229 16.50 -43.22 -22.42
CA GLN A 229 15.37 -42.71 -23.20
C GLN A 229 14.89 -41.39 -22.59
N THR A 230 14.16 -40.59 -23.37
CA THR A 230 13.46 -39.41 -22.88
C THR A 230 12.48 -39.82 -21.79
N VAL A 231 12.47 -39.08 -20.69
CA VAL A 231 11.58 -39.39 -19.59
C VAL A 231 10.78 -38.14 -19.22
N VAL A 232 9.69 -38.36 -18.44
CA VAL A 232 8.83 -37.31 -17.96
C VAL A 232 8.42 -37.62 -16.53
N GLN A 233 8.52 -36.61 -15.65
CA GLN A 233 7.90 -36.66 -14.33
C GLN A 233 6.85 -35.58 -14.26
N SER A 234 5.62 -35.97 -13.89
CA SER A 234 4.53 -35.04 -13.73
C SER A 234 4.23 -34.88 -12.24
N LEU A 235 4.34 -33.64 -11.73
CA LEU A 235 4.32 -33.38 -10.27
C LEU A 235 3.30 -32.32 -9.97
N THR A 236 2.98 -32.16 -8.68
CA THR A 236 2.19 -31.04 -8.19
CA THR A 236 2.23 -31.00 -8.23
C THR A 236 2.86 -30.42 -6.97
N TYR A 237 2.86 -29.08 -6.92
CA TYR A 237 3.34 -28.31 -5.78
C TYR A 237 2.39 -27.13 -5.64
N PRO A 238 2.32 -26.46 -4.48
CA PRO A 238 1.59 -25.18 -4.38
C PRO A 238 2.03 -24.23 -5.47
N ASP A 239 1.03 -23.58 -6.08
CA ASP A 239 1.18 -22.69 -7.23
C ASP A 239 2.36 -21.70 -7.06
N GLU A 240 2.55 -21.19 -5.85
CA GLU A 240 3.44 -20.04 -5.68
C GLU A 240 4.92 -20.45 -5.74
N VAL A 241 5.23 -21.77 -5.74
CA VAL A 241 6.63 -22.17 -5.78
C VAL A 241 6.98 -22.80 -7.13
N LEU A 242 6.08 -22.70 -8.10
CA LEU A 242 6.25 -23.35 -9.39
C LEU A 242 7.43 -22.75 -10.16
N TRP A 243 7.77 -21.48 -9.86
CA TRP A 243 8.86 -20.80 -10.56
C TRP A 243 10.22 -21.38 -10.16
N GLN A 244 10.29 -22.16 -9.05
CA GLN A 244 11.58 -22.60 -8.55
C GLN A 244 12.05 -23.89 -9.26
N ALA A 245 12.27 -23.78 -10.59
CA ALA A 245 12.50 -24.93 -11.45
C ALA A 245 13.75 -25.73 -11.03
N LYS A 246 14.85 -25.02 -10.80
CA LYS A 246 16.10 -25.70 -10.47
C LYS A 246 15.94 -26.55 -9.19
N PRO A 247 15.52 -25.95 -8.05
CA PRO A 247 15.35 -26.71 -6.81
C PRO A 247 14.34 -27.86 -6.99
N ILE A 248 13.33 -27.62 -7.81
CA ILE A 248 12.32 -28.65 -8.02
C ILE A 248 12.95 -29.82 -8.80
N LEU A 249 13.70 -29.50 -9.87
CA LEU A 249 14.44 -30.51 -10.58
C LEU A 249 15.40 -31.25 -9.62
N PHE A 250 16.13 -30.51 -8.79
CA PHE A 250 17.17 -31.22 -8.06
C PHE A 250 16.58 -32.15 -7.01
N GLN A 251 15.39 -31.81 -6.51
CA GLN A 251 14.78 -32.62 -5.48
C GLN A 251 14.39 -33.96 -6.09
N GLN A 252 13.89 -33.93 -7.34
CA GLN A 252 13.57 -35.14 -8.09
C GLN A 252 14.84 -35.98 -8.33
N LEU A 253 15.91 -35.33 -8.77
CA LEU A 253 17.17 -36.01 -8.99
C LEU A 253 17.65 -36.67 -7.69
N LYS A 254 17.53 -35.95 -6.58
CA LYS A 254 18.04 -36.46 -5.32
C LYS A 254 17.25 -37.70 -4.89
N ALA A 255 15.92 -37.68 -5.11
CA ALA A 255 15.08 -38.82 -4.73
C ALA A 255 15.43 -40.05 -5.57
N GLY A 256 15.73 -39.80 -6.87
CA GLY A 256 16.28 -40.78 -7.80
C GLY A 256 17.56 -41.44 -7.27
N ILE A 257 18.51 -40.61 -6.80
CA ILE A 257 19.77 -41.14 -6.29
C ILE A 257 19.53 -41.91 -4.99
N ASP A 258 18.60 -41.41 -4.16
CA ASP A 258 18.24 -42.08 -2.92
C ASP A 258 17.73 -43.48 -3.21
N TRP A 259 16.85 -43.58 -4.22
CA TRP A 259 16.35 -44.86 -4.68
C TRP A 259 17.51 -45.81 -5.05
N LEU A 260 18.53 -45.28 -5.77
CA LEU A 260 19.66 -46.11 -6.16
C LEU A 260 20.31 -46.75 -4.93
N VAL A 261 20.58 -45.93 -3.89
CA VAL A 261 21.33 -46.36 -2.72
C VAL A 261 20.51 -47.43 -1.99
N GLU A 262 19.19 -47.19 -1.89
CA GLU A 262 18.26 -48.04 -1.17
C GLU A 262 18.13 -49.38 -1.90
N ASN A 263 18.34 -49.39 -3.22
CA ASN A 263 18.12 -50.58 -4.03
C ASN A 263 19.46 -51.20 -4.44
N LYS A 264 20.53 -50.85 -3.69
CA LYS A 264 21.79 -51.58 -3.66
C LYS A 264 22.63 -51.28 -4.92
N TYR A 265 22.39 -50.13 -5.57
CA TYR A 265 23.28 -49.69 -6.63
C TYR A 265 24.35 -48.77 -6.05
N ASP A 266 25.58 -49.28 -5.97
CA ASP A 266 26.61 -48.74 -5.11
C ASP A 266 27.93 -48.59 -5.88
N VAL A 267 29.01 -48.25 -5.14
CA VAL A 267 30.25 -47.82 -5.75
C VAL A 267 31.10 -49.04 -6.11
N ALA A 268 30.66 -50.24 -5.70
CA ALA A 268 31.28 -51.47 -6.18
C ALA A 268 31.15 -51.55 -7.71
N ASP A 269 29.99 -51.11 -8.25
CA ASP A 269 29.68 -51.19 -9.67
C ASP A 269 28.66 -50.12 -10.03
N PRO A 270 29.04 -48.83 -10.14
CA PRO A 270 28.06 -47.76 -10.33
C PRO A 270 27.58 -47.65 -11.77
N PRO A 271 26.29 -47.32 -11.99
CA PRO A 271 25.81 -46.96 -13.32
C PRO A 271 26.58 -45.73 -13.81
N PRO A 272 26.59 -45.45 -15.13
CA PRO A 272 27.25 -44.25 -15.65
C PRO A 272 26.64 -42.97 -15.04
N PRO A 273 27.43 -41.87 -14.84
CA PRO A 273 26.89 -40.63 -14.27
C PRO A 273 25.58 -40.17 -14.90
N TRP A 274 25.50 -40.25 -16.23
CA TRP A 274 24.32 -39.73 -16.92
C TRP A 274 23.07 -40.53 -16.55
N GLN A 275 23.25 -41.83 -16.27
CA GLN A 275 22.11 -42.68 -15.97
C GLN A 275 21.70 -42.47 -14.51
N VAL A 276 22.69 -42.16 -13.67
CA VAL A 276 22.39 -41.80 -12.28
C VAL A 276 21.50 -40.56 -12.26
N TYR A 277 21.71 -39.63 -13.20
CA TYR A 277 20.96 -38.37 -13.22
C TYR A 277 19.82 -38.39 -14.25
N LEU A 278 19.37 -39.57 -14.65
CA LEU A 278 18.20 -39.64 -15.52
C LEU A 278 16.98 -39.99 -14.67
N LEU A 279 15.99 -39.10 -14.61
CA LEU A 279 14.79 -39.31 -13.78
C LEU A 279 14.09 -40.64 -14.19
N ALA A 280 13.46 -41.31 -13.21
CA ALA A 280 12.55 -42.42 -13.51
C ALA A 280 11.29 -41.87 -14.19
N ASN A 281 10.85 -42.55 -15.27
CA ASN A 281 9.67 -42.08 -15.99
C ASN A 281 8.45 -42.27 -15.08
N LYS A 282 7.69 -41.17 -14.84
CA LYS A 282 6.39 -41.23 -14.14
C LYS A 282 5.50 -40.08 -14.62
N PRO A 283 5.02 -40.13 -15.88
CA PRO A 283 4.13 -39.10 -16.42
C PRO A 283 2.72 -39.21 -15.83
N GLY A 284 1.96 -38.13 -15.95
CA GLY A 284 0.64 -38.07 -15.34
C GLY A 284 0.05 -36.67 -15.45
N SER A 285 -0.86 -36.35 -14.55
CA SER A 285 -1.35 -35.00 -14.45
C SER A 285 -0.66 -34.30 -13.30
N GLY A 286 -0.59 -32.96 -13.38
CA GLY A 286 0.02 -32.13 -12.36
C GLY A 286 0.27 -30.69 -12.84
N ASN A 287 0.80 -29.84 -11.96
CA ASN A 287 1.04 -28.46 -12.37
C ASN A 287 2.52 -28.27 -12.71
N VAL A 288 3.33 -29.34 -12.56
CA VAL A 288 4.72 -29.30 -13.04
C VAL A 288 5.01 -30.54 -13.89
N HIS A 289 5.56 -30.34 -15.10
CA HIS A 289 6.08 -31.45 -15.91
C HIS A 289 7.55 -31.23 -16.28
N ILE A 290 8.39 -32.18 -15.91
CA ILE A 290 9.79 -32.17 -16.29
C ILE A 290 9.98 -33.15 -17.45
N VAL A 291 10.43 -32.62 -18.58
CA VAL A 291 10.77 -33.45 -19.74
C VAL A 291 12.30 -33.45 -19.87
N GLN A 292 12.91 -34.63 -19.70
CA GLN A 292 14.38 -34.77 -19.65
C GLN A 292 14.86 -35.66 -20.81
N LYS A 293 15.88 -35.17 -21.54
CA LYS A 293 16.57 -35.95 -22.56
C LYS A 293 18.07 -35.97 -22.25
N VAL A 294 18.73 -37.03 -22.69
CA VAL A 294 20.18 -37.09 -22.66
C VAL A 294 20.68 -37.28 -24.08
N PHE A 295 21.71 -36.52 -24.43
CA PHE A 295 22.29 -36.54 -25.76
C PHE A 295 23.79 -36.76 -25.64
N GLU A 296 24.33 -37.53 -26.59
CA GLU A 296 25.76 -37.59 -26.83
C GLU A 296 26.07 -36.92 -28.15
N GLY A 297 26.98 -35.96 -28.13
CA GLY A 297 27.27 -35.18 -29.32
C GLY A 297 26.20 -34.11 -29.58
N ASP A 298 26.10 -33.66 -30.85
CA ASP A 298 25.17 -32.60 -31.22
C ASP A 298 23.73 -33.10 -31.05
N PHE A 299 22.80 -32.16 -30.82
CA PHE A 299 21.41 -32.51 -30.67
C PHE A 299 20.53 -31.36 -31.18
N GLU A 300 19.26 -31.68 -31.45
CA GLU A 300 18.26 -30.66 -31.68
C GLU A 300 16.88 -31.27 -31.47
N PHE A 301 15.96 -30.46 -30.94
CA PHE A 301 14.58 -30.89 -30.75
C PHE A 301 13.66 -29.67 -30.80
N ASP A 302 12.34 -29.91 -30.88
CA ASP A 302 11.39 -28.82 -31.08
C ASP A 302 10.35 -28.84 -29.97
N ILE A 303 9.78 -27.68 -29.71
CA ILE A 303 8.64 -27.53 -28.83
C ILE A 303 7.52 -26.89 -29.63
N LEU A 304 6.38 -27.55 -29.70
CA LEU A 304 5.27 -27.04 -30.51
C LEU A 304 4.05 -26.85 -29.63
N PHE A 305 3.57 -25.61 -29.59
CA PHE A 305 2.40 -25.26 -28.79
C PHE A 305 1.23 -25.01 -29.74
N SER A 306 0.20 -25.83 -29.63
CA SER A 306 -0.96 -25.73 -30.51
C SER A 306 -2.18 -25.27 -29.73
N SER A 307 -2.59 -24.03 -29.99
CA SER A 307 -3.87 -23.53 -29.50
C SER A 307 -4.96 -24.33 -30.20
N GLU A 308 -5.84 -24.97 -29.42
CA GLU A 308 -6.84 -25.84 -30.02
C GLU A 308 -7.80 -25.00 -30.87
N SER A 309 -8.16 -23.82 -30.37
CA SER A 309 -9.11 -22.94 -31.00
C SER A 309 -8.59 -22.40 -32.37
N ALA A 310 -7.35 -22.73 -32.72
CA ALA A 310 -6.82 -22.38 -34.04
C ALA A 310 -7.06 -23.55 -35.00
N GLY A 311 -6.40 -23.49 -36.17
CA GLY A 311 -6.57 -24.53 -37.20
C GLY A 311 -6.01 -25.89 -36.79
N LYS A 312 -5.30 -26.55 -37.73
CA LYS A 312 -4.59 -27.80 -37.44
C LYS A 312 -3.44 -27.49 -36.48
N GLU A 313 -2.98 -28.52 -35.77
CA GLU A 313 -1.91 -28.35 -34.83
C GLU A 313 -0.64 -27.91 -35.58
N VAL A 314 0.23 -27.19 -34.87
CA VAL A 314 1.53 -26.75 -35.40
C VAL A 314 2.43 -27.97 -35.62
N THR A 315 3.22 -27.91 -36.70
CA THR A 315 4.17 -28.97 -37.03
C THR A 315 5.59 -28.40 -37.05
N SER A 316 6.60 -29.29 -37.08
CA SER A 316 7.99 -28.93 -37.28
C SER A 316 8.18 -28.18 -38.59
N LYS A 317 7.43 -28.61 -39.63
CA LYS A 317 7.54 -28.01 -40.96
C LYS A 317 6.98 -26.58 -40.93
N ASP A 318 5.92 -26.37 -40.13
CA ASP A 318 5.39 -25.04 -39.87
C ASP A 318 6.50 -24.15 -39.27
N LEU A 319 7.25 -24.73 -38.31
CA LEU A 319 8.23 -24.01 -37.53
C LEU A 319 9.29 -23.45 -38.47
N GLU A 320 9.86 -24.31 -39.31
CA GLU A 320 10.96 -23.93 -40.18
C GLU A 320 10.52 -22.83 -41.13
N ARG A 321 9.32 -23.00 -41.72
CA ARG A 321 8.81 -22.06 -42.69
C ARG A 321 8.68 -20.69 -42.03
N GLU A 322 8.06 -20.66 -40.83
CA GLU A 322 7.75 -19.38 -40.19
C GLU A 322 9.05 -18.72 -39.73
N VAL A 323 10.03 -19.54 -39.30
CA VAL A 323 11.33 -19.03 -38.93
C VAL A 323 11.95 -18.28 -40.11
N LYS A 324 11.95 -18.94 -41.29
CA LYS A 324 12.51 -18.36 -42.52
C LYS A 324 11.81 -17.02 -42.81
N GLN A 325 10.49 -17.00 -42.63
CA GLN A 325 9.66 -15.86 -42.99
C GLN A 325 9.94 -14.69 -42.03
N ALA A 326 10.10 -15.00 -40.73
CA ALA A 326 10.33 -13.99 -39.69
C ALA A 326 11.65 -13.24 -39.95
N THR A 327 12.69 -13.99 -40.34
CA THR A 327 13.98 -13.40 -40.64
C THR A 327 13.89 -12.45 -41.84
N GLU A 328 13.17 -12.89 -42.89
CA GLU A 328 13.03 -12.08 -44.09
C GLU A 328 12.35 -10.76 -43.70
N VAL A 329 11.26 -10.84 -42.93
CA VAL A 329 10.49 -9.66 -42.51
C VAL A 329 11.33 -8.72 -41.64
N PHE A 330 12.12 -9.30 -40.70
CA PHE A 330 13.00 -8.53 -39.82
C PHE A 330 13.99 -7.69 -40.65
N GLY A 331 14.62 -8.35 -41.62
CA GLY A 331 15.64 -7.71 -42.45
C GLY A 331 15.10 -6.47 -43.16
N GLU A 332 13.86 -6.58 -43.67
CA GLU A 332 13.24 -5.52 -44.45
C GLU A 332 12.94 -4.33 -43.53
N ARG A 333 12.38 -4.62 -42.34
CA ARG A 333 11.97 -3.55 -41.43
C ARG A 333 13.21 -2.80 -40.94
N PHE A 334 14.28 -3.54 -40.66
CA PHE A 334 15.50 -2.95 -40.13
C PHE A 334 16.07 -1.92 -41.12
N ALA A 335 16.05 -2.24 -42.41
CA ALA A 335 16.62 -1.36 -43.44
C ALA A 335 15.76 -0.10 -43.63
N ARG A 336 14.44 -0.21 -43.39
CA ARG A 336 13.55 0.94 -43.47
C ARG A 336 13.75 1.82 -42.23
N VAL A 337 13.61 1.18 -41.06
CA VAL A 337 13.44 1.85 -39.79
C VAL A 337 14.79 2.37 -39.30
N PHE A 338 15.86 1.55 -39.52
CA PHE A 338 17.19 1.87 -39.04
C PHE A 338 18.16 1.94 -40.19
N ASP A 339 17.97 2.97 -41.04
CA ASP A 339 18.85 3.24 -42.16
C ASP A 339 20.13 3.90 -41.65
N LEU A 340 21.24 3.15 -41.66
CA LEU A 340 22.46 3.60 -41.00
C LEU A 340 23.23 4.52 -41.95
N LYS A 341 23.45 5.76 -41.49
CA LYS A 341 24.03 6.80 -42.31
C LYS A 341 25.55 6.85 -42.11
N ALA A 342 26.25 7.43 -43.08
CA ALA A 342 27.70 7.44 -43.10
C ALA A 342 28.26 8.05 -41.80
N PRO A 343 29.43 7.57 -41.32
CA PRO A 343 30.21 6.56 -42.04
C PRO A 343 29.93 5.13 -41.55
N PHE A 344 28.66 4.85 -41.20
CA PHE A 344 28.32 3.55 -40.61
C PHE A 344 27.41 2.74 -41.54
N GLN A 345 27.62 2.86 -42.87
CA GLN A 345 26.73 2.21 -43.83
C GLN A 345 27.18 0.77 -44.05
N GLY A 346 28.47 0.48 -43.71
CA GLY A 346 29.10 -0.82 -43.95
C GLY A 346 28.34 -1.99 -43.30
N ASP A 347 28.64 -3.22 -43.77
CA ASP A 347 27.99 -4.44 -43.31
C ASP A 347 28.40 -4.74 -41.86
N ASN A 348 29.61 -4.32 -41.49
CA ASN A 348 30.08 -4.52 -40.13
C ASN A 348 29.17 -3.76 -39.15
N TYR A 349 28.82 -2.51 -39.51
CA TYR A 349 28.03 -1.66 -38.63
C TYR A 349 26.58 -2.15 -38.61
N LYS A 350 26.13 -2.73 -39.73
CA LYS A 350 24.77 -3.22 -39.85
C LYS A 350 24.58 -4.39 -38.91
N LYS A 351 25.56 -5.28 -38.86
CA LYS A 351 25.52 -6.44 -37.99
C LYS A 351 25.47 -5.94 -36.53
N PHE A 352 26.31 -4.93 -36.25
CA PHE A 352 26.44 -4.34 -34.94
C PHE A 352 25.11 -3.75 -34.50
N GLY A 353 24.46 -3.03 -35.41
CA GLY A 353 23.14 -2.43 -35.19
C GLY A 353 22.05 -3.47 -34.93
N LYS A 354 21.99 -4.50 -35.79
CA LYS A 354 21.02 -5.59 -35.63
C LYS A 354 21.16 -6.22 -34.25
N SER A 355 22.40 -6.47 -33.81
CA SER A 355 22.64 -7.15 -32.54
C SER A 355 22.20 -6.26 -31.37
N MET A 356 22.63 -4.98 -31.38
CA MET A 356 22.28 -4.05 -30.32
C MET A 356 20.77 -3.90 -30.22
N PHE A 357 20.10 -3.79 -31.39
CA PHE A 357 18.67 -3.58 -31.37
C PHE A 357 17.94 -4.84 -30.90
N SER A 358 18.34 -6.00 -31.44
CA SER A 358 17.62 -7.23 -31.17
C SER A 358 17.70 -7.59 -29.68
N ASN A 359 18.84 -7.28 -29.03
CA ASN A 359 19.02 -7.55 -27.59
C ASN A 359 18.15 -6.61 -26.75
N LEU A 360 17.96 -5.36 -27.22
CA LEU A 360 17.15 -4.43 -26.48
C LEU A 360 15.70 -4.88 -26.56
N ILE A 361 15.22 -5.20 -27.76
CA ILE A 361 13.83 -5.53 -27.91
C ILE A 361 13.60 -6.95 -27.40
N GLY A 362 14.62 -7.80 -27.55
CA GLY A 362 14.56 -9.15 -27.01
C GLY A 362 14.53 -9.22 -25.46
N GLY A 363 14.89 -8.11 -24.78
CA GLY A 363 14.90 -8.11 -23.32
C GLY A 363 13.50 -7.92 -22.68
N ILE A 364 12.46 -7.70 -23.52
CA ILE A 364 11.11 -7.41 -23.04
C ILE A 364 10.59 -8.57 -22.23
N GLY A 365 10.15 -8.29 -21.02
CA GLY A 365 9.63 -9.31 -20.13
C GLY A 365 8.24 -8.97 -19.63
N TYR A 366 7.48 -10.01 -19.22
CA TYR A 366 6.24 -9.83 -18.50
C TYR A 366 6.46 -10.27 -17.06
N PHE A 367 6.17 -9.35 -16.13
CA PHE A 367 6.38 -9.60 -14.71
C PHE A 367 5.07 -9.45 -13.98
N TYR A 368 4.93 -10.18 -12.87
CA TYR A 368 3.67 -10.27 -12.17
C TYR A 368 3.92 -10.74 -10.74
N GLY A 369 3.23 -10.11 -9.78
CA GLY A 369 3.34 -10.48 -8.39
C GLY A 369 3.33 -9.27 -7.46
N HIS A 370 3.63 -9.52 -6.20
CA HIS A 370 3.61 -8.48 -5.20
C HIS A 370 4.96 -7.78 -5.14
N SER A 371 4.94 -6.57 -4.57
CA SER A 371 6.06 -5.68 -4.40
C SER A 371 6.20 -5.33 -2.94
N LEU A 372 7.43 -5.06 -2.50
CA LEU A 372 7.71 -4.63 -1.14
C LEU A 372 7.74 -3.08 -1.10
N VAL A 373 6.75 -2.49 -0.43
CA VAL A 373 6.64 -1.03 -0.36
C VAL A 373 6.50 -0.61 1.10
N ASP A 374 7.28 0.39 1.51
CA ASP A 374 7.13 1.02 2.84
C ASP A 374 6.03 2.08 2.75
N ARG A 375 4.86 1.81 3.35
CA ARG A 375 3.69 2.68 3.24
C ARG A 375 3.45 3.46 4.56
N SER A 376 4.46 3.48 5.44
CA SER A 376 4.41 4.26 6.67
C SER A 376 4.29 5.77 6.41
N TYR A 377 4.86 6.26 5.31
CA TYR A 377 5.02 7.68 5.11
C TYR A 377 5.54 8.33 6.42
N ALA A 378 6.52 7.68 7.03
CA ALA A 378 7.13 8.19 8.24
C ALA A 378 7.52 9.67 8.01
N PRO A 379 7.39 10.54 9.04
CA PRO A 379 7.68 11.98 8.84
C PRO A 379 9.16 12.26 8.56
N GLU A 380 10.07 11.37 9.02
CA GLU A 380 11.51 11.54 8.75
C GLU A 380 11.78 11.58 7.23
N TYR A 381 10.92 10.93 6.43
CA TYR A 381 11.06 10.89 4.97
C TYR A 381 10.82 12.26 4.32
N ASP A 382 10.30 13.22 5.09
CA ASP A 382 10.08 14.57 4.59
C ASP A 382 11.41 15.26 4.36
N GLU A 383 12.45 14.88 5.15
CA GLU A 383 13.80 15.39 4.99
C GLU A 383 13.81 16.93 5.07
N GLU A 384 13.31 17.48 6.18
CA GLU A 384 13.10 18.93 6.27
C GLU A 384 14.12 19.56 7.21
N ASN A 385 14.93 18.71 7.86
CA ASN A 385 15.87 19.16 8.87
C ASN A 385 17.31 18.83 8.44
N GLU A 386 18.26 19.55 9.02
CA GLU A 386 19.68 19.24 8.85
C GLU A 386 19.97 17.88 9.45
N GLY A 387 20.71 17.04 8.72
CA GLY A 387 21.08 15.72 9.19
C GLY A 387 20.00 14.67 8.86
N PHE A 388 19.12 15.02 7.94
CA PHE A 388 17.90 14.29 7.69
C PHE A 388 18.20 12.86 7.27
N TRP A 389 19.39 12.63 6.70
CA TRP A 389 19.72 11.31 6.20
C TRP A 389 19.78 10.29 7.34
N GLU A 390 20.13 10.78 8.56
CA GLU A 390 20.23 9.92 9.75
C GLU A 390 18.83 9.59 10.29
N ASP A 391 17.92 10.56 10.20
CA ASP A 391 16.52 10.36 10.62
C ASP A 391 15.82 9.40 9.64
N ALA A 392 16.10 9.54 8.36
CA ALA A 392 15.47 8.69 7.36
C ALA A 392 15.90 7.23 7.55
N ALA A 393 17.20 7.00 7.86
CA ALA A 393 17.72 5.64 8.05
C ALA A 393 17.08 5.00 9.29
N GLU A 394 16.91 5.79 10.35
CA GLU A 394 16.19 5.32 11.53
C GLU A 394 14.80 4.83 11.14
N ALA A 395 14.09 5.61 10.29
CA ALA A 395 12.73 5.25 9.92
C ALA A 395 12.72 3.96 9.09
N ARG A 396 13.73 3.82 8.19
CA ARG A 396 13.85 2.63 7.35
C ARG A 396 14.11 1.40 8.23
N ALA A 397 14.84 1.60 9.33
CA ALA A 397 15.19 0.49 10.22
C ALA A 397 13.97 0.03 11.02
N ARG A 398 12.87 0.79 10.98
CA ARG A 398 11.62 0.33 11.61
C ARG A 398 11.04 -0.85 10.82
N HIS A 399 11.43 -0.96 9.54
CA HIS A 399 10.99 -2.04 8.65
C HIS A 399 9.47 -2.21 8.68
N GLN A 400 8.74 -1.19 8.30
CA GLN A 400 7.29 -1.26 8.27
C GLN A 400 6.80 -1.76 6.91
N GLU A 401 7.70 -1.98 5.96
CA GLU A 401 7.30 -2.33 4.60
C GLU A 401 6.54 -3.67 4.62
N ALA A 402 5.60 -3.81 3.69
CA ALA A 402 4.84 -5.05 3.53
C ALA A 402 4.66 -5.33 2.06
N LEU A 403 4.33 -6.57 1.71
CA LEU A 403 4.02 -6.89 0.33
C LEU A 403 2.66 -6.30 -0.05
N GLU A 404 2.54 -5.91 -1.30
CA GLU A 404 1.30 -5.39 -1.81
C GLU A 404 1.18 -5.70 -3.29
N GLY A 405 -0.06 -5.64 -3.80
CA GLY A 405 -0.36 -5.99 -5.18
C GLY A 405 -1.51 -6.99 -5.24
N PRO A 406 -1.53 -7.93 -6.22
CA PRO A 406 -0.41 -8.13 -7.13
C PRO A 406 -0.44 -7.09 -8.24
N TYR A 407 0.76 -6.81 -8.79
CA TYR A 407 0.95 -5.95 -9.95
C TYR A 407 1.46 -6.78 -11.14
N GLU A 408 1.30 -6.25 -12.33
CA GLU A 408 1.93 -6.80 -13.52
C GLU A 408 2.65 -5.68 -14.29
N LEU A 409 3.68 -6.05 -15.06
CA LEU A 409 4.41 -5.07 -15.85
C LEU A 409 4.95 -5.73 -17.11
N PHE A 410 4.79 -5.04 -18.24
CA PHE A 410 5.33 -5.45 -19.52
C PHE A 410 6.37 -4.42 -19.94
N THR A 411 7.65 -4.80 -19.93
CA THR A 411 8.71 -3.81 -20.02
C THR A 411 10.00 -4.44 -20.56
N SER A 412 10.84 -3.62 -21.21
CA SER A 412 12.21 -4.00 -21.43
C SER A 412 13.02 -3.75 -20.15
N ILE A 413 14.30 -4.14 -20.16
CA ILE A 413 15.09 -4.25 -18.93
C ILE A 413 16.53 -3.83 -19.26
N PRO A 414 17.29 -3.24 -18.28
CA PRO A 414 18.70 -2.90 -18.52
C PRO A 414 19.62 -4.06 -18.93
N SER A 415 19.47 -5.22 -18.28
CA SER A 415 20.45 -6.28 -18.37
C SER A 415 19.88 -7.63 -17.88
N ARG A 416 19.82 -8.58 -18.80
CA ARG A 416 19.32 -9.91 -18.48
C ARG A 416 20.04 -10.49 -17.27
N PRO A 417 21.39 -10.52 -17.22
CA PRO A 417 22.06 -11.15 -16.10
C PRO A 417 22.02 -10.34 -14.79
N PHE A 418 22.05 -9.01 -14.88
CA PHE A 418 22.29 -8.24 -13.65
C PHE A 418 21.06 -7.41 -13.23
N PHE A 419 20.26 -6.92 -14.18
CA PHE A 419 19.14 -6.06 -13.82
C PHE A 419 17.84 -6.51 -14.53
N PRO A 420 17.35 -7.74 -14.33
CA PRO A 420 16.27 -8.23 -15.18
C PRO A 420 14.89 -7.81 -14.67
N ARG A 421 14.63 -6.50 -14.67
CA ARG A 421 13.34 -5.96 -14.19
C ARG A 421 13.22 -4.50 -14.65
N GLY A 422 12.04 -3.92 -14.42
CA GLY A 422 11.72 -2.57 -14.88
C GLY A 422 12.46 -1.51 -14.07
N PHE A 423 13.08 -0.56 -14.76
CA PHE A 423 13.62 0.64 -14.13
C PHE A 423 13.01 1.88 -14.80
N LEU A 424 12.52 2.81 -13.99
CA LEU A 424 11.62 3.82 -14.50
C LEU A 424 12.33 4.72 -15.52
N TRP A 425 13.42 5.41 -15.14
CA TRP A 425 14.05 6.33 -16.10
C TRP A 425 14.79 5.59 -17.23
N ASP A 426 15.17 4.33 -17.00
CA ASP A 426 15.81 3.54 -18.04
C ASP A 426 14.84 3.34 -19.21
N GLU A 427 13.57 3.07 -18.87
CA GLU A 427 12.60 2.64 -19.86
C GLU A 427 12.36 3.74 -20.89
N GLY A 428 12.46 5.01 -20.45
CA GLY A 428 12.38 6.14 -21.34
C GLY A 428 13.40 6.05 -22.46
N PHE A 429 14.61 5.59 -22.13
CA PHE A 429 15.65 5.47 -23.12
C PHE A 429 15.46 4.20 -23.95
N HIS A 430 14.97 3.12 -23.32
CA HIS A 430 14.82 1.85 -24.03
C HIS A 430 13.83 2.01 -25.16
N LEU A 431 12.83 2.89 -24.95
CA LEU A 431 11.67 2.87 -25.83
C LEU A 431 11.90 3.78 -27.04
N LEU A 432 12.96 4.59 -27.00
CA LEU A 432 13.22 5.49 -28.15
C LEU A 432 13.49 4.67 -29.41
N PRO A 433 14.42 3.70 -29.39
CA PRO A 433 14.63 2.81 -30.54
C PRO A 433 13.44 1.89 -30.79
N ILE A 434 12.78 1.44 -29.72
CA ILE A 434 11.70 0.49 -29.89
C ILE A 434 10.51 1.17 -30.58
N ALA A 435 10.28 2.45 -30.25
CA ALA A 435 9.15 3.20 -30.80
C ALA A 435 9.32 3.39 -32.31
N ASP A 436 10.57 3.54 -32.77
CA ASP A 436 10.85 3.58 -34.20
C ASP A 436 10.42 2.28 -34.84
N TRP A 437 10.69 1.16 -34.14
CA TRP A 437 10.42 -0.16 -34.69
C TRP A 437 8.91 -0.43 -34.74
N ASP A 438 8.21 0.01 -33.67
CA ASP A 438 6.85 -0.43 -33.38
C ASP A 438 6.27 0.49 -32.32
N ILE A 439 5.72 1.61 -32.76
CA ILE A 439 5.15 2.60 -31.84
C ILE A 439 4.04 1.95 -30.99
N ASP A 440 3.29 1.01 -31.57
CA ASP A 440 2.17 0.42 -30.84
C ASP A 440 2.69 -0.44 -29.68
N LEU A 441 3.83 -1.11 -29.89
CA LEU A 441 4.49 -1.81 -28.82
C LEU A 441 4.89 -0.83 -27.72
N ALA A 442 5.59 0.24 -28.10
CA ALA A 442 6.15 1.17 -27.11
C ALA A 442 5.01 1.80 -26.29
N LEU A 443 3.91 2.13 -26.98
CA LEU A 443 2.78 2.77 -26.32
C LEU A 443 2.17 1.82 -25.30
N GLU A 444 2.06 0.54 -25.70
CA GLU A 444 1.62 -0.54 -24.83
C GLU A 444 2.49 -0.59 -23.56
N ILE A 445 3.81 -0.41 -23.72
CA ILE A 445 4.70 -0.56 -22.57
C ILE A 445 4.52 0.67 -21.67
N ILE A 446 4.41 1.85 -22.29
CA ILE A 446 4.20 3.07 -21.53
C ILE A 446 2.93 2.89 -20.71
N LYS A 447 1.92 2.27 -21.34
CA LYS A 447 0.63 2.07 -20.68
C LYS A 447 0.81 1.13 -19.49
N SER A 448 1.52 0.01 -19.71
CA SER A 448 1.85 -0.92 -18.64
C SER A 448 2.43 -0.17 -17.43
N TRP A 449 3.38 0.76 -17.68
CA TRP A 449 4.07 1.47 -16.62
C TRP A 449 3.10 2.41 -15.89
N TYR A 450 2.28 3.16 -16.64
CA TYR A 450 1.40 4.14 -16.00
C TYR A 450 0.27 3.47 -15.21
N ASN A 451 -0.11 2.22 -15.60
CA ASN A 451 -1.09 1.40 -14.88
C ASN A 451 -0.58 1.03 -13.48
N LEU A 452 0.69 1.30 -13.20
CA LEU A 452 1.22 1.00 -11.87
C LEU A 452 0.99 2.18 -10.94
N MET A 453 0.65 3.35 -11.49
CA MET A 453 0.72 4.57 -10.70
C MET A 453 -0.37 4.55 -9.63
N ASP A 454 0.02 4.90 -8.39
CA ASP A 454 -0.89 4.90 -7.26
C ASP A 454 -1.69 6.21 -7.25
N GLU A 455 -2.57 6.37 -6.25
CA GLU A 455 -3.56 7.45 -6.24
C GLU A 455 -2.86 8.82 -6.07
N ASP A 456 -1.66 8.80 -5.47
CA ASP A 456 -0.86 10.01 -5.24
C ASP A 456 -0.13 10.46 -6.51
N GLY A 457 0.11 9.53 -7.47
CA GLY A 457 0.90 9.84 -8.66
C GLY A 457 2.32 9.22 -8.64
N TRP A 458 2.57 8.33 -7.68
CA TRP A 458 3.87 7.69 -7.52
C TRP A 458 3.94 6.41 -8.35
N ILE A 459 5.06 6.24 -9.06
CA ILE A 459 5.47 4.97 -9.63
C ILE A 459 6.84 4.65 -9.06
N ALA A 460 6.99 3.44 -8.55
CA ALA A 460 8.21 3.01 -7.93
C ALA A 460 9.29 2.87 -9.00
N ARG A 461 10.49 3.35 -8.67
CA ARG A 461 11.53 3.55 -9.67
C ARG A 461 12.14 2.21 -10.09
N GLU A 462 11.96 1.17 -9.26
CA GLU A 462 12.44 -0.18 -9.52
C GLU A 462 11.29 -1.17 -9.27
N GLN A 463 10.95 -1.96 -10.29
CA GLN A 463 9.76 -2.77 -10.24
C GLN A 463 10.16 -4.25 -10.08
N ILE A 464 10.10 -4.73 -8.84
CA ILE A 464 10.40 -6.09 -8.47
C ILE A 464 9.09 -6.82 -8.16
N LEU A 465 8.52 -7.53 -9.16
CA LEU A 465 7.20 -8.13 -9.04
C LEU A 465 7.33 -9.65 -8.88
N GLY A 466 6.84 -10.18 -7.75
CA GLY A 466 6.77 -11.61 -7.52
C GLY A 466 8.02 -12.19 -6.84
N ALA A 467 7.87 -13.36 -6.21
CA ALA A 467 8.96 -14.05 -5.51
C ALA A 467 10.14 -14.33 -6.46
N GLU A 468 9.84 -14.66 -7.73
CA GLU A 468 10.87 -14.94 -8.71
C GLU A 468 11.79 -13.71 -8.89
N ALA A 469 11.20 -12.54 -9.12
CA ALA A 469 11.98 -11.32 -9.28
C ALA A 469 12.75 -10.99 -7.98
N ARG A 470 12.15 -11.29 -6.83
CA ARG A 470 12.75 -11.00 -5.53
C ARG A 470 13.99 -11.85 -5.30
N SER A 471 14.03 -13.05 -5.91
CA SER A 471 15.12 -14.01 -5.66
C SER A 471 16.47 -13.42 -6.07
N LYS A 472 16.44 -12.44 -7.00
CA LYS A 472 17.63 -11.86 -7.62
C LYS A 472 18.07 -10.56 -6.88
N VAL A 473 17.40 -10.22 -5.76
CA VAL A 473 17.59 -8.91 -5.12
C VAL A 473 17.69 -9.07 -3.61
N PRO A 474 18.81 -8.63 -2.99
CA PRO A 474 18.92 -8.60 -1.53
C PRO A 474 17.73 -7.87 -0.89
N LYS A 475 17.24 -8.40 0.23
CA LYS A 475 15.99 -7.96 0.83
C LYS A 475 16.08 -6.47 1.20
N GLU A 476 17.28 -6.05 1.70
CA GLU A 476 17.54 -4.67 2.09
C GLU A 476 17.24 -3.73 0.92
N PHE A 477 17.38 -4.24 -0.32
CA PHE A 477 17.30 -3.39 -1.50
C PHE A 477 15.98 -3.62 -2.26
N GLN A 478 15.07 -4.41 -1.68
CA GLN A 478 13.80 -4.69 -2.36
C GLN A 478 12.79 -3.56 -2.12
N THR A 479 12.87 -2.89 -0.97
CA THR A 479 11.82 -2.00 -0.52
C THR A 479 11.81 -0.74 -1.37
N GLN A 480 10.62 -0.40 -1.88
CA GLN A 480 10.40 0.82 -2.61
C GLN A 480 9.80 1.89 -1.69
N TYR A 481 10.17 3.14 -1.93
CA TYR A 481 9.79 4.23 -1.05
C TYR A 481 8.94 5.22 -1.83
N PRO A 482 7.70 5.50 -1.38
CA PRO A 482 6.80 6.40 -2.13
C PRO A 482 7.26 7.85 -2.28
N HIS A 483 8.30 8.24 -1.55
CA HIS A 483 8.79 9.61 -1.69
C HIS A 483 9.97 9.69 -2.71
N TYR A 484 10.41 8.51 -3.22
CA TYR A 484 11.57 8.45 -4.12
C TYR A 484 11.11 8.57 -5.57
N ALA A 485 11.62 9.59 -6.26
CA ALA A 485 11.30 9.81 -7.65
C ALA A 485 12.35 9.14 -8.53
N ASN A 486 12.25 9.39 -9.84
CA ASN A 486 13.23 9.00 -10.85
C ASN A 486 12.99 9.92 -12.05
N PRO A 487 13.99 10.21 -12.91
CA PRO A 487 13.74 11.04 -14.08
C PRO A 487 12.53 10.55 -14.89
N PRO A 488 11.62 11.46 -15.30
CA PRO A 488 10.45 11.07 -16.07
C PRO A 488 10.74 11.06 -17.56
N THR A 489 11.63 10.12 -17.98
CA THR A 489 12.16 10.03 -19.34
C THR A 489 11.13 9.44 -20.31
N LEU A 490 10.09 8.80 -19.77
CA LEU A 490 9.06 8.24 -20.63
C LEU A 490 8.32 9.38 -21.37
N PHE A 491 8.39 10.61 -20.83
CA PHE A 491 7.86 11.80 -21.51
C PHE A 491 8.54 12.01 -22.87
N LEU A 492 9.84 11.67 -22.96
CA LEU A 492 10.59 11.86 -24.20
C LEU A 492 9.99 11.00 -25.30
N VAL A 493 9.58 9.77 -24.94
CA VAL A 493 9.02 8.86 -25.92
C VAL A 493 7.68 9.43 -26.38
N LEU A 494 6.91 9.98 -25.42
CA LEU A 494 5.63 10.57 -25.75
C LEU A 494 5.84 11.75 -26.69
N ASP A 495 6.92 12.53 -26.50
CA ASP A 495 7.20 13.67 -27.38
C ASP A 495 7.39 13.18 -28.82
N ASN A 496 8.13 12.07 -28.98
CA ASN A 496 8.37 11.49 -30.30
C ASN A 496 7.04 11.05 -30.92
N PHE A 497 6.13 10.57 -30.06
CA PHE A 497 4.87 10.02 -30.52
C PHE A 497 3.96 11.13 -31.03
N VAL A 498 3.95 12.26 -30.31
CA VAL A 498 3.12 13.39 -30.65
C VAL A 498 3.58 13.98 -31.99
N GLU A 499 4.90 14.18 -32.14
CA GLU A 499 5.45 14.73 -33.37
C GLU A 499 5.06 13.85 -34.57
N ARG A 500 5.15 12.53 -34.39
CA ARG A 500 4.77 11.60 -35.45
C ARG A 500 3.27 11.73 -35.74
N LEU A 501 2.47 11.92 -34.68
CA LEU A 501 1.02 11.95 -34.79
C LEU A 501 0.61 13.19 -35.58
N ARG A 502 1.25 14.33 -35.27
CA ARG A 502 1.08 15.57 -36.02
C ARG A 502 1.48 15.36 -37.50
N LYS A 503 2.73 14.94 -37.74
CA LYS A 503 3.25 14.71 -39.09
C LYS A 503 2.80 13.32 -39.58
N LEU A 517 0.14 -7.70 -41.71
CA LEU A 517 -0.93 -7.40 -40.71
C LEU A 517 -0.31 -6.94 -39.39
N ASP A 518 0.82 -7.57 -39.02
CA ASP A 518 1.63 -7.09 -37.90
C ASP A 518 2.17 -5.71 -38.23
N GLU A 519 2.63 -5.53 -39.48
CA GLU A 519 3.12 -4.24 -39.99
C GLU A 519 2.07 -3.16 -39.75
N THR A 520 0.81 -3.49 -40.07
CA THR A 520 -0.33 -2.59 -39.92
C THR A 520 -0.51 -2.25 -38.44
N LEU A 521 -0.52 -3.30 -37.58
CA LEU A 521 -0.70 -3.14 -36.15
C LEU A 521 0.39 -2.26 -35.54
N SER A 522 1.62 -2.43 -36.03
CA SER A 522 2.77 -1.80 -35.41
C SER A 522 2.69 -0.26 -35.47
N THR A 523 1.93 0.30 -36.44
CA THR A 523 1.84 1.76 -36.57
C THR A 523 0.37 2.23 -36.54
N ALA A 524 -0.52 1.34 -36.08
CA ALA A 524 -1.95 1.65 -36.04
C ALA A 524 -2.22 2.97 -35.28
N SER A 525 -1.44 3.24 -34.22
CA SER A 525 -1.74 4.33 -33.30
C SER A 525 -1.34 5.68 -33.89
N VAL A 526 -0.53 5.66 -34.95
CA VAL A 526 -0.16 6.90 -35.63
C VAL A 526 -0.93 7.02 -36.95
N ASP A 527 -1.29 5.87 -37.55
CA ASP A 527 -1.94 5.84 -38.85
C ASP A 527 -3.40 6.27 -38.70
N ASN A 528 -4.00 5.88 -37.59
CA ASN A 528 -5.38 6.23 -37.30
C ASN A 528 -5.39 7.30 -36.20
N PRO A 529 -5.55 8.60 -36.56
CA PRO A 529 -5.23 9.69 -35.64
C PRO A 529 -6.20 9.70 -34.46
N GLU A 530 -7.43 9.25 -34.71
CA GLU A 530 -8.46 9.13 -33.66
C GLU A 530 -8.01 8.12 -32.61
N VAL A 531 -7.34 7.05 -33.06
CA VAL A 531 -6.86 6.00 -32.18
C VAL A 531 -5.78 6.56 -31.25
N GLY A 532 -4.79 7.25 -31.83
CA GLY A 532 -3.72 7.88 -31.07
C GLY A 532 -4.23 8.85 -30.01
N LEU A 533 -5.25 9.65 -30.39
CA LEU A 533 -5.74 10.71 -29.51
C LEU A 533 -6.50 10.08 -28.35
N GLU A 534 -7.26 9.04 -28.67
CA GLU A 534 -7.96 8.27 -27.66
C GLU A 534 -6.96 7.73 -26.63
N TYR A 535 -5.79 7.26 -27.11
CA TYR A 535 -4.74 6.74 -26.24
C TYR A 535 -4.28 7.85 -25.29
N LEU A 536 -4.01 9.02 -25.87
CA LEU A 536 -3.54 10.16 -25.10
C LEU A 536 -4.61 10.62 -24.11
N ARG A 537 -5.89 10.58 -24.55
CA ARG A 537 -7.02 11.02 -23.72
C ARG A 537 -7.02 10.27 -22.39
N ARG A 538 -6.78 8.95 -22.45
CA ARG A 538 -6.81 8.07 -21.29
C ARG A 538 -5.57 8.30 -20.43
N LEU A 539 -4.42 8.57 -21.08
CA LEU A 539 -3.14 8.60 -20.39
C LEU A 539 -2.90 9.97 -19.76
N TYR A 540 -3.44 11.02 -20.41
CA TYR A 540 -3.17 12.41 -20.08
C TYR A 540 -3.39 12.69 -18.57
N PRO A 541 -4.52 12.27 -17.95
CA PRO A 541 -4.74 12.48 -16.52
C PRO A 541 -3.69 11.85 -15.59
N LEU A 542 -3.11 10.72 -16.03
CA LEU A 542 -2.07 10.07 -15.27
C LEU A 542 -0.80 10.91 -15.38
N LEU A 543 -0.53 11.43 -16.58
CA LEU A 543 0.65 12.28 -16.77
C LEU A 543 0.54 13.52 -15.88
N ARG A 544 -0.66 14.12 -15.81
CA ARG A 544 -0.88 15.32 -14.99
C ARG A 544 -0.70 14.97 -13.51
N ARG A 545 -1.20 13.79 -13.12
CA ARG A 545 -1.08 13.35 -11.74
C ARG A 545 0.39 13.26 -11.35
N GLN A 546 1.21 12.62 -12.22
CA GLN A 546 2.65 12.47 -11.95
C GLN A 546 3.31 13.84 -11.82
N PHE A 547 2.96 14.77 -12.73
CA PHE A 547 3.46 16.14 -12.68
C PHE A 547 3.16 16.78 -11.33
N ASP A 548 1.90 16.67 -10.87
CA ASP A 548 1.50 17.23 -9.59
C ASP A 548 2.28 16.58 -8.45
N TRP A 549 2.49 15.24 -8.56
CA TRP A 549 3.21 14.48 -7.55
C TRP A 549 4.64 15.03 -7.40
N PHE A 550 5.27 15.36 -8.55
CA PHE A 550 6.63 15.91 -8.56
C PHE A 550 6.68 17.20 -7.76
N ARG A 551 5.67 18.07 -7.96
CA ARG A 551 5.66 19.40 -7.35
C ARG A 551 5.28 19.32 -5.88
N LYS A 552 4.47 18.32 -5.51
CA LYS A 552 4.12 18.14 -4.10
C LYS A 552 5.28 17.47 -3.33
N THR A 553 5.93 16.44 -3.92
CA THR A 553 6.84 15.58 -3.16
C THR A 553 8.31 15.99 -3.30
N GLN A 554 8.67 16.56 -4.47
CA GLN A 554 10.07 16.91 -4.74
C GLN A 554 10.27 18.44 -4.77
N ALA A 555 9.42 19.19 -4.05
CA ALA A 555 9.49 20.65 -4.08
C ALA A 555 10.73 21.15 -3.34
N GLY A 556 11.37 22.19 -3.88
CA GLY A 556 12.47 22.84 -3.16
C GLY A 556 11.96 24.03 -2.36
N ASP A 557 12.87 24.61 -1.55
CA ASP A 557 12.50 25.69 -0.65
C ASP A 557 13.12 27.02 -1.11
N ILE A 558 12.30 27.87 -1.71
CA ILE A 558 12.70 29.24 -2.03
C ILE A 558 12.40 30.15 -0.82
N LYS A 559 11.16 30.09 -0.31
CA LYS A 559 10.56 31.20 0.46
C LYS A 559 11.24 31.37 1.83
N SER A 560 11.79 30.28 2.38
CA SER A 560 12.20 30.28 3.78
C SER A 560 13.66 30.74 3.93
N TYR A 561 14.28 31.13 2.80
CA TYR A 561 15.66 31.63 2.78
C TYR A 561 15.70 33.00 2.09
N ASP A 562 16.90 33.64 2.12
CA ASP A 562 17.15 34.87 1.37
C ASP A 562 17.42 34.51 -0.10
N ARG A 563 16.33 34.20 -0.82
CA ARG A 563 16.42 33.77 -2.21
C ARG A 563 15.57 34.70 -3.06
N GLU A 564 16.24 35.53 -3.88
CA GLU A 564 15.55 36.32 -4.90
C GLU A 564 15.43 35.49 -6.17
N ALA A 565 14.22 35.41 -6.72
CA ALA A 565 14.03 34.76 -8.00
C ALA A 565 12.71 35.20 -8.62
N TYR A 566 12.61 35.03 -9.93
CA TYR A 566 11.45 35.43 -10.70
C TYR A 566 10.19 34.74 -10.18
N SER A 567 10.29 33.46 -9.82
CA SER A 567 9.14 32.73 -9.29
C SER A 567 9.42 32.27 -7.88
N THR A 568 8.38 32.20 -7.06
CA THR A 568 8.53 31.72 -5.69
C THR A 568 8.15 30.24 -5.62
N LYS A 569 7.61 29.70 -6.74
CA LYS A 569 7.11 28.32 -6.77
C LYS A 569 8.20 27.36 -7.32
N GLU A 570 8.86 27.74 -8.43
CA GLU A 570 9.72 26.83 -9.21
C GLU A 570 11.08 26.63 -8.54
N ALA A 571 11.22 25.50 -7.83
CA ALA A 571 12.49 25.03 -7.29
C ALA A 571 12.29 23.61 -6.78
N TYR A 572 13.31 22.75 -6.95
CA TYR A 572 13.13 21.31 -6.84
C TYR A 572 14.31 20.65 -6.15
N ARG A 573 14.04 19.59 -5.39
CA ARG A 573 15.09 18.90 -4.67
C ARG A 573 14.76 17.42 -4.62
N TRP A 574 15.60 16.59 -5.26
CA TRP A 574 15.47 15.13 -5.16
C TRP A 574 15.44 14.71 -3.67
N ARG A 575 14.40 13.95 -3.29
CA ARG A 575 14.40 13.27 -2.00
C ARG A 575 15.29 12.03 -2.09
N GLY A 576 15.84 11.60 -0.94
CA GLY A 576 16.42 10.27 -0.80
C GLY A 576 17.95 10.31 -0.92
N ARG A 577 18.51 11.48 -0.68
CA ARG A 577 19.93 11.60 -0.89
C ARG A 577 20.68 11.32 0.41
N THR A 578 21.77 10.55 0.30
CA THR A 578 22.68 10.35 1.40
C THR A 578 23.90 11.24 1.17
N VAL A 579 24.88 11.14 2.08
CA VAL A 579 26.08 11.94 2.02
C VAL A 579 26.79 11.70 0.66
N SER A 580 26.76 10.46 0.16
CA SER A 580 27.59 10.12 -0.98
C SER A 580 26.75 9.78 -2.21
N HIS A 581 25.44 9.76 -2.06
CA HIS A 581 24.63 9.23 -3.13
C HIS A 581 23.40 10.09 -3.34
N CYS A 582 22.91 10.07 -4.58
CA CYS A 582 21.56 10.49 -4.90
C CYS A 582 20.97 9.54 -5.94
N LEU A 583 20.56 8.34 -5.47
CA LEU A 583 20.16 7.27 -6.38
C LEU A 583 18.92 7.65 -7.18
N THR A 584 18.03 8.48 -6.59
CA THR A 584 16.74 8.77 -7.22
C THR A 584 16.95 9.60 -8.49
N SER A 585 18.05 10.35 -8.54
CA SER A 585 18.35 11.19 -9.70
C SER A 585 18.79 10.33 -10.88
N GLY A 586 19.24 9.10 -10.58
CA GLY A 586 19.71 8.20 -11.62
C GLY A 586 21.21 8.30 -11.81
N LEU A 587 21.78 9.41 -11.36
CA LEU A 587 23.23 9.61 -11.46
C LEU A 587 23.86 9.35 -10.09
N ASP A 588 23.98 8.07 -9.78
CA ASP A 588 24.08 7.54 -8.43
C ASP A 588 24.99 8.41 -7.56
N ASP A 589 26.27 8.59 -7.96
CA ASP A 589 27.27 9.16 -7.07
C ASP A 589 27.81 10.49 -7.64
N TYR A 590 27.08 11.10 -8.56
CA TYR A 590 27.52 12.37 -9.07
C TYR A 590 27.63 13.35 -7.90
N PRO A 591 28.75 14.11 -7.78
CA PRO A 591 28.98 14.96 -6.60
C PRO A 591 27.90 16.03 -6.50
N ARG A 592 27.27 16.11 -5.33
CA ARG A 592 26.25 17.09 -5.00
C ARG A 592 26.73 17.90 -3.78
N PRO A 593 25.98 18.95 -3.38
CA PRO A 593 26.45 19.82 -2.28
C PRO A 593 26.69 19.04 -0.99
N GLN A 594 27.73 19.42 -0.27
CA GLN A 594 28.11 18.73 0.96
C GLN A 594 28.12 19.76 2.07
N PRO A 595 27.41 19.52 3.19
CA PRO A 595 26.69 18.26 3.39
C PRO A 595 25.32 18.36 2.72
N PRO A 596 24.56 17.24 2.58
CA PRO A 596 23.20 17.33 2.06
C PRO A 596 22.43 18.23 3.02
N HIS A 597 21.47 19.00 2.49
CA HIS A 597 20.86 20.09 3.24
C HIS A 597 19.45 20.29 2.69
N PRO A 598 18.44 20.58 3.57
CA PRO A 598 17.04 20.73 3.13
C PRO A 598 16.82 21.89 2.15
N GLY A 599 17.77 22.82 2.11
CA GLY A 599 17.65 23.95 1.21
C GLY A 599 18.42 23.74 -0.10
N GLU A 600 18.89 22.49 -0.35
CA GLU A 600 19.50 22.15 -1.63
C GLU A 600 18.49 22.41 -2.74
N LEU A 601 18.99 22.78 -3.94
CA LEU A 601 18.17 22.75 -5.16
C LEU A 601 18.96 22.07 -6.28
N HIS A 602 18.27 21.19 -7.01
CA HIS A 602 18.91 20.36 -8.01
C HIS A 602 18.50 20.81 -9.41
N VAL A 603 19.48 21.21 -10.22
CA VAL A 603 19.22 21.80 -11.52
C VAL A 603 18.69 20.72 -12.49
N ASP A 604 19.14 19.46 -12.32
CA ASP A 604 18.69 18.39 -13.22
C ASP A 604 17.21 18.12 -13.00
N LEU A 605 16.80 18.02 -11.73
CA LEU A 605 15.39 17.77 -11.42
C LEU A 605 14.51 18.88 -12.01
N MET A 606 14.89 20.16 -11.81
CA MET A 606 14.10 21.26 -12.38
C MET A 606 13.99 21.14 -13.91
N SER A 607 15.09 20.72 -14.55
CA SER A 607 15.11 20.55 -16.00
C SER A 607 14.13 19.47 -16.43
N TRP A 608 13.99 18.41 -15.62
CA TRP A 608 13.07 17.33 -15.96
C TRP A 608 11.61 17.84 -15.84
N VAL A 609 11.37 18.69 -14.82
CA VAL A 609 10.06 19.31 -14.62
C VAL A 609 9.76 20.14 -15.86
N GLY A 610 10.79 20.82 -16.39
CA GLY A 610 10.69 21.51 -17.66
C GLY A 610 10.25 20.56 -18.79
N VAL A 611 10.86 19.38 -18.82
CA VAL A 611 10.58 18.42 -19.87
C VAL A 611 9.10 18.05 -19.81
N MET A 612 8.58 17.86 -18.60
CA MET A 612 7.22 17.38 -18.39
C MET A 612 6.20 18.42 -18.86
N VAL A 613 6.38 19.70 -18.42
CA VAL A 613 5.43 20.75 -18.76
C VAL A 613 5.30 20.84 -20.26
N LYS A 614 6.46 20.85 -20.95
CA LYS A 614 6.46 20.97 -22.40
C LYS A 614 5.55 19.92 -23.01
N SER A 615 5.66 18.69 -22.48
CA SER A 615 4.90 17.57 -22.98
C SER A 615 3.41 17.78 -22.72
N LEU A 616 3.09 18.29 -21.53
CA LEU A 616 1.70 18.50 -21.14
C LEU A 616 1.09 19.66 -21.96
N ILE A 617 1.92 20.67 -22.28
CA ILE A 617 1.52 21.72 -23.22
C ILE A 617 1.14 21.11 -24.58
N SER A 618 1.97 20.19 -25.10
CA SER A 618 1.71 19.59 -26.40
C SER A 618 0.45 18.74 -26.37
N ILE A 619 0.28 17.94 -25.30
CA ILE A 619 -0.76 16.93 -25.29
C ILE A 619 -2.10 17.58 -24.94
N GLY A 620 -2.04 18.54 -24.00
CA GLY A 620 -3.22 19.30 -23.59
C GLY A 620 -3.85 20.05 -24.77
N SER A 621 -2.99 20.68 -25.59
CA SER A 621 -3.45 21.36 -26.78
C SER A 621 -4.22 20.39 -27.67
N LEU A 622 -3.68 19.18 -27.84
CA LEU A 622 -4.27 18.19 -28.73
C LEU A 622 -5.67 17.81 -28.23
N LEU A 623 -5.83 17.80 -26.90
CA LEU A 623 -7.05 17.33 -26.28
C LEU A 623 -8.00 18.51 -26.02
N GLY A 624 -7.48 19.73 -26.23
CA GLY A 624 -8.23 20.96 -26.00
C GLY A 624 -8.48 21.20 -24.50
N ALA A 625 -7.47 20.91 -23.67
CA ALA A 625 -7.55 21.23 -22.24
C ALA A 625 -7.03 22.65 -22.00
N THR A 626 -7.88 23.64 -22.31
CA THR A 626 -7.44 25.03 -22.45
C THR A 626 -6.97 25.60 -21.11
N GLU A 627 -7.73 25.31 -20.03
CA GLU A 627 -7.39 25.80 -18.69
C GLU A 627 -6.04 25.22 -18.25
N ASP A 628 -5.77 23.98 -18.67
CA ASP A 628 -4.54 23.27 -18.35
C ASP A 628 -3.35 23.94 -19.04
N VAL A 629 -3.46 24.15 -20.36
CA VAL A 629 -2.34 24.62 -21.16
C VAL A 629 -1.91 26.00 -20.66
N GLU A 630 -2.87 26.79 -20.20
CA GLU A 630 -2.60 28.12 -19.69
C GLU A 630 -1.75 28.01 -18.41
N PHE A 631 -2.09 27.04 -17.54
CA PHE A 631 -1.36 26.86 -16.29
C PHE A 631 0.07 26.39 -16.57
N TYR A 632 0.21 25.39 -17.43
CA TYR A 632 1.51 24.84 -17.77
C TYR A 632 2.40 25.92 -18.38
N THR A 633 1.79 26.75 -19.26
CA THR A 633 2.52 27.78 -19.98
C THR A 633 3.20 28.71 -18.98
N LYS A 634 2.49 29.04 -17.89
CA LYS A 634 3.03 29.93 -16.87
C LYS A 634 4.16 29.22 -16.12
N VAL A 635 4.01 27.89 -15.92
CA VAL A 635 5.02 27.11 -15.21
C VAL A 635 6.30 27.04 -16.06
N LEU A 636 6.13 26.85 -17.37
CA LEU A 636 7.29 26.78 -18.24
C LEU A 636 8.04 28.11 -18.19
N ASP A 637 7.27 29.21 -18.24
CA ASP A 637 7.85 30.54 -18.16
C ASP A 637 8.64 30.67 -16.86
N ALA A 638 8.06 30.19 -15.74
CA ALA A 638 8.67 30.32 -14.43
C ALA A 638 9.97 29.48 -14.34
N ILE A 639 9.95 28.27 -14.92
CA ILE A 639 11.11 27.39 -14.85
C ILE A 639 12.27 28.04 -15.63
N GLU A 640 11.94 28.61 -16.81
CA GLU A 640 12.95 29.24 -17.66
C GLU A 640 13.69 30.34 -16.91
N HIS A 641 12.96 31.20 -16.16
CA HIS A 641 13.61 32.30 -15.47
C HIS A 641 14.40 31.77 -14.26
N ASN A 642 13.83 30.75 -13.59
CA ASN A 642 14.36 30.34 -12.32
C ASN A 642 15.60 29.46 -12.52
N LEU A 643 15.68 28.78 -13.68
CA LEU A 643 16.92 28.12 -14.07
C LEU A 643 18.06 29.14 -14.08
N ASP A 644 17.82 30.30 -14.71
CA ASP A 644 18.81 31.38 -14.72
C ASP A 644 19.01 31.93 -13.29
N ASP A 645 17.91 32.15 -12.56
CA ASP A 645 17.99 32.94 -11.33
C ASP A 645 18.65 32.16 -10.21
N LEU A 646 18.42 30.84 -10.17
CA LEU A 646 18.87 30.05 -9.02
C LEU A 646 20.03 29.15 -9.40
N HIS A 647 20.20 28.88 -10.71
CA HIS A 647 21.04 27.76 -11.12
C HIS A 647 22.24 28.21 -11.97
N TRP A 648 22.10 29.33 -12.74
CA TRP A 648 23.16 29.79 -13.63
C TRP A 648 24.30 30.43 -12.83
N SER A 649 25.53 30.00 -13.13
CA SER A 649 26.72 30.58 -12.55
C SER A 649 27.51 31.34 -13.62
N GLU A 650 27.56 32.68 -13.49
CA GLU A 650 28.32 33.50 -14.44
C GLU A 650 29.82 33.24 -14.27
N LYS A 651 30.27 33.14 -13.02
CA LYS A 651 31.69 32.94 -12.71
C LYS A 651 32.21 31.65 -13.37
N GLU A 652 31.38 30.60 -13.42
CA GLU A 652 31.83 29.29 -13.91
C GLU A 652 31.40 29.08 -15.37
N GLY A 653 30.35 29.77 -15.81
CA GLY A 653 29.86 29.60 -17.17
C GLY A 653 29.12 28.27 -17.37
N CYS A 654 28.27 27.88 -16.41
CA CYS A 654 27.41 26.71 -16.62
C CYS A 654 26.36 26.66 -15.52
N TYR A 655 25.43 25.70 -15.64
CA TYR A 655 24.40 25.50 -14.63
C TYR A 655 24.97 24.71 -13.47
N CYS A 656 24.33 24.86 -12.30
CA CYS A 656 24.88 24.35 -11.06
C CYS A 656 23.75 24.04 -10.07
N ASP A 657 23.95 23.00 -9.23
CA ASP A 657 23.12 22.78 -8.05
C ASP A 657 23.36 23.94 -7.06
N ALA A 658 22.39 24.14 -6.13
CA ALA A 658 22.48 25.15 -5.09
C ALA A 658 22.29 24.51 -3.70
N THR A 659 22.88 25.15 -2.66
CA THR A 659 22.60 24.80 -1.27
C THR A 659 22.27 26.07 -0.49
N ILE A 660 22.32 25.94 0.83
CA ILE A 660 22.28 27.05 1.73
C ILE A 660 23.56 27.00 2.58
N ASP A 661 24.21 28.17 2.71
CA ASP A 661 25.49 28.43 3.39
C ASP A 661 25.46 27.98 4.84
N GLU A 662 26.66 27.97 5.45
CA GLU A 662 26.85 28.00 6.90
C GLU A 662 26.14 29.24 7.52
N PHE A 663 25.98 30.31 6.71
CA PHE A 663 25.42 31.57 7.20
C PHE A 663 23.97 31.76 6.70
N GLU A 664 23.39 30.69 6.15
CA GLU A 664 22.00 30.68 5.71
C GLU A 664 21.85 31.43 4.39
N GLU A 665 22.94 31.56 3.62
CA GLU A 665 22.88 32.27 2.34
C GLU A 665 22.88 31.25 1.18
N HIS A 666 22.17 31.60 0.11
CA HIS A 666 22.11 30.82 -1.12
C HIS A 666 23.51 30.74 -1.76
N LYS A 667 23.95 29.52 -2.04
CA LYS A 667 25.25 29.32 -2.66
C LYS A 667 25.10 28.33 -3.80
N LEU A 668 25.77 28.61 -4.93
CA LEU A 668 25.94 27.64 -6.00
C LEU A 668 27.10 26.72 -5.64
N VAL A 669 26.93 25.42 -5.92
CA VAL A 669 28.02 24.46 -5.80
C VAL A 669 28.21 23.80 -7.16
N CYS A 670 29.33 24.13 -7.83
CA CYS A 670 29.53 23.74 -9.23
C CYS A 670 30.50 22.58 -9.33
N HIS A 671 30.01 21.53 -9.97
CA HIS A 671 30.84 20.43 -10.36
C HIS A 671 30.55 20.18 -11.82
N LYS A 672 31.50 20.52 -12.68
CA LYS A 672 31.26 20.54 -14.12
C LYS A 672 31.18 19.11 -14.63
N GLY A 673 30.12 18.83 -15.36
CA GLY A 673 29.80 17.48 -15.77
C GLY A 673 28.40 17.46 -16.36
N TYR A 674 27.84 16.25 -16.52
CA TYR A 674 26.52 16.11 -17.10
C TYR A 674 25.52 17.08 -16.44
N ILE A 675 25.56 17.17 -15.10
CA ILE A 675 24.56 17.95 -14.36
C ILE A 675 24.54 19.40 -14.88
N SER A 676 25.74 19.95 -15.16
CA SER A 676 25.96 21.33 -15.57
C SER A 676 25.28 21.63 -16.90
N LEU A 677 24.98 20.57 -17.67
CA LEU A 677 24.51 20.72 -19.04
C LEU A 677 23.01 20.55 -19.11
N PHE A 678 22.37 20.33 -17.95
CA PHE A 678 21.05 19.71 -17.97
C PHE A 678 20.04 20.51 -18.78
N PRO A 679 19.92 21.85 -18.58
CA PRO A 679 18.96 22.63 -19.35
C PRO A 679 19.14 22.44 -20.87
N PHE A 680 20.40 22.30 -21.31
CA PHE A 680 20.73 22.04 -22.70
C PHE A 680 20.23 20.64 -23.14
N LEU A 681 20.53 19.61 -22.33
CA LEU A 681 20.26 18.21 -22.70
C LEU A 681 18.75 17.97 -22.81
N THR A 682 17.97 18.75 -22.05
CA THR A 682 16.54 18.55 -21.91
C THR A 682 15.77 19.41 -22.92
N GLY A 683 16.52 20.20 -23.69
CA GLY A 683 15.96 21.01 -24.76
C GLY A 683 15.20 22.24 -24.27
N LEU A 684 15.74 22.93 -23.23
CA LEU A 684 15.05 24.08 -22.62
C LEU A 684 15.66 25.41 -23.07
N LEU A 685 16.81 25.35 -23.75
CA LEU A 685 17.55 26.56 -24.08
C LEU A 685 17.22 27.01 -25.49
N LYS A 686 17.08 28.33 -25.67
CA LYS A 686 16.80 28.88 -26.98
C LYS A 686 18.07 28.77 -27.84
N PRO A 687 17.94 28.42 -29.15
CA PRO A 687 19.11 28.18 -30.01
C PRO A 687 20.03 29.38 -30.27
N ASP A 688 19.74 30.53 -29.65
CA ASP A 688 20.54 31.75 -29.85
C ASP A 688 21.07 32.23 -28.50
N SER A 689 20.83 31.43 -27.47
CA SER A 689 21.12 31.83 -26.11
C SER A 689 22.63 31.93 -25.90
N PRO A 690 23.14 33.03 -25.28
CA PRO A 690 24.54 33.12 -24.86
C PRO A 690 25.00 32.01 -23.92
N LYS A 691 24.11 31.59 -23.04
CA LYS A 691 24.39 30.51 -22.10
C LYS A 691 24.70 29.23 -22.86
N LEU A 692 23.87 28.92 -23.87
CA LEU A 692 24.06 27.78 -24.75
C LEU A 692 25.48 27.78 -25.31
N GLY A 693 25.90 28.94 -25.85
CA GLY A 693 27.25 29.11 -26.40
C GLY A 693 28.32 28.65 -25.40
N LYS A 694 28.16 29.05 -24.13
CA LYS A 694 29.14 28.74 -23.09
C LYS A 694 29.14 27.23 -22.82
N LEU A 695 27.96 26.62 -22.90
CA LEU A 695 27.83 25.21 -22.64
C LEU A 695 28.52 24.43 -23.76
N LEU A 696 28.39 24.95 -24.98
CA LEU A 696 29.02 24.31 -26.13
C LEU A 696 30.54 24.37 -26.01
N ALA A 697 31.02 25.45 -25.37
CA ALA A 697 32.43 25.61 -25.08
C ALA A 697 32.87 24.58 -24.05
N LEU A 698 31.98 24.27 -23.10
CA LEU A 698 32.32 23.30 -22.05
C LEU A 698 32.28 21.89 -22.62
N ILE A 699 31.24 21.59 -23.41
CA ILE A 699 31.05 20.28 -23.99
C ILE A 699 32.26 19.94 -24.86
N GLY A 700 32.75 20.93 -25.66
CA GLY A 700 33.80 20.68 -26.62
C GLY A 700 35.21 20.81 -26.03
N ASP A 701 35.29 21.12 -24.73
CA ASP A 701 36.59 21.34 -24.09
C ASP A 701 37.23 20.00 -23.69
N GLU A 702 38.38 19.71 -24.30
CA GLU A 702 39.08 18.45 -24.06
C GLU A 702 39.57 18.35 -22.60
N SER A 703 39.88 19.50 -21.99
CA SER A 703 40.49 19.49 -20.66
C SER A 703 39.40 19.31 -19.60
N GLU A 704 38.11 19.41 -20.03
CA GLU A 704 36.94 19.25 -19.15
C GLU A 704 36.18 17.93 -19.49
N LEU A 705 35.16 18.01 -20.40
CA LEU A 705 34.21 16.91 -20.59
C LEU A 705 34.55 16.03 -21.80
N TRP A 706 35.35 16.56 -22.75
CA TRP A 706 35.42 15.97 -24.09
C TRP A 706 36.59 14.99 -24.16
N SER A 707 36.29 13.70 -24.25
CA SER A 707 37.32 12.68 -24.39
C SER A 707 37.21 12.07 -25.77
N PRO A 708 38.22 11.33 -26.24
CA PRO A 708 38.13 10.69 -27.57
C PRO A 708 36.96 9.72 -27.70
N TYR A 709 36.38 9.32 -26.56
CA TYR A 709 35.44 8.22 -26.52
C TYR A 709 34.01 8.71 -26.25
N GLY A 710 33.88 10.01 -25.95
CA GLY A 710 32.60 10.60 -25.60
C GLY A 710 32.75 11.60 -24.45
N LEU A 711 31.62 12.18 -24.02
CA LEU A 711 31.61 13.15 -22.92
C LEU A 711 31.75 12.43 -21.59
N ARG A 712 32.75 12.85 -20.80
CA ARG A 712 32.94 12.38 -19.43
C ARG A 712 31.75 12.85 -18.57
N SER A 713 31.36 12.02 -17.58
CA SER A 713 30.22 12.34 -16.74
C SER A 713 30.60 13.49 -15.81
N LEU A 714 31.90 13.57 -15.45
CA LEU A 714 32.48 14.62 -14.62
C LEU A 714 33.75 15.16 -15.28
N SER A 715 34.02 16.45 -15.08
CA SER A 715 35.22 17.12 -15.61
C SER A 715 36.51 16.60 -14.95
N LYS A 716 37.57 16.48 -15.77
CA LYS A 716 38.88 16.10 -15.27
C LYS A 716 39.38 17.14 -14.26
N LYS A 717 38.82 18.36 -14.33
CA LYS A 717 39.26 19.44 -13.46
C LYS A 717 38.54 19.39 -12.13
N ASP A 718 37.42 18.65 -12.05
CA ASP A 718 36.67 18.59 -10.81
C ASP A 718 37.44 17.81 -9.75
N GLU A 719 37.34 18.28 -8.50
CA GLU A 719 38.11 17.71 -7.39
C GLU A 719 37.64 16.29 -7.08
N PHE A 720 36.48 15.89 -7.63
CA PHE A 720 35.92 14.58 -7.35
C PHE A 720 36.13 13.61 -8.53
N TYR A 721 36.83 14.06 -9.57
CA TYR A 721 37.15 13.18 -10.70
C TYR A 721 37.80 11.87 -10.21
N GLY A 722 37.19 10.74 -10.63
CA GLY A 722 37.76 9.42 -10.38
C GLY A 722 37.97 9.15 -8.89
N THR A 723 37.00 9.59 -8.07
CA THR A 723 37.06 9.32 -6.62
C THR A 723 35.99 8.31 -6.23
N ALA A 724 36.17 7.67 -5.07
CA ALA A 724 35.16 6.78 -4.51
C ALA A 724 34.84 5.66 -5.51
N GLU A 725 33.56 5.49 -5.84
CA GLU A 725 33.17 4.38 -6.69
C GLU A 725 33.33 4.76 -8.15
N ASN A 726 33.52 6.06 -8.41
CA ASN A 726 33.85 6.54 -9.74
C ASN A 726 32.83 6.01 -10.75
N TYR A 727 31.57 6.11 -10.36
CA TYR A 727 30.49 5.54 -11.12
C TYR A 727 30.00 6.58 -12.14
N TRP A 728 29.63 7.75 -11.61
CA TRP A 728 29.23 8.87 -12.42
C TRP A 728 30.25 10.01 -12.23
N ARG A 729 31.50 9.64 -11.93
CA ARG A 729 32.52 10.65 -11.63
C ARG A 729 33.67 10.66 -12.64
N SER A 730 33.41 10.18 -13.88
CA SER A 730 34.32 10.30 -15.02
C SER A 730 33.82 9.45 -16.19
N PRO A 731 33.28 8.23 -15.98
CA PRO A 731 32.93 7.37 -17.10
C PRO A 731 31.96 8.01 -18.10
N VAL A 732 32.01 7.48 -19.31
CA VAL A 732 31.19 7.94 -20.39
C VAL A 732 29.92 7.11 -20.39
N TRP A 733 28.75 7.80 -20.40
CA TRP A 733 27.47 7.11 -20.35
C TRP A 733 26.68 7.43 -21.61
N ILE A 734 26.13 6.37 -22.23
CA ILE A 734 25.58 6.48 -23.56
C ILE A 734 24.24 7.23 -23.55
N ASN A 735 23.44 7.07 -22.46
CA ASN A 735 22.13 7.76 -22.39
C ASN A 735 22.32 9.29 -22.40
N ILE A 736 23.25 9.79 -21.59
CA ILE A 736 23.46 11.24 -21.49
C ILE A 736 24.15 11.77 -22.75
N ASN A 737 25.14 11.01 -23.26
CA ASN A 737 25.73 11.31 -24.56
C ASN A 737 24.67 11.34 -25.65
N TYR A 738 23.66 10.46 -25.53
CA TYR A 738 22.61 10.42 -26.55
C TYR A 738 21.81 11.72 -26.52
N LEU A 739 21.51 12.23 -25.32
CA LEU A 739 20.75 13.47 -25.21
C LEU A 739 21.57 14.60 -25.82
N ALA A 740 22.90 14.60 -25.57
CA ALA A 740 23.76 15.66 -26.07
C ALA A 740 23.74 15.64 -27.59
N ILE A 741 23.91 14.45 -28.16
CA ILE A 741 23.99 14.32 -29.61
C ILE A 741 22.71 14.89 -30.25
N VAL A 742 21.54 14.61 -29.63
CA VAL A 742 20.24 14.94 -30.23
C VAL A 742 20.05 16.46 -30.22
N GLN A 743 20.53 17.10 -29.14
CA GLN A 743 20.40 18.54 -28.96
C GLN A 743 21.41 19.28 -29.85
N LEU A 744 22.64 18.71 -29.98
CA LEU A 744 23.63 19.24 -30.89
C LEU A 744 23.09 19.24 -32.32
N TYR A 745 22.41 18.16 -32.70
CA TYR A 745 21.91 18.03 -34.05
C TYR A 745 20.85 19.08 -34.27
N ASN A 746 20.06 19.33 -33.22
CA ASN A 746 18.96 20.25 -33.31
C ASN A 746 19.47 21.66 -33.64
N ILE A 747 20.56 22.07 -32.95
CA ILE A 747 21.15 23.38 -33.15
C ILE A 747 21.83 23.44 -34.53
N ALA A 748 22.33 22.30 -34.99
CA ALA A 748 23.08 22.23 -36.23
C ALA A 748 22.16 22.37 -37.46
N THR A 749 20.85 22.15 -37.28
CA THR A 749 19.95 22.07 -38.42
C THR A 749 18.95 23.23 -38.39
N GLN A 750 19.30 24.29 -37.67
CA GLN A 750 18.57 25.54 -37.73
C GLN A 750 19.56 26.67 -37.97
N ASP A 751 19.08 27.75 -38.62
CA ASP A 751 19.86 28.98 -38.72
C ASP A 751 20.05 29.55 -37.32
N GLY A 752 21.25 30.10 -37.06
CA GLY A 752 21.59 30.67 -35.76
C GLY A 752 23.11 30.80 -35.58
N PRO A 753 23.58 31.52 -34.53
CA PRO A 753 25.01 31.77 -34.35
C PRO A 753 25.87 30.55 -33.99
N TYR A 754 25.25 29.49 -33.44
CA TYR A 754 26.03 28.34 -32.97
C TYR A 754 25.89 27.16 -33.92
N LYS A 755 25.27 27.40 -35.08
CA LYS A 755 24.91 26.32 -36.01
C LYS A 755 26.15 25.49 -36.37
N GLU A 756 27.23 26.17 -36.81
CA GLU A 756 28.44 25.52 -37.31
C GLU A 756 29.21 24.84 -36.14
N THR A 757 29.29 25.51 -34.97
CA THR A 757 29.88 24.90 -33.78
C THR A 757 29.16 23.59 -33.45
N ALA A 758 27.82 23.61 -33.47
CA ALA A 758 27.05 22.42 -33.12
C ALA A 758 27.27 21.32 -34.15
N ARG A 759 27.33 21.72 -35.43
CA ARG A 759 27.47 20.76 -36.50
C ARG A 759 28.78 19.98 -36.34
N ASP A 760 29.86 20.70 -36.00
CA ASP A 760 31.17 20.09 -35.82
C ASP A 760 31.10 19.08 -34.69
N LEU A 761 30.53 19.52 -33.54
CA LEU A 761 30.46 18.71 -32.31
C LEU A 761 29.55 17.51 -32.55
N TYR A 762 28.42 17.73 -33.24
CA TYR A 762 27.49 16.66 -33.52
C TYR A 762 28.22 15.56 -34.30
N THR A 763 28.92 15.96 -35.37
CA THR A 763 29.58 15.00 -36.26
C THR A 763 30.56 14.15 -35.47
N ARG A 764 31.42 14.80 -34.69
CA ARG A 764 32.49 14.12 -33.98
C ARG A 764 31.93 13.28 -32.81
N LEU A 765 31.00 13.84 -32.01
CA LEU A 765 30.45 13.11 -30.88
C LEU A 765 29.70 11.86 -31.38
N ARG A 766 28.95 11.97 -32.48
CA ARG A 766 28.24 10.82 -33.02
C ARG A 766 29.24 9.69 -33.32
N LYS A 767 30.35 10.08 -33.96
CA LYS A 767 31.38 9.16 -34.40
C LYS A 767 32.10 8.57 -33.19
N ASN A 768 32.44 9.43 -32.22
CA ASN A 768 33.15 9.00 -31.03
C ASN A 768 32.34 7.96 -30.26
N ILE A 769 31.03 8.26 -30.03
CA ILE A 769 30.18 7.39 -29.23
C ILE A 769 29.95 6.05 -29.95
N VAL A 770 29.60 6.10 -31.24
CA VAL A 770 29.30 4.90 -32.01
C VAL A 770 30.56 4.02 -32.07
N GLU A 771 31.70 4.61 -32.41
CA GLU A 771 32.92 3.82 -32.57
C GLU A 771 33.32 3.17 -31.25
N THR A 772 33.14 3.90 -30.11
CA THR A 772 33.48 3.35 -28.80
C THR A 772 32.68 2.06 -28.51
N VAL A 773 31.37 2.15 -28.68
CA VAL A 773 30.50 1.01 -28.40
C VAL A 773 30.82 -0.10 -29.41
N TYR A 774 31.00 0.27 -30.69
CA TYR A 774 31.23 -0.76 -31.69
C TYR A 774 32.53 -1.53 -31.40
N ARG A 775 33.60 -0.76 -31.16
CA ARG A 775 34.94 -1.30 -30.94
C ARG A 775 34.88 -2.36 -29.83
N ASN A 776 34.14 -2.05 -28.73
CA ASN A 776 34.03 -2.97 -27.58
C ASN A 776 33.18 -4.18 -27.93
N TRP A 777 32.08 -3.95 -28.65
CA TRP A 777 31.22 -5.03 -29.13
C TRP A 777 32.03 -6.01 -29.95
N GLU A 778 32.85 -5.46 -30.88
CA GLU A 778 33.69 -6.26 -31.77
C GLU A 778 34.64 -7.14 -30.94
N GLU A 779 35.22 -6.57 -29.88
CA GLU A 779 36.27 -7.26 -29.15
C GLU A 779 35.67 -8.23 -28.12
N THR A 780 34.52 -7.86 -27.50
CA THR A 780 34.05 -8.54 -26.31
C THR A 780 32.69 -9.24 -26.56
N GLY A 781 32.00 -8.85 -27.63
CA GLY A 781 30.65 -9.35 -27.91
C GLY A 781 29.54 -8.67 -27.07
N PHE A 782 29.92 -7.75 -26.16
CA PHE A 782 29.00 -7.17 -25.17
C PHE A 782 28.84 -5.67 -25.41
N ALA A 783 27.60 -5.17 -25.17
CA ALA A 783 27.35 -3.78 -24.82
C ALA A 783 27.57 -3.62 -23.32
N TRP A 784 28.19 -2.50 -22.94
CA TRP A 784 28.57 -2.25 -21.54
C TRP A 784 27.77 -1.07 -21.00
N GLU A 785 27.68 -1.04 -19.67
CA GLU A 785 26.95 -0.02 -18.94
C GLU A 785 27.61 1.36 -19.14
N GLN A 786 28.94 1.38 -19.25
CA GLN A 786 29.67 2.65 -19.32
C GLN A 786 31.04 2.42 -19.95
N TYR A 787 31.70 3.49 -20.36
CA TYR A 787 32.95 3.39 -21.11
C TYR A 787 34.03 4.28 -20.49
N ASN A 788 35.23 3.72 -20.37
CA ASN A 788 36.37 4.38 -19.75
C ASN A 788 36.89 5.49 -20.68
N PRO A 789 36.96 6.74 -20.19
CA PRO A 789 37.33 7.87 -21.04
C PRO A 789 38.83 7.96 -21.36
N GLU A 790 39.64 7.17 -20.63
CA GLU A 790 41.10 7.15 -20.86
C GLU A 790 41.47 6.00 -21.83
N THR A 791 40.87 4.83 -21.64
CA THR A 791 41.28 3.66 -22.40
C THR A 791 40.25 3.31 -23.47
N GLY A 792 39.03 3.80 -23.32
CA GLY A 792 37.96 3.47 -24.28
C GLY A 792 37.23 2.16 -23.92
N LYS A 793 37.74 1.46 -22.89
CA LYS A 793 37.25 0.11 -22.55
C LYS A 793 35.89 0.19 -21.86
N GLY A 794 34.97 -0.66 -22.32
CA GLY A 794 33.74 -0.91 -21.60
C GLY A 794 34.01 -1.50 -20.22
N GLN A 795 33.20 -1.10 -19.26
CA GLN A 795 33.44 -1.48 -17.88
C GLN A 795 32.10 -1.50 -17.13
N ARG A 796 32.10 -2.06 -15.90
CA ARG A 796 30.90 -2.37 -15.11
C ARG A 796 30.08 -3.45 -15.81
N THR A 797 28.77 -3.29 -15.81
CA THR A 797 27.85 -4.35 -16.18
C THR A 797 27.92 -4.68 -17.69
N GLN A 798 28.08 -5.99 -17.99
CA GLN A 798 27.93 -6.50 -19.35
C GLN A 798 26.44 -6.71 -19.71
N HIS A 799 26.16 -6.90 -21.02
CA HIS A 799 24.82 -7.14 -21.54
C HIS A 799 23.90 -5.96 -21.25
N PHE A 800 24.43 -4.74 -21.30
CA PHE A 800 23.63 -3.57 -20.94
C PHE A 800 22.82 -3.12 -22.15
N THR A 801 21.74 -3.83 -22.44
CA THR A 801 20.91 -3.46 -23.58
C THR A 801 19.45 -3.40 -23.12
N GLY A 802 19.09 -2.39 -22.29
CA GLY A 802 19.98 -1.35 -21.81
C GLY A 802 20.03 -0.18 -22.78
N TRP A 803 20.29 1.04 -22.25
CA TRP A 803 20.24 2.24 -23.07
C TRP A 803 21.48 2.38 -23.96
N THR A 804 22.49 1.52 -23.76
CA THR A 804 23.64 1.54 -24.66
C THR A 804 23.17 1.32 -26.11
N SER A 805 22.05 0.61 -26.28
CA SER A 805 21.49 0.25 -27.57
C SER A 805 20.97 1.46 -28.33
N LEU A 806 20.93 2.65 -27.68
CA LEU A 806 20.59 3.91 -28.35
C LEU A 806 21.51 4.16 -29.54
N VAL A 807 22.61 3.43 -29.61
CA VAL A 807 23.64 3.63 -30.61
CA VAL A 807 23.62 3.68 -30.62
C VAL A 807 23.05 3.33 -32.01
N VAL A 808 22.01 2.49 -32.05
CA VAL A 808 21.33 2.18 -33.30
CA VAL A 808 21.38 2.19 -33.32
C VAL A 808 20.65 3.45 -33.80
N LYS A 809 20.06 4.19 -32.88
CA LYS A 809 19.37 5.43 -33.24
C LYS A 809 20.38 6.52 -33.60
N ILE A 810 21.54 6.51 -32.94
CA ILE A 810 22.55 7.54 -33.19
C ILE A 810 23.10 7.36 -34.61
N MET A 811 23.26 6.09 -35.03
CA MET A 811 23.81 5.75 -36.33
C MET A 811 22.81 6.11 -37.44
N SER A 812 21.52 5.93 -37.18
CA SER A 812 20.50 6.11 -38.22
C SER A 812 20.11 7.60 -38.41
N GLY A 813 20.45 8.45 -37.43
CA GLY A 813 20.54 9.89 -37.60
C GLY A 813 19.18 10.58 -37.72
N HIS A 814 19.18 11.75 -38.41
CA HIS A 814 17.98 12.40 -38.96
C HIS A 814 16.88 12.51 -37.89
N HIS A 815 17.21 13.15 -36.75
CA HIS A 815 16.31 13.20 -35.60
C HIS A 815 15.11 14.10 -35.92
N GLU B 35 -3.93 11.45 45.60
CA GLU B 35 -3.06 12.08 46.68
C GLU B 35 -3.66 11.75 48.07
N SER B 36 -5.00 11.83 48.17
CA SER B 36 -5.70 11.25 49.30
C SER B 36 -5.68 9.71 49.23
N ILE B 37 -5.53 9.09 50.39
CA ILE B 37 -5.49 7.66 50.55
C ILE B 37 -6.68 7.01 49.84
N LEU B 38 -7.88 7.57 50.04
CA LEU B 38 -9.07 6.90 49.55
C LEU B 38 -9.09 6.95 48.03
N HIS B 39 -8.74 8.12 47.49
CA HIS B 39 -8.70 8.33 46.05
C HIS B 39 -7.72 7.36 45.39
N SER B 40 -6.51 7.26 45.95
CA SER B 40 -5.52 6.35 45.38
C SER B 40 -6.06 4.92 45.36
N GLU B 41 -6.68 4.49 46.51
CA GLU B 41 -7.09 3.11 46.68
C GLU B 41 -8.18 2.75 45.67
N ILE B 42 -9.14 3.69 45.45
CA ILE B 42 -10.20 3.50 44.45
C ILE B 42 -9.56 3.42 43.06
N GLY B 43 -8.58 4.29 42.80
CA GLY B 43 -7.82 4.24 41.57
C GLY B 43 -7.23 2.84 41.35
N ARG B 44 -6.57 2.30 42.39
CA ARG B 44 -5.87 1.03 42.26
C ARG B 44 -6.88 -0.07 41.95
N LEU B 45 -8.07 0.02 42.56
CA LEU B 45 -9.07 -1.03 42.42
C LEU B 45 -9.67 -0.97 41.01
N ASN B 46 -9.98 0.25 40.54
CA ASN B 46 -10.42 0.42 39.16
C ASN B 46 -9.37 -0.09 38.17
N ASN B 47 -8.11 0.25 38.44
CA ASN B 47 -7.00 -0.10 37.56
C ASN B 47 -6.94 -1.63 37.44
N GLN B 48 -7.11 -2.32 38.58
CA GLN B 48 -7.01 -3.78 38.62
C GLN B 48 -8.22 -4.41 37.96
N SER B 49 -9.39 -3.80 38.16
N SER B 49 -9.39 -3.80 38.17
CA SER B 49 -10.65 -4.32 37.66
CA SER B 49 -10.64 -4.34 37.67
C SER B 49 -10.71 -4.22 36.14
C SER B 49 -10.71 -4.22 36.14
N LEU B 50 -10.14 -3.14 35.58
CA LEU B 50 -10.29 -2.85 34.15
C LEU B 50 -9.07 -3.31 33.30
N LEU B 51 -8.03 -3.86 33.97
CA LEU B 51 -6.73 -4.08 33.32
C LEU B 51 -6.89 -4.89 32.04
N TRP B 52 -7.63 -6.02 32.12
CA TRP B 52 -7.78 -6.92 30.98
C TRP B 52 -9.06 -6.62 30.21
N GLY B 53 -9.01 -6.82 28.90
CA GLY B 53 -10.23 -6.82 28.13
C GLY B 53 -9.98 -7.14 26.66
N PRO B 54 -11.04 -7.28 25.85
CA PRO B 54 -10.90 -7.42 24.39
C PRO B 54 -10.64 -6.03 23.80
N TYR B 55 -9.56 -5.41 24.28
CA TYR B 55 -9.30 -3.99 24.06
C TYR B 55 -8.64 -3.76 22.69
N ARG B 56 -9.08 -4.51 21.69
CA ARG B 56 -8.55 -4.39 20.34
C ARG B 56 -9.73 -4.40 19.38
N PRO B 57 -10.53 -3.35 19.37
CA PRO B 57 -11.76 -3.34 18.59
C PRO B 57 -11.53 -3.31 17.08
N ASN B 58 -10.28 -3.03 16.66
CA ASN B 58 -9.91 -3.03 15.25
C ASN B 58 -9.94 -4.46 14.66
N ILE B 59 -9.82 -5.50 15.51
CA ILE B 59 -9.85 -6.90 15.04
C ILE B 59 -11.09 -7.60 15.62
N TYR B 60 -11.59 -8.59 14.88
CA TYR B 60 -12.73 -9.41 15.25
C TYR B 60 -12.63 -9.90 16.69
N PHE B 61 -11.46 -10.43 17.08
CA PHE B 61 -11.30 -10.88 18.44
C PHE B 61 -9.84 -10.96 18.82
N GLY B 62 -9.54 -10.32 19.93
CA GLY B 62 -8.22 -10.36 20.55
C GLY B 62 -8.23 -9.63 21.89
N THR B 63 -7.17 -9.82 22.67
CA THR B 63 -7.11 -9.21 23.99
C THR B 63 -5.79 -8.49 24.15
N ARG B 64 -5.75 -7.57 25.11
CA ARG B 64 -4.54 -6.98 25.63
C ARG B 64 -4.90 -6.30 26.95
N PRO B 65 -3.94 -6.12 27.86
CA PRO B 65 -4.17 -5.33 29.07
C PRO B 65 -3.90 -3.85 28.81
N ARG B 66 -4.33 -2.98 29.71
CA ARG B 66 -4.10 -1.54 29.56
C ARG B 66 -2.63 -1.25 29.92
N ILE B 67 -1.69 -1.83 29.13
CA ILE B 67 -0.26 -1.61 29.32
C ILE B 67 0.38 -1.48 27.94
N GLY B 68 1.25 -0.50 27.77
CA GLY B 68 1.74 -0.15 26.42
C GLY B 68 2.47 -1.34 25.76
N LYS B 69 3.40 -1.91 26.51
CA LYS B 69 4.24 -2.98 26.03
C LYS B 69 3.95 -4.22 26.86
N SER B 70 3.23 -5.16 26.29
CA SER B 70 2.80 -6.30 27.07
C SER B 70 2.26 -7.38 26.12
N LEU B 71 1.45 -8.26 26.68
CA LEU B 71 0.99 -9.46 26.02
C LEU B 71 -0.28 -9.11 25.25
N MET B 72 -0.34 -9.52 23.97
CA MET B 72 -1.51 -9.30 23.13
C MET B 72 -1.86 -10.61 22.44
N THR B 73 -3.14 -10.77 22.11
CA THR B 73 -3.59 -11.94 21.38
C THR B 73 -4.51 -11.48 20.25
N GLY B 74 -4.66 -12.37 19.24
CA GLY B 74 -5.63 -12.19 18.17
C GLY B 74 -5.98 -13.52 17.48
N LEU B 75 -7.21 -13.61 16.99
CA LEU B 75 -7.75 -14.80 16.37
C LEU B 75 -7.88 -14.58 14.86
N MET B 76 -7.57 -15.62 14.08
CA MET B 76 -7.85 -15.59 12.66
C MET B 76 -8.43 -16.93 12.25
N TRP B 77 -9.21 -16.92 11.17
CA TRP B 77 -9.79 -18.14 10.61
C TRP B 77 -10.02 -17.93 9.13
N GLY B 78 -10.08 -19.02 8.39
CA GLY B 78 -10.57 -19.01 7.02
C GLY B 78 -10.73 -20.43 6.50
N LYS B 79 -11.62 -20.61 5.53
CA LYS B 79 -11.77 -21.89 4.87
C LYS B 79 -10.64 -22.07 3.88
N ILE B 80 -10.21 -23.33 3.70
CA ILE B 80 -9.18 -23.64 2.72
C ILE B 80 -9.65 -24.76 1.78
N GLU B 81 -9.53 -24.50 0.46
CA GLU B 81 -10.02 -25.42 -0.56
C GLU B 81 -8.97 -25.60 -1.68
N SER B 82 -8.14 -24.58 -1.90
CA SER B 82 -7.09 -24.62 -2.92
C SER B 82 -5.77 -24.14 -2.32
N TYR B 83 -4.71 -24.07 -3.16
CA TYR B 83 -3.40 -23.67 -2.67
C TYR B 83 -3.27 -22.15 -2.64
N THR B 84 -4.32 -21.43 -3.06
CA THR B 84 -4.20 -19.99 -3.29
C THR B 84 -5.39 -19.21 -2.71
N ASP B 85 -6.37 -19.92 -2.12
CA ASP B 85 -7.60 -19.25 -1.68
C ASP B 85 -7.45 -18.69 -0.25
N PHE B 86 -6.59 -19.28 0.58
CA PHE B 86 -6.61 -18.98 2.01
C PHE B 86 -6.31 -17.50 2.26
N GLN B 87 -5.45 -16.92 1.44
CA GLN B 87 -5.05 -15.52 1.56
C GLN B 87 -6.26 -14.59 1.38
N HIS B 88 -7.28 -15.05 0.63
CA HIS B 88 -8.47 -14.26 0.38
C HIS B 88 -9.53 -14.49 1.45
N THR B 89 -9.57 -15.70 2.01
CA THR B 89 -10.63 -16.08 2.94
C THR B 89 -10.31 -15.62 4.38
N VAL B 90 -9.02 -15.50 4.72
CA VAL B 90 -8.63 -15.34 6.11
C VAL B 90 -9.22 -14.02 6.69
N ARG B 91 -9.68 -14.11 7.94
CA ARG B 91 -10.25 -12.98 8.66
C ARG B 91 -9.34 -12.62 9.79
N TYR B 92 -9.09 -11.31 9.97
CA TYR B 92 -8.29 -10.81 11.08
C TYR B 92 -8.82 -9.44 11.52
N THR B 93 -8.53 -8.39 10.71
CA THR B 93 -9.02 -7.05 11.02
C THR B 93 -10.49 -6.96 10.62
N CYS B 94 -11.28 -6.18 11.39
CA CYS B 94 -12.70 -5.95 11.09
C CYS B 94 -12.83 -5.21 9.75
N GLU B 95 -13.76 -5.69 8.88
CA GLU B 95 -14.16 -4.99 7.65
C GLU B 95 -15.68 -5.12 7.52
N GLN B 96 -16.28 -4.36 6.60
CA GLN B 96 -17.68 -4.65 6.24
C GLN B 96 -17.81 -4.64 4.72
N ASN B 97 -18.43 -5.70 4.18
CA ASN B 97 -18.63 -5.91 2.75
C ASN B 97 -19.64 -7.04 2.53
N GLU B 98 -20.00 -7.29 1.26
CA GLU B 98 -20.97 -8.32 0.87
C GLU B 98 -20.57 -9.70 1.41
N GLY B 99 -19.28 -9.89 1.79
CA GLY B 99 -18.76 -11.19 2.22
C GLY B 99 -19.04 -11.48 3.70
N MET B 100 -19.50 -10.48 4.44
CA MET B 100 -19.76 -10.63 5.86
C MET B 100 -21.18 -10.12 6.16
N LYS B 101 -21.99 -10.95 6.84
CA LYS B 101 -23.41 -10.64 7.12
C LYS B 101 -23.51 -9.64 8.27
N GLY B 102 -22.89 -9.97 9.41
CA GLY B 102 -22.88 -9.08 10.58
C GLY B 102 -21.96 -9.60 11.69
N TYR B 103 -21.65 -8.71 12.65
CA TYR B 103 -20.85 -9.12 13.81
C TYR B 103 -20.91 -8.03 14.87
N GLY B 104 -20.66 -8.43 16.11
CA GLY B 104 -20.69 -7.53 17.25
C GLY B 104 -20.99 -8.26 18.57
N TRP B 105 -20.95 -7.50 19.66
CA TRP B 105 -21.22 -8.05 20.97
C TRP B 105 -22.72 -8.03 21.22
N ASP B 106 -23.29 -9.23 21.48
CA ASP B 106 -24.70 -9.37 21.80
C ASP B 106 -24.94 -8.76 23.17
N GLU B 107 -23.92 -8.87 24.00
CA GLU B 107 -23.99 -8.47 25.37
C GLU B 107 -22.56 -8.38 25.90
N TYR B 108 -22.26 -7.31 26.64
CA TYR B 108 -20.90 -7.15 27.09
C TYR B 108 -20.80 -6.13 28.24
N ASP B 109 -19.93 -6.44 29.19
CA ASP B 109 -19.59 -5.54 30.27
C ASP B 109 -18.09 -5.61 30.46
N PRO B 110 -17.35 -4.47 30.38
CA PRO B 110 -15.88 -4.51 30.45
C PRO B 110 -15.33 -5.05 31.77
N ARG B 111 -16.17 -5.11 32.82
CA ARG B 111 -15.69 -5.64 34.11
C ARG B 111 -15.80 -7.16 34.12
N ARG B 112 -16.81 -7.70 33.44
CA ARG B 112 -17.14 -9.10 33.61
C ARG B 112 -16.82 -9.90 32.35
N GLY B 113 -17.04 -9.25 31.17
CA GLY B 113 -16.89 -9.90 29.86
C GLY B 113 -18.20 -9.90 29.07
N GLY B 114 -18.32 -10.85 28.14
CA GLY B 114 -19.52 -10.92 27.33
C GLY B 114 -19.37 -11.95 26.20
N ILE B 115 -20.19 -11.77 25.15
CA ILE B 115 -20.35 -12.72 24.06
C ILE B 115 -20.45 -11.92 22.76
N GLN B 116 -19.67 -12.34 21.77
CA GLN B 116 -19.67 -11.74 20.46
C GLN B 116 -20.10 -12.79 19.42
N SER B 117 -20.93 -12.35 18.48
CA SER B 117 -21.37 -13.17 17.39
C SER B 117 -20.76 -12.64 16.10
N ILE B 118 -20.27 -13.54 15.24
CA ILE B 118 -19.74 -13.15 13.94
C ILE B 118 -20.36 -14.04 12.87
N HIS B 119 -21.09 -13.42 11.93
CA HIS B 119 -21.77 -14.12 10.83
C HIS B 119 -21.00 -13.95 9.54
N ASP B 120 -20.09 -14.89 9.30
CA ASP B 120 -19.19 -14.86 8.17
C ASP B 120 -19.81 -15.66 7.02
N ILE B 121 -20.26 -14.97 5.99
CA ILE B 121 -20.96 -15.63 4.89
C ILE B 121 -19.95 -16.26 3.92
N GLN B 122 -18.88 -15.54 3.59
CA GLN B 122 -17.92 -16.05 2.61
C GLN B 122 -17.24 -17.33 3.15
N ASN B 123 -17.14 -17.44 4.48
CA ASN B 123 -16.53 -18.63 5.09
C ASN B 123 -17.62 -19.62 5.57
N GLY B 124 -18.90 -19.32 5.26
CA GLY B 124 -20.05 -20.13 5.66
C GLY B 124 -19.98 -20.59 7.13
N LEU B 125 -19.58 -19.66 8.05
CA LEU B 125 -19.37 -19.96 9.47
C LEU B 125 -20.13 -18.97 10.35
N ASP B 126 -20.69 -19.46 11.46
CA ASP B 126 -21.21 -18.61 12.53
C ASP B 126 -20.32 -18.78 13.75
N ILE B 127 -19.66 -17.69 14.15
CA ILE B 127 -18.59 -17.77 15.12
C ILE B 127 -19.02 -17.05 16.40
N THR B 128 -18.79 -17.69 17.52
CA THR B 128 -19.10 -17.16 18.81
C THR B 128 -17.81 -17.03 19.60
N THR B 129 -17.55 -15.83 20.07
CA THR B 129 -16.44 -15.67 20.99
C THR B 129 -17.02 -15.19 22.29
N SER B 130 -16.84 -15.98 23.35
CA SER B 130 -17.22 -15.54 24.67
C SER B 130 -15.98 -15.23 25.50
N PHE B 131 -16.08 -14.20 26.33
CA PHE B 131 -14.94 -13.70 27.08
C PHE B 131 -15.40 -13.43 28.50
N VAL B 132 -14.63 -13.92 29.48
CA VAL B 132 -14.94 -13.73 30.89
C VAL B 132 -13.67 -13.36 31.62
N LYS B 133 -13.83 -12.49 32.61
CA LYS B 133 -12.76 -12.06 33.47
C LYS B 133 -13.00 -12.64 34.86
N ILE B 134 -11.92 -13.08 35.51
CA ILE B 134 -11.97 -13.75 36.79
C ILE B 134 -10.95 -13.05 37.69
N PRO B 135 -11.39 -12.25 38.69
CA PRO B 135 -10.46 -11.45 39.50
C PRO B 135 -9.71 -12.34 40.48
N GLY B 136 -8.54 -11.89 40.90
CA GLY B 136 -7.64 -12.65 41.75
C GLY B 136 -6.19 -12.21 41.57
N GLY B 137 -5.46 -12.16 42.69
CA GLY B 137 -4.03 -11.86 42.66
C GLY B 137 -3.79 -10.37 42.55
N ALA B 138 -2.53 -9.99 42.25
CA ALA B 138 -2.14 -8.58 42.30
C ALA B 138 -1.86 -8.03 40.89
N HIS B 139 -2.29 -8.77 39.85
CA HIS B 139 -1.88 -8.41 38.49
C HIS B 139 -3.08 -8.28 37.55
N GLY B 140 -4.26 -7.97 38.10
CA GLY B 140 -5.44 -7.68 37.29
C GLY B 140 -6.22 -8.95 36.91
N GLY B 141 -5.79 -10.09 37.46
CA GLY B 141 -6.61 -11.30 37.46
C GLY B 141 -6.42 -12.14 36.18
N SER B 142 -7.41 -12.98 35.91
CA SER B 142 -7.34 -14.03 34.90
C SER B 142 -8.50 -13.83 33.95
N TRP B 143 -8.50 -14.57 32.83
CA TRP B 143 -9.60 -14.49 31.89
C TRP B 143 -9.65 -15.77 31.06
N ALA B 144 -10.73 -15.92 30.31
CA ALA B 144 -10.94 -17.10 29.52
C ALA B 144 -11.82 -16.76 28.34
N ALA B 145 -11.60 -17.46 27.23
CA ALA B 145 -12.48 -17.29 26.08
C ALA B 145 -12.78 -18.65 25.47
N ARG B 146 -13.95 -18.76 24.86
CA ARG B 146 -14.30 -19.93 24.10
C ARG B 146 -14.58 -19.48 22.68
N ILE B 147 -13.91 -20.14 21.70
CA ILE B 147 -14.16 -19.90 20.30
C ILE B 147 -14.96 -21.08 19.75
N LYS B 148 -16.16 -20.79 19.26
CA LYS B 148 -17.01 -21.81 18.70
C LYS B 148 -17.36 -21.41 17.29
N GLY B 149 -17.19 -22.34 16.36
CA GLY B 149 -17.65 -22.16 15.00
C GLY B 149 -18.66 -23.22 14.59
N THR B 150 -19.65 -22.79 13.82
CA THR B 150 -20.72 -23.65 13.36
C THR B 150 -21.01 -23.34 11.90
N LEU B 151 -20.92 -24.35 11.03
CA LEU B 151 -21.22 -24.17 9.61
C LEU B 151 -22.69 -23.84 9.47
N ASN B 152 -23.01 -22.88 8.60
CA ASN B 152 -24.39 -22.63 8.22
C ASN B 152 -24.82 -23.71 7.21
N ASP B 153 -26.09 -23.68 6.83
CA ASP B 153 -26.66 -24.72 5.97
C ASP B 153 -25.98 -24.75 4.60
N ASP B 154 -25.59 -23.56 4.09
CA ASP B 154 -25.13 -23.42 2.70
C ASP B 154 -23.75 -24.07 2.51
N ALA B 155 -22.92 -24.04 3.56
CA ALA B 155 -21.53 -24.48 3.45
C ALA B 155 -21.47 -25.99 3.22
N PRO B 156 -20.43 -26.50 2.50
CA PRO B 156 -20.18 -27.94 2.43
C PRO B 156 -19.95 -28.47 3.83
N LYS B 157 -20.57 -29.60 4.15
CA LYS B 157 -20.62 -30.12 5.52
C LYS B 157 -19.24 -30.63 5.97
N ASP B 158 -18.30 -30.72 5.03
CA ASP B 158 -16.97 -31.22 5.34
C ASP B 158 -15.91 -30.15 5.08
N GLN B 159 -16.34 -28.88 5.06
CA GLN B 159 -15.44 -27.74 4.91
C GLN B 159 -14.31 -27.83 5.94
N LYS B 160 -13.08 -27.60 5.47
CA LYS B 160 -11.93 -27.54 6.37
C LYS B 160 -11.64 -26.06 6.69
N THR B 161 -11.62 -25.74 7.98
CA THR B 161 -11.40 -24.38 8.43
C THR B 161 -10.09 -24.31 9.21
N ILE B 162 -9.23 -23.34 8.84
CA ILE B 162 -8.04 -23.04 9.61
C ILE B 162 -8.39 -21.98 10.64
N VAL B 163 -7.87 -22.16 11.84
CA VAL B 163 -8.02 -21.22 12.92
C VAL B 163 -6.66 -20.97 13.55
N VAL B 164 -6.34 -19.68 13.74
CA VAL B 164 -5.06 -19.31 14.36
C VAL B 164 -5.33 -18.46 15.59
N PHE B 165 -4.62 -18.78 16.67
CA PHE B 165 -4.52 -17.92 17.80
C PHE B 165 -3.08 -17.41 17.90
N TYR B 166 -2.92 -16.10 17.76
CA TYR B 166 -1.63 -15.44 17.67
C TYR B 166 -1.35 -14.71 18.99
N VAL B 167 -0.17 -14.96 19.58
CA VAL B 167 0.19 -14.31 20.84
C VAL B 167 1.51 -13.60 20.63
N SER B 168 1.59 -12.35 21.09
CA SER B 168 2.86 -11.62 21.09
C SER B 168 3.07 -10.98 22.45
N GLN B 169 4.34 -10.67 22.78
CA GLN B 169 4.63 -9.99 24.02
C GLN B 169 5.79 -9.02 23.82
N GLU B 170 5.58 -7.76 24.21
CA GLU B 170 6.57 -6.72 24.05
C GLU B 170 7.06 -6.33 25.43
N GLY B 171 8.25 -5.76 25.49
CA GLY B 171 8.79 -5.24 26.72
C GLY B 171 10.09 -5.94 27.10
N GLU B 172 10.89 -5.28 27.95
CA GLU B 172 12.12 -5.87 28.44
C GLU B 172 11.82 -6.80 29.63
N ASN B 173 12.76 -7.72 29.90
CA ASN B 173 12.70 -8.59 31.07
C ASN B 173 11.36 -9.31 31.10
N SER B 174 11.03 -9.94 29.97
CA SER B 174 9.81 -10.71 29.86
C SER B 174 10.03 -11.93 28.96
N GLU B 175 9.45 -13.06 29.34
CA GLU B 175 9.67 -14.31 28.66
C GLU B 175 8.32 -14.88 28.29
N LEU B 176 8.28 -15.69 27.26
CA LEU B 176 7.09 -16.47 26.96
C LEU B 176 7.52 -17.73 26.21
N GLU B 177 7.02 -18.89 26.65
CA GLU B 177 7.61 -20.16 26.23
C GLU B 177 6.52 -21.19 26.11
N ALA B 178 6.38 -21.77 24.91
CA ALA B 178 5.52 -22.94 24.69
C ALA B 178 6.18 -24.19 25.28
N VAL B 179 5.43 -24.92 26.13
CA VAL B 179 5.86 -26.20 26.63
C VAL B 179 5.76 -27.22 25.49
N PRO B 180 6.88 -27.92 25.15
CA PRO B 180 6.86 -28.91 24.06
C PRO B 180 5.79 -29.96 24.26
N SER B 181 5.23 -30.45 23.15
CA SER B 181 4.33 -31.61 23.20
C SER B 181 5.14 -32.89 23.47
N GLU B 182 4.42 -33.95 23.86
CA GLU B 182 5.01 -35.28 24.04
C GLU B 182 5.17 -35.95 22.67
N ASN B 183 4.40 -35.51 21.66
CA ASN B 183 4.28 -36.20 20.38
C ASN B 183 5.21 -35.57 19.34
N GLU B 184 5.34 -36.24 18.19
CA GLU B 184 6.41 -35.96 17.24
C GLU B 184 6.13 -34.66 16.47
N PHE B 185 4.95 -34.57 15.85
CA PHE B 185 4.69 -33.57 14.82
C PHE B 185 3.79 -32.46 15.34
N GLY B 186 3.38 -32.55 16.62
CA GLY B 186 2.50 -31.55 17.23
C GLY B 186 1.81 -32.05 18.48
N TYR B 187 0.61 -31.51 18.76
CA TYR B 187 -0.07 -31.71 20.04
C TYR B 187 -1.40 -32.40 19.78
N GLU B 188 -1.67 -33.45 20.58
CA GLU B 188 -2.96 -34.14 20.62
C GLU B 188 -3.85 -33.48 21.66
N GLY B 189 -3.20 -32.83 22.65
CA GLY B 189 -3.90 -32.24 23.77
C GLY B 189 -3.84 -30.71 23.76
N ASP B 190 -3.52 -30.14 24.94
CA ASP B 190 -3.55 -28.71 25.17
C ASP B 190 -2.19 -28.13 24.81
N VAL B 191 -2.19 -26.86 24.37
CA VAL B 191 -0.98 -26.09 24.28
C VAL B 191 -0.88 -25.20 25.52
N ILE B 192 0.28 -25.26 26.16
CA ILE B 192 0.53 -24.45 27.32
C ILE B 192 1.68 -23.51 27.00
N LEU B 193 1.44 -22.20 27.17
CA LEU B 193 2.50 -21.21 27.16
C LEU B 193 2.70 -20.69 28.58
N LYS B 194 3.95 -20.72 29.05
CA LYS B 194 4.28 -20.12 30.33
C LYS B 194 5.07 -18.84 30.11
N GLY B 195 4.71 -17.77 30.81
CA GLY B 195 5.41 -16.50 30.64
C GLY B 195 5.55 -15.72 31.94
N ARG B 196 6.26 -14.61 31.84
CA ARG B 196 6.45 -13.72 32.98
C ARG B 196 6.72 -12.32 32.45
N SER B 197 6.17 -11.30 33.13
CA SER B 197 6.66 -9.94 32.94
C SER B 197 6.59 -9.17 34.25
N GLU B 198 7.25 -8.01 34.27
CA GLU B 198 7.19 -7.12 35.43
C GLU B 198 5.72 -6.79 35.71
N ALA B 199 4.97 -6.47 34.66
CA ALA B 199 3.61 -6.01 34.81
C ALA B 199 2.69 -7.15 35.23
N LEU B 200 2.86 -8.33 34.63
CA LEU B 200 1.85 -9.38 34.77
C LEU B 200 2.28 -10.42 35.81
N GLY B 201 3.54 -10.32 36.31
CA GLY B 201 4.15 -11.41 37.09
C GLY B 201 4.20 -12.71 36.26
N ASN B 202 4.04 -13.86 36.93
CA ASN B 202 3.99 -15.14 36.25
C ASN B 202 2.57 -15.43 35.84
N TYR B 203 2.43 -16.12 34.72
CA TYR B 203 1.13 -16.49 34.24
C TYR B 203 1.28 -17.67 33.32
N LYS B 204 0.15 -18.25 32.96
CA LYS B 204 0.04 -19.40 32.10
C LYS B 204 -1.10 -19.12 31.10
N LEU B 205 -0.86 -19.41 29.82
CA LEU B 205 -1.87 -19.24 28.80
C LEU B 205 -2.05 -20.56 28.07
N VAL B 206 -3.29 -21.05 28.05
CA VAL B 206 -3.55 -22.41 27.61
C VAL B 206 -4.53 -22.36 26.45
N VAL B 207 -4.20 -23.02 25.35
CA VAL B 207 -5.15 -23.25 24.27
C VAL B 207 -5.56 -24.71 24.32
N THR B 208 -6.85 -24.96 24.56
CA THR B 208 -7.31 -26.32 24.80
C THR B 208 -7.43 -27.07 23.48
N LYS B 209 -7.34 -28.41 23.59
CA LYS B 209 -7.48 -29.33 22.48
C LYS B 209 -8.73 -28.96 21.69
N GLY B 210 -9.81 -28.74 22.41
CA GLY B 210 -11.09 -28.39 21.83
C GLY B 210 -11.85 -29.63 21.35
N LYS B 211 -12.97 -29.39 20.69
CA LYS B 211 -13.83 -30.42 20.15
C LYS B 211 -14.04 -30.12 18.68
N GLY B 212 -14.28 -31.19 17.90
CA GLY B 212 -14.49 -31.11 16.47
C GLY B 212 -13.56 -32.07 15.73
N VAL B 213 -13.92 -32.42 14.49
CA VAL B 213 -13.17 -33.39 13.71
C VAL B 213 -11.89 -32.74 13.20
N ILE B 214 -10.76 -33.43 13.37
CA ILE B 214 -9.48 -33.04 12.79
C ILE B 214 -9.20 -33.89 11.54
N PRO B 215 -9.12 -33.28 10.33
CA PRO B 215 -8.91 -34.05 9.11
C PRO B 215 -7.53 -34.70 9.15
N GLN B 216 -7.42 -35.90 8.60
CA GLN B 216 -6.17 -36.62 8.60
C GLN B 216 -5.71 -36.81 7.16
N SER B 217 -4.39 -36.83 6.96
CA SER B 217 -3.87 -37.01 5.61
C SER B 217 -3.02 -38.29 5.53
N ASP B 218 -3.21 -39.05 4.46
CA ASP B 218 -2.40 -40.24 4.22
C ASP B 218 -1.45 -39.99 3.05
N HIS B 219 -1.33 -38.71 2.64
CA HIS B 219 -0.31 -38.28 1.70
C HIS B 219 1.08 -38.46 2.32
N ASP B 220 2.09 -38.62 1.45
CA ASP B 220 3.42 -38.95 1.89
C ASP B 220 4.04 -37.78 2.65
N LEU B 221 3.53 -36.56 2.43
CA LEU B 221 3.95 -35.37 3.16
C LEU B 221 3.81 -35.60 4.68
N SER B 222 2.84 -36.45 5.08
CA SER B 222 2.59 -36.76 6.48
C SER B 222 3.84 -37.31 7.17
N ARG B 223 4.80 -37.80 6.38
CA ARG B 223 5.98 -38.42 6.96
C ARG B 223 6.86 -37.33 7.60
N LEU B 224 6.72 -36.10 7.11
CA LEU B 224 7.55 -35.01 7.55
C LEU B 224 6.74 -34.02 8.40
N ARG B 225 5.42 -33.97 8.19
CA ARG B 225 4.59 -32.91 8.77
C ARG B 225 3.51 -33.52 9.66
N GLY B 226 3.48 -34.86 9.75
CA GLY B 226 2.51 -35.56 10.54
C GLY B 226 1.16 -35.68 9.81
N PRO B 227 0.27 -36.56 10.29
CA PRO B 227 -1.01 -36.79 9.62
C PRO B 227 -1.98 -35.61 9.74
N GLY B 228 -1.69 -34.69 10.71
CA GLY B 228 -2.56 -33.55 10.97
C GLY B 228 -2.88 -33.40 12.45
N GLN B 229 -2.57 -32.21 13.02
CA GLN B 229 -2.61 -31.98 14.45
C GLN B 229 -2.38 -30.50 14.75
N THR B 230 -2.73 -30.10 15.99
CA THR B 230 -2.41 -28.78 16.52
C THR B 230 -0.90 -28.58 16.46
N VAL B 231 -0.48 -27.37 16.08
CA VAL B 231 0.93 -27.02 16.08
C VAL B 231 1.12 -25.63 16.70
N VAL B 232 2.36 -25.36 17.08
CA VAL B 232 2.79 -24.09 17.63
C VAL B 232 4.10 -23.72 16.97
N GLN B 233 4.24 -22.46 16.58
CA GLN B 233 5.55 -21.91 16.22
C GLN B 233 5.90 -20.78 17.20
N SER B 234 7.09 -20.89 17.79
CA SER B 234 7.63 -19.89 18.68
C SER B 234 8.75 -19.14 17.98
N LEU B 235 8.57 -17.84 17.83
CA LEU B 235 9.39 -17.02 16.95
C LEU B 235 9.78 -15.78 17.71
N THR B 236 10.81 -15.10 17.20
CA THR B 236 11.24 -13.81 17.71
C THR B 236 11.23 -12.82 16.55
N TYR B 237 10.48 -11.72 16.71
CA TYR B 237 10.40 -10.64 15.74
C TYR B 237 10.81 -9.34 16.41
N PRO B 238 11.22 -8.29 15.66
CA PRO B 238 11.54 -7.00 16.29
C PRO B 238 10.23 -6.40 16.84
N ASP B 239 10.36 -5.56 17.88
CA ASP B 239 9.20 -5.05 18.59
C ASP B 239 8.23 -4.33 17.64
N GLU B 240 8.78 -3.63 16.62
CA GLU B 240 7.99 -2.68 15.83
C GLU B 240 7.04 -3.39 14.87
N VAL B 241 7.22 -4.71 14.67
CA VAL B 241 6.37 -5.40 13.71
C VAL B 241 5.45 -6.41 14.40
N LEU B 242 5.45 -6.45 15.75
CA LEU B 242 4.65 -7.47 16.44
C LEU B 242 3.18 -7.29 16.11
N TRP B 243 2.78 -6.06 15.73
CA TRP B 243 1.37 -5.81 15.49
C TRP B 243 0.94 -6.37 14.12
N GLN B 244 1.92 -6.60 13.22
CA GLN B 244 1.61 -7.05 11.86
C GLN B 244 1.38 -8.57 11.85
N ALA B 245 0.32 -9.01 12.52
CA ALA B 245 0.06 -10.42 12.77
C ALA B 245 -0.12 -11.20 11.46
N LYS B 246 -0.99 -10.72 10.57
CA LYS B 246 -1.39 -11.48 9.40
C LYS B 246 -0.21 -11.61 8.44
N PRO B 247 0.57 -10.52 8.20
CA PRO B 247 1.81 -10.63 7.42
C PRO B 247 2.81 -11.62 8.05
N ILE B 248 2.84 -11.69 9.38
CA ILE B 248 3.78 -12.58 10.03
C ILE B 248 3.33 -14.02 9.79
N LEU B 249 2.02 -14.25 9.90
CA LEU B 249 1.48 -15.55 9.59
C LEU B 249 1.83 -15.94 8.16
N PHE B 250 1.57 -15.05 7.21
CA PHE B 250 1.69 -15.39 5.81
C PHE B 250 3.14 -15.61 5.43
N GLN B 251 4.05 -14.91 6.10
CA GLN B 251 5.48 -15.12 5.93
C GLN B 251 5.85 -16.54 6.40
N GLN B 252 5.24 -16.98 7.52
CA GLN B 252 5.50 -18.30 8.07
C GLN B 252 4.90 -19.37 7.18
N LEU B 253 3.72 -19.11 6.61
CA LEU B 253 3.11 -20.07 5.71
C LEU B 253 3.95 -20.17 4.43
N LYS B 254 4.44 -19.01 3.94
CA LYS B 254 5.24 -18.93 2.74
C LYS B 254 6.50 -19.77 2.93
N ALA B 255 7.12 -19.66 4.11
CA ALA B 255 8.38 -20.32 4.33
C ALA B 255 8.15 -21.83 4.33
N GLY B 256 7.03 -22.24 4.94
CA GLY B 256 6.65 -23.63 5.04
C GLY B 256 6.42 -24.26 3.66
N ILE B 257 5.89 -23.46 2.74
CA ILE B 257 5.66 -23.93 1.38
C ILE B 257 7.00 -23.97 0.60
N ASP B 258 7.90 -23.02 0.87
CA ASP B 258 9.22 -23.01 0.24
C ASP B 258 10.01 -24.26 0.62
N TRP B 259 9.77 -24.75 1.83
CA TRP B 259 10.44 -25.89 2.44
C TRP B 259 10.10 -27.17 1.67
N LEU B 260 8.92 -27.20 1.05
CA LEU B 260 8.47 -28.36 0.29
C LEU B 260 9.49 -28.71 -0.79
N VAL B 261 10.06 -27.70 -1.44
CA VAL B 261 10.87 -27.92 -2.63
C VAL B 261 12.31 -28.31 -2.25
N GLU B 262 12.60 -28.35 -0.94
CA GLU B 262 13.95 -28.61 -0.46
C GLU B 262 13.97 -29.89 0.38
N ASN B 263 12.87 -30.65 0.32
CA ASN B 263 12.69 -31.74 1.29
C ASN B 263 12.05 -32.95 0.61
N LYS B 264 12.23 -34.11 1.26
CA LYS B 264 12.08 -35.40 0.62
C LYS B 264 10.67 -35.93 0.88
N TYR B 265 9.80 -35.84 -0.12
CA TYR B 265 8.51 -36.54 -0.09
C TYR B 265 8.03 -36.69 -1.54
N ASP B 266 7.12 -37.66 -1.79
CA ASP B 266 6.64 -37.94 -3.14
C ASP B 266 5.65 -36.83 -3.54
N VAL B 267 5.86 -36.22 -4.72
CA VAL B 267 5.06 -35.07 -5.15
C VAL B 267 4.24 -35.43 -6.37
N ALA B 268 4.11 -36.73 -6.62
CA ALA B 268 3.36 -37.22 -7.79
C ALA B 268 1.88 -36.92 -7.60
N ASP B 269 1.39 -37.06 -6.35
CA ASP B 269 -0.01 -36.88 -6.02
C ASP B 269 -0.20 -35.53 -5.31
N PRO B 270 -1.24 -34.74 -5.66
CA PRO B 270 -1.50 -33.45 -5.01
C PRO B 270 -1.85 -33.63 -3.53
N PRO B 271 -1.12 -32.98 -2.59
CA PRO B 271 -1.43 -33.09 -1.16
C PRO B 271 -2.67 -32.23 -0.84
N PRO B 272 -3.35 -32.44 0.31
CA PRO B 272 -4.54 -31.63 0.64
C PRO B 272 -4.12 -30.18 0.95
N PRO B 273 -4.85 -29.17 0.42
CA PRO B 273 -4.52 -27.77 0.68
C PRO B 273 -4.28 -27.47 2.17
N TRP B 274 -5.10 -28.07 3.05
CA TRP B 274 -5.00 -27.76 4.47
C TRP B 274 -3.62 -28.13 5.03
N GLN B 275 -3.03 -29.21 4.53
CA GLN B 275 -1.79 -29.73 5.11
C GLN B 275 -0.61 -28.90 4.64
N VAL B 276 -0.72 -28.39 3.41
CA VAL B 276 0.34 -27.55 2.85
C VAL B 276 0.38 -26.23 3.63
N TYR B 277 -0.78 -25.83 4.15
CA TYR B 277 -0.93 -24.60 4.93
C TYR B 277 -0.96 -24.90 6.43
N LEU B 278 -0.55 -26.10 6.82
CA LEU B 278 -0.35 -26.40 8.24
C LEU B 278 1.12 -26.21 8.58
N LEU B 279 1.41 -25.17 9.36
CA LEU B 279 2.76 -24.86 9.82
C LEU B 279 3.39 -26.12 10.44
N ALA B 280 4.72 -26.25 10.29
CA ALA B 280 5.54 -27.21 11.01
C ALA B 280 5.67 -26.79 12.47
N ASN B 281 5.63 -27.79 13.36
CA ASN B 281 5.63 -27.57 14.80
C ASN B 281 7.03 -27.18 15.28
N LYS B 282 7.15 -25.99 15.90
CA LYS B 282 8.43 -25.48 16.37
C LYS B 282 8.25 -24.71 17.69
N PRO B 283 7.70 -25.36 18.73
CA PRO B 283 7.50 -24.70 20.02
C PRO B 283 8.83 -24.43 20.68
N GLY B 284 8.90 -23.33 21.42
CA GLY B 284 10.09 -22.89 22.12
C GLY B 284 9.83 -21.57 22.85
N SER B 285 10.89 -20.88 23.17
CA SER B 285 10.81 -19.55 23.70
C SER B 285 10.67 -18.56 22.53
N GLY B 286 10.09 -17.38 22.81
CA GLY B 286 9.96 -16.33 21.79
C GLY B 286 8.98 -15.25 22.21
N ASN B 287 8.85 -14.18 21.39
CA ASN B 287 7.96 -13.07 21.68
C ASN B 287 6.75 -13.09 20.75
N VAL B 288 6.72 -14.09 19.86
CA VAL B 288 5.55 -14.39 19.04
C VAL B 288 5.31 -15.89 19.13
N HIS B 289 4.05 -16.27 19.30
CA HIS B 289 3.66 -17.66 19.31
C HIS B 289 2.41 -17.79 18.47
N ILE B 290 2.47 -18.73 17.50
CA ILE B 290 1.36 -18.98 16.60
C ILE B 290 0.83 -20.36 16.88
N VAL B 291 -0.39 -20.44 17.41
CA VAL B 291 -1.05 -21.71 17.62
C VAL B 291 -2.06 -21.92 16.50
N GLN B 292 -1.93 -23.04 15.79
CA GLN B 292 -2.77 -23.31 14.63
C GLN B 292 -3.47 -24.67 14.77
N LYS B 293 -4.72 -24.74 14.26
CA LYS B 293 -5.56 -25.92 14.29
C LYS B 293 -6.35 -26.00 12.99
N VAL B 294 -6.62 -27.22 12.54
CA VAL B 294 -7.47 -27.42 11.37
C VAL B 294 -8.67 -28.26 11.80
N PHE B 295 -9.86 -27.79 11.44
CA PHE B 295 -11.05 -28.54 11.76
C PHE B 295 -11.78 -28.87 10.48
N GLU B 296 -12.54 -29.98 10.53
CA GLU B 296 -13.51 -30.34 9.51
C GLU B 296 -14.90 -30.28 10.14
N GLY B 297 -15.77 -29.45 9.57
CA GLY B 297 -17.04 -29.13 10.18
C GLY B 297 -16.87 -28.23 11.42
N ASP B 298 -17.72 -28.46 12.43
CA ASP B 298 -17.90 -27.56 13.57
C ASP B 298 -16.78 -27.78 14.56
N PHE B 299 -16.39 -26.71 15.26
CA PHE B 299 -15.28 -26.78 16.16
C PHE B 299 -15.51 -25.83 17.32
N GLU B 300 -14.77 -26.06 18.39
CA GLU B 300 -14.75 -25.16 19.51
C GLU B 300 -13.50 -25.46 20.33
N PHE B 301 -12.89 -24.42 20.88
CA PHE B 301 -11.79 -24.59 21.82
C PHE B 301 -11.74 -23.39 22.74
N ASP B 302 -10.90 -23.46 23.78
CA ASP B 302 -10.86 -22.45 24.83
C ASP B 302 -9.46 -21.87 24.92
N ILE B 303 -9.37 -20.60 25.36
CA ILE B 303 -8.12 -20.01 25.80
C ILE B 303 -8.26 -19.71 27.26
N LEU B 304 -7.29 -20.15 28.05
CA LEU B 304 -7.37 -19.98 29.48
C LEU B 304 -6.13 -19.23 29.98
N PHE B 305 -6.33 -18.04 30.53
CA PHE B 305 -5.26 -17.21 31.07
C PHE B 305 -5.33 -17.24 32.59
N SER B 306 -4.32 -17.86 33.21
CA SER B 306 -4.23 -17.96 34.66
C SER B 306 -3.09 -17.06 35.18
N SER B 307 -3.46 -16.05 35.97
CA SER B 307 -2.45 -15.27 36.68
C SER B 307 -1.98 -16.06 37.88
N GLU B 308 -0.67 -16.25 38.00
CA GLU B 308 -0.15 -17.13 39.04
C GLU B 308 -0.55 -16.64 40.43
N SER B 309 -0.52 -15.31 40.63
CA SER B 309 -0.78 -14.70 41.94
C SER B 309 -2.25 -14.87 42.38
N ALA B 310 -3.12 -15.35 41.46
CA ALA B 310 -4.51 -15.66 41.83
C ALA B 310 -4.56 -16.98 42.61
N GLY B 311 -3.44 -17.71 42.59
CA GLY B 311 -3.31 -18.97 43.31
C GLY B 311 -4.35 -19.99 42.89
N LYS B 312 -4.99 -19.74 41.74
CA LYS B 312 -5.96 -20.66 41.17
C LYS B 312 -5.83 -20.62 39.66
N GLU B 313 -5.82 -21.80 39.05
CA GLU B 313 -5.75 -21.95 37.62
C GLU B 313 -7.17 -21.99 37.06
N VAL B 314 -7.41 -21.25 35.97
CA VAL B 314 -8.71 -21.15 35.35
C VAL B 314 -8.96 -22.43 34.55
N THR B 315 -10.20 -22.96 34.63
CA THR B 315 -10.53 -24.19 33.94
C THR B 315 -11.64 -23.89 32.94
N SER B 316 -11.92 -24.86 32.07
CA SER B 316 -13.04 -24.77 31.15
C SER B 316 -14.37 -24.68 31.90
N LYS B 317 -14.48 -25.40 33.03
CA LYS B 317 -15.71 -25.42 33.82
C LYS B 317 -15.93 -24.04 34.45
N ASP B 318 -14.83 -23.44 35.01
CA ASP B 318 -14.83 -22.05 35.50
C ASP B 318 -15.41 -21.11 34.43
N LEU B 319 -14.95 -21.29 33.18
CA LEU B 319 -15.33 -20.45 32.07
C LEU B 319 -16.83 -20.63 31.76
N GLU B 320 -17.31 -21.88 31.76
CA GLU B 320 -18.72 -22.17 31.45
C GLU B 320 -19.61 -21.56 32.53
N ARG B 321 -19.13 -21.59 33.77
CA ARG B 321 -19.88 -21.13 34.92
C ARG B 321 -19.98 -19.60 34.86
N GLU B 322 -18.86 -18.95 34.53
CA GLU B 322 -18.75 -17.50 34.60
C GLU B 322 -19.49 -16.85 33.42
N VAL B 323 -19.59 -17.57 32.31
CA VAL B 323 -20.32 -17.06 31.15
C VAL B 323 -21.80 -16.97 31.50
N LYS B 324 -22.33 -18.05 32.13
CA LYS B 324 -23.75 -18.13 32.53
C LYS B 324 -24.05 -17.04 33.57
N GLN B 325 -23.13 -16.87 34.52
CA GLN B 325 -23.28 -15.86 35.57
C GLN B 325 -23.30 -14.45 34.94
N ALA B 326 -22.34 -14.17 34.05
CA ALA B 326 -22.21 -12.85 33.46
C ALA B 326 -23.47 -12.48 32.64
N THR B 327 -24.05 -13.45 31.92
CA THR B 327 -25.23 -13.20 31.10
C THR B 327 -26.39 -12.81 32.00
N GLU B 328 -26.50 -13.47 33.15
CA GLU B 328 -27.64 -13.28 34.04
C GLU B 328 -27.51 -11.90 34.73
N VAL B 329 -26.31 -11.58 35.18
CA VAL B 329 -26.07 -10.28 35.80
C VAL B 329 -26.27 -9.17 34.76
N PHE B 330 -26.00 -9.47 33.49
CA PHE B 330 -26.07 -8.43 32.48
C PHE B 330 -27.51 -8.04 32.19
N GLY B 331 -28.39 -9.06 32.08
CA GLY B 331 -29.83 -8.86 31.92
C GLY B 331 -30.44 -7.98 33.04
N GLU B 332 -30.01 -8.25 34.28
CA GLU B 332 -30.51 -7.54 35.44
C GLU B 332 -30.10 -6.07 35.37
N ARG B 333 -28.82 -5.81 35.12
CA ARG B 333 -28.31 -4.45 35.10
C ARG B 333 -28.99 -3.67 33.98
N PHE B 334 -29.26 -4.34 32.87
CA PHE B 334 -29.78 -3.67 31.70
C PHE B 334 -31.21 -3.20 31.98
N ALA B 335 -31.96 -4.03 32.72
CA ALA B 335 -33.35 -3.78 33.03
C ALA B 335 -33.48 -2.56 33.96
N ARG B 336 -32.54 -2.40 34.91
CA ARG B 336 -32.49 -1.25 35.80
C ARG B 336 -32.03 0.00 35.04
N VAL B 337 -30.90 -0.11 34.32
CA VAL B 337 -30.17 1.06 33.83
C VAL B 337 -30.87 1.63 32.59
N PHE B 338 -31.37 0.73 31.74
CA PHE B 338 -32.04 1.16 30.52
C PHE B 338 -33.46 0.60 30.51
N ASP B 339 -34.30 1.21 31.36
CA ASP B 339 -35.70 0.86 31.51
C ASP B 339 -36.48 1.40 30.30
N LEU B 340 -36.60 0.56 29.27
CA LEU B 340 -37.22 1.00 28.03
C LEU B 340 -38.68 1.35 28.31
N LYS B 341 -39.08 2.55 27.87
CA LYS B 341 -40.39 3.08 28.17
C LYS B 341 -41.29 2.98 26.94
N ALA B 342 -42.61 3.12 27.15
CA ALA B 342 -43.58 3.03 26.05
C ALA B 342 -43.14 3.96 24.93
N PRO B 343 -43.21 3.52 23.65
CA PRO B 343 -43.80 2.23 23.29
C PRO B 343 -42.80 1.16 22.89
N PHE B 344 -41.63 1.16 23.53
CA PHE B 344 -40.55 0.27 23.11
C PHE B 344 -40.29 -0.78 24.19
N GLN B 345 -41.36 -1.16 24.88
CA GLN B 345 -41.26 -2.12 25.98
C GLN B 345 -41.20 -3.55 25.42
N GLY B 346 -41.41 -3.69 24.10
CA GLY B 346 -41.45 -4.99 23.43
C GLY B 346 -40.12 -5.75 23.53
N ASP B 347 -40.21 -7.10 23.39
CA ASP B 347 -39.05 -7.99 23.43
C ASP B 347 -38.08 -7.66 22.27
N ASN B 348 -38.65 -7.25 21.14
CA ASN B 348 -37.88 -6.90 19.95
C ASN B 348 -36.95 -5.72 20.27
N TYR B 349 -37.48 -4.76 21.03
CA TYR B 349 -36.76 -3.53 21.33
C TYR B 349 -35.72 -3.78 22.43
N LYS B 350 -36.04 -4.67 23.37
CA LYS B 350 -35.09 -5.03 24.41
C LYS B 350 -33.82 -5.61 23.77
N LYS B 351 -34.00 -6.47 22.75
CA LYS B 351 -32.88 -7.16 22.13
C LYS B 351 -32.06 -6.14 21.33
N PHE B 352 -32.77 -5.21 20.68
CA PHE B 352 -32.17 -4.12 19.92
C PHE B 352 -31.28 -3.29 20.85
N GLY B 353 -31.84 -2.87 21.97
CA GLY B 353 -31.14 -2.03 22.91
C GLY B 353 -29.90 -2.72 23.48
N LYS B 354 -30.02 -4.01 23.79
CA LYS B 354 -28.88 -4.76 24.35
C LYS B 354 -27.76 -4.83 23.32
N SER B 355 -28.14 -4.91 22.04
CA SER B 355 -27.18 -4.94 20.94
C SER B 355 -26.49 -3.59 20.77
N MET B 356 -27.28 -2.52 20.64
CA MET B 356 -26.78 -1.17 20.43
C MET B 356 -25.80 -0.79 21.54
N PHE B 357 -26.15 -1.09 22.77
CA PHE B 357 -25.34 -0.70 23.89
C PHE B 357 -24.10 -1.58 23.99
N SER B 358 -24.26 -2.90 23.77
CA SER B 358 -23.12 -3.82 23.93
C SER B 358 -22.05 -3.53 22.86
N ASN B 359 -22.50 -3.12 21.67
CA ASN B 359 -21.57 -2.76 20.62
C ASN B 359 -20.80 -1.51 21.01
N LEU B 360 -21.49 -0.55 21.65
CA LEU B 360 -20.87 0.70 22.06
C LEU B 360 -19.75 0.39 23.04
N ILE B 361 -20.08 -0.34 24.11
CA ILE B 361 -19.20 -0.47 25.27
C ILE B 361 -18.16 -1.55 24.97
N GLY B 362 -18.53 -2.47 24.07
CA GLY B 362 -17.63 -3.51 23.64
C GLY B 362 -16.58 -3.00 22.64
N GLY B 363 -16.81 -1.79 22.08
CA GLY B 363 -15.83 -1.15 21.21
C GLY B 363 -14.67 -0.45 21.96
N ILE B 364 -14.63 -0.54 23.30
CA ILE B 364 -13.58 0.20 24.01
C ILE B 364 -12.19 -0.40 23.66
N GLY B 365 -11.24 0.48 23.37
CA GLY B 365 -9.90 0.07 23.00
C GLY B 365 -8.86 0.73 23.89
N TYR B 366 -7.72 0.03 24.07
CA TYR B 366 -6.55 0.62 24.65
C TYR B 366 -5.52 0.81 23.56
N PHE B 367 -5.10 2.07 23.39
CA PHE B 367 -4.16 2.49 22.38
C PHE B 367 -2.89 3.05 23.03
N TYR B 368 -1.74 2.74 22.42
CA TYR B 368 -0.48 3.17 22.95
C TYR B 368 0.51 3.41 21.83
N GLY B 369 1.30 4.49 21.95
CA GLY B 369 2.30 4.80 20.96
C GLY B 369 2.43 6.30 20.70
N HIS B 370 3.14 6.63 19.61
CA HIS B 370 3.46 8.00 19.29
C HIS B 370 2.36 8.60 18.45
N SER B 371 2.27 9.92 18.49
CA SER B 371 1.32 10.68 17.74
C SER B 371 2.09 11.53 16.74
N LEU B 372 1.41 11.98 15.67
CA LEU B 372 2.03 12.88 14.70
C LEU B 372 1.50 14.33 14.85
N VAL B 373 2.39 15.24 15.27
CA VAL B 373 1.95 16.60 15.60
C VAL B 373 2.85 17.63 14.90
N ASP B 374 2.23 18.66 14.29
CA ASP B 374 2.97 19.82 13.79
C ASP B 374 3.10 20.86 14.91
N ARG B 375 4.32 20.99 15.46
CA ARG B 375 4.58 21.86 16.59
C ARG B 375 5.32 23.12 16.13
N SER B 376 5.15 23.49 14.85
CA SER B 376 5.86 24.65 14.33
C SER B 376 5.25 25.94 14.89
N TYR B 377 3.93 25.91 15.17
CA TYR B 377 3.13 27.11 15.46
C TYR B 377 3.43 28.19 14.43
N ALA B 378 3.41 27.80 13.15
CA ALA B 378 3.67 28.74 12.07
C ALA B 378 2.70 29.92 12.14
N PRO B 379 3.16 31.17 11.90
CA PRO B 379 2.26 32.34 11.81
C PRO B 379 1.08 32.19 10.83
N GLU B 380 1.23 31.38 9.80
CA GLU B 380 0.16 31.15 8.86
C GLU B 380 -1.05 30.54 9.59
N TYR B 381 -0.76 29.74 10.63
CA TYR B 381 -1.77 29.02 11.39
C TYR B 381 -2.70 29.97 12.19
N ASP B 382 -2.30 31.25 12.37
CA ASP B 382 -3.15 32.25 13.03
C ASP B 382 -4.35 32.60 12.14
N GLU B 383 -4.25 32.34 10.83
CA GLU B 383 -5.35 32.56 9.89
C GLU B 383 -5.81 34.03 9.94
N GLU B 384 -4.86 34.99 9.90
CA GLU B 384 -5.17 36.41 10.06
C GLU B 384 -5.64 37.07 8.75
N ASN B 385 -5.11 36.64 7.61
CA ASN B 385 -5.41 37.33 6.35
C ASN B 385 -6.46 36.55 5.58
N GLU B 386 -7.06 37.24 4.60
CA GLU B 386 -7.90 36.62 3.59
C GLU B 386 -7.09 35.57 2.82
N GLY B 387 -7.80 34.56 2.28
CA GLY B 387 -7.15 33.41 1.65
C GLY B 387 -6.16 32.70 2.60
N PHE B 388 -6.47 32.69 3.92
CA PHE B 388 -5.59 32.11 4.93
C PHE B 388 -5.38 30.61 4.67
N TRP B 389 -6.33 30.00 3.92
CA TRP B 389 -6.32 28.56 3.72
C TRP B 389 -5.14 28.17 2.80
N GLU B 390 -4.78 29.09 1.89
CA GLU B 390 -3.61 28.98 1.01
C GLU B 390 -2.32 29.15 1.82
N ASP B 391 -2.31 30.10 2.76
CA ASP B 391 -1.16 30.30 3.63
C ASP B 391 -0.90 29.03 4.46
N ALA B 392 -1.99 28.37 4.89
CA ALA B 392 -1.88 27.20 5.73
C ALA B 392 -1.32 26.03 4.92
N ALA B 393 -1.77 25.87 3.65
CA ALA B 393 -1.23 24.82 2.78
C ALA B 393 0.28 24.98 2.60
N GLU B 394 0.74 26.24 2.55
CA GLU B 394 2.17 26.53 2.43
C GLU B 394 2.90 26.06 3.68
N ALA B 395 2.38 26.45 4.84
CA ALA B 395 3.01 26.10 6.08
C ALA B 395 2.99 24.57 6.25
N ARG B 396 1.96 23.90 5.72
CA ARG B 396 1.89 22.44 5.80
C ARG B 396 2.94 21.81 4.86
N ALA B 397 3.29 22.51 3.78
CA ALA B 397 4.19 21.95 2.79
C ALA B 397 5.67 22.08 3.25
N ARG B 398 5.88 22.67 4.43
CA ARG B 398 7.22 22.71 5.02
C ARG B 398 7.45 21.49 5.93
N HIS B 399 6.39 20.66 6.07
CA HIS B 399 6.42 19.40 6.80
C HIS B 399 7.30 19.47 8.04
N GLN B 400 6.88 20.26 9.01
CA GLN B 400 7.55 20.33 10.31
C GLN B 400 7.04 19.24 11.29
N GLU B 401 6.01 18.50 10.90
CA GLU B 401 5.39 17.54 11.85
C GLU B 401 6.42 16.46 12.26
N ALA B 402 6.30 15.99 13.50
CA ALA B 402 7.15 14.92 14.02
C ALA B 402 6.34 14.04 14.94
N LEU B 403 6.77 12.77 15.06
CA LEU B 403 6.22 11.87 16.05
C LEU B 403 6.59 12.36 17.45
N GLU B 404 5.62 12.35 18.36
CA GLU B 404 5.89 12.64 19.78
C GLU B 404 5.10 11.66 20.63
N GLY B 405 5.39 11.64 21.93
CA GLY B 405 4.89 10.60 22.82
C GLY B 405 6.03 9.79 23.44
N PRO B 406 5.83 8.49 23.80
CA PRO B 406 4.60 7.76 23.47
C PRO B 406 3.42 8.17 24.37
N TYR B 407 2.20 7.92 23.89
CA TYR B 407 1.00 8.26 24.64
C TYR B 407 0.13 7.02 24.83
N GLU B 408 -0.81 7.10 25.78
CA GLU B 408 -1.83 6.07 25.91
C GLU B 408 -3.22 6.70 25.95
N LEU B 409 -4.22 5.92 25.53
CA LEU B 409 -5.60 6.32 25.55
C LEU B 409 -6.50 5.11 25.70
N PHE B 410 -7.41 5.21 26.68
CA PHE B 410 -8.45 4.24 26.91
C PHE B 410 -9.79 4.90 26.52
N THR B 411 -10.42 4.43 25.48
CA THR B 411 -11.57 5.16 24.96
C THR B 411 -12.44 4.21 24.14
N SER B 412 -13.74 4.52 24.03
CA SER B 412 -14.57 3.89 23.02
C SER B 412 -14.33 4.60 21.68
N ILE B 413 -14.95 4.08 20.60
CA ILE B 413 -14.57 4.40 19.23
C ILE B 413 -15.84 4.44 18.38
N PRO B 414 -15.85 5.19 17.26
CA PRO B 414 -17.05 5.29 16.41
C PRO B 414 -17.43 4.03 15.65
N SER B 415 -16.42 3.29 15.12
CA SER B 415 -16.68 2.18 14.19
C SER B 415 -15.49 1.20 14.17
N ARG B 416 -15.77 -0.07 14.48
CA ARG B 416 -14.69 -1.04 14.58
C ARG B 416 -13.97 -1.19 13.24
N PRO B 417 -14.72 -1.34 12.09
CA PRO B 417 -14.10 -1.47 10.79
C PRO B 417 -13.42 -0.21 10.24
N PHE B 418 -14.10 0.97 10.33
CA PHE B 418 -13.66 2.16 9.62
CA PHE B 418 -13.57 2.13 9.63
C PHE B 418 -12.89 3.13 10.57
N PHE B 419 -13.34 3.25 11.83
CA PHE B 419 -12.74 4.30 12.67
C PHE B 419 -12.31 3.75 14.04
N PRO B 420 -11.40 2.75 14.11
CA PRO B 420 -10.99 2.21 15.40
C PRO B 420 -9.92 3.09 16.04
N ARG B 421 -10.34 4.26 16.54
CA ARG B 421 -9.43 5.15 17.27
C ARG B 421 -10.25 6.23 17.98
N GLY B 422 -9.57 7.06 18.80
CA GLY B 422 -10.25 8.07 19.60
C GLY B 422 -10.60 9.32 18.77
N PHE B 423 -11.88 9.72 18.82
CA PHE B 423 -12.34 11.02 18.31
C PHE B 423 -12.94 11.85 19.45
N LEU B 424 -12.54 13.13 19.52
CA LEU B 424 -12.73 13.96 20.70
C LEU B 424 -14.22 14.23 20.94
N TRP B 425 -14.94 14.78 19.95
CA TRP B 425 -16.35 15.11 20.20
C TRP B 425 -17.24 13.88 20.17
N ASP B 426 -16.79 12.79 19.48
CA ASP B 426 -17.57 11.54 19.47
C ASP B 426 -17.66 10.98 20.89
N GLU B 427 -16.54 11.07 21.62
CA GLU B 427 -16.43 10.45 22.93
C GLU B 427 -17.48 11.06 23.88
N GLY B 428 -17.75 12.38 23.76
CA GLY B 428 -18.77 13.01 24.59
C GLY B 428 -20.11 12.29 24.44
N PHE B 429 -20.44 11.87 23.21
CA PHE B 429 -21.67 11.16 22.96
C PHE B 429 -21.56 9.72 23.46
N HIS B 430 -20.46 9.04 23.14
CA HIS B 430 -20.25 7.64 23.54
C HIS B 430 -20.48 7.46 25.05
N LEU B 431 -20.02 8.44 25.85
CA LEU B 431 -19.92 8.25 27.27
C LEU B 431 -21.27 8.47 27.95
N LEU B 432 -22.24 9.06 27.26
CA LEU B 432 -23.52 9.29 27.88
C LEU B 432 -24.16 7.97 28.32
N PRO B 433 -24.36 6.94 27.42
CA PRO B 433 -24.91 5.67 27.86
C PRO B 433 -23.93 4.91 28.75
N ILE B 434 -22.62 5.09 28.50
CA ILE B 434 -21.63 4.37 29.27
C ILE B 434 -21.65 4.88 30.73
N ALA B 435 -21.85 6.19 30.91
CA ALA B 435 -21.86 6.76 32.27
C ALA B 435 -23.03 6.22 33.05
N ASP B 436 -24.20 6.09 32.38
CA ASP B 436 -25.38 5.43 32.98
C ASP B 436 -25.01 4.01 33.49
N TRP B 437 -24.31 3.25 32.66
CA TRP B 437 -24.03 1.86 32.96
C TRP B 437 -23.01 1.75 34.08
N ASP B 438 -21.97 2.61 34.05
CA ASP B 438 -20.74 2.43 34.86
C ASP B 438 -20.01 3.78 34.90
N ILE B 439 -20.36 4.63 35.87
CA ILE B 439 -19.91 6.00 35.90
C ILE B 439 -18.40 6.02 36.13
N ASP B 440 -17.91 5.06 36.91
CA ASP B 440 -16.47 4.91 37.14
C ASP B 440 -15.69 4.63 35.82
N LEU B 441 -16.23 3.76 34.95
CA LEU B 441 -15.59 3.51 33.67
C LEU B 441 -15.52 4.82 32.89
N ALA B 442 -16.63 5.56 32.88
CA ALA B 442 -16.68 6.80 32.13
C ALA B 442 -15.67 7.81 32.68
N LEU B 443 -15.51 7.86 33.99
CA LEU B 443 -14.57 8.82 34.56
C LEU B 443 -13.13 8.42 34.23
N GLU B 444 -12.87 7.08 34.09
CA GLU B 444 -11.55 6.61 33.71
C GLU B 444 -11.24 7.07 32.29
N ILE B 445 -12.26 7.07 31.44
CA ILE B 445 -12.05 7.37 30.05
C ILE B 445 -11.82 8.88 29.91
N ILE B 446 -12.58 9.66 30.69
CA ILE B 446 -12.47 11.09 30.65
C ILE B 446 -11.10 11.50 31.13
N LYS B 447 -10.65 10.88 32.22
CA LYS B 447 -9.32 11.08 32.77
C LYS B 447 -8.24 10.69 31.73
N SER B 448 -8.48 9.61 30.98
CA SER B 448 -7.52 9.17 29.96
C SER B 448 -7.37 10.25 28.88
N TRP B 449 -8.49 10.79 28.40
CA TRP B 449 -8.49 11.87 27.41
C TRP B 449 -7.77 13.12 27.95
N TYR B 450 -8.13 13.54 29.17
CA TYR B 450 -7.62 14.80 29.69
C TYR B 450 -6.14 14.70 30.01
N ASN B 451 -5.66 13.46 30.25
CA ASN B 451 -4.24 13.20 30.42
C ASN B 451 -3.42 13.53 29.16
N LEU B 452 -4.05 13.62 28.00
CA LEU B 452 -3.33 13.92 26.76
C LEU B 452 -3.18 15.43 26.56
N MET B 453 -4.02 16.21 27.26
CA MET B 453 -4.00 17.66 27.12
C MET B 453 -2.57 18.20 27.34
N ASP B 454 -2.10 19.04 26.40
CA ASP B 454 -0.78 19.64 26.54
C ASP B 454 -0.86 20.86 27.45
N GLU B 455 0.25 21.57 27.58
CA GLU B 455 0.40 22.62 28.58
C GLU B 455 -0.41 23.86 28.19
N ASP B 456 -0.83 23.98 26.91
CA ASP B 456 -1.60 25.15 26.48
C ASP B 456 -3.11 24.87 26.65
N GLY B 457 -3.45 23.59 26.81
CA GLY B 457 -4.83 23.18 26.93
C GLY B 457 -5.38 22.54 25.67
N TRP B 458 -4.49 22.12 24.76
CA TRP B 458 -4.89 21.48 23.50
C TRP B 458 -4.94 19.96 23.67
N ILE B 459 -6.02 19.36 23.15
CA ILE B 459 -6.15 17.92 22.90
C ILE B 459 -6.48 17.76 21.42
N ALA B 460 -5.70 16.91 20.75
CA ALA B 460 -5.91 16.59 19.35
C ALA B 460 -7.27 15.94 19.16
N ARG B 461 -7.98 16.37 18.10
CA ARG B 461 -9.34 15.91 17.85
C ARG B 461 -9.35 14.41 17.51
N GLU B 462 -8.21 13.92 16.98
CA GLU B 462 -8.12 12.55 16.49
C GLU B 462 -6.85 11.91 17.04
N GLN B 463 -7.03 10.87 17.84
CA GLN B 463 -5.93 10.24 18.55
C GLN B 463 -5.54 8.97 17.82
N ILE B 464 -4.42 9.04 17.13
CA ILE B 464 -3.91 7.96 16.32
C ILE B 464 -2.60 7.54 16.96
N LEU B 465 -2.66 6.59 17.92
CA LEU B 465 -1.49 6.25 18.75
C LEU B 465 -0.90 4.90 18.32
N GLY B 466 0.33 4.95 17.80
CA GLY B 466 1.09 3.74 17.43
C GLY B 466 0.88 3.34 15.98
N ALA B 467 1.83 2.52 15.47
CA ALA B 467 1.87 2.17 14.05
C ALA B 467 0.62 1.36 13.67
N GLU B 468 0.15 0.51 14.59
CA GLU B 468 -1.07 -0.24 14.36
C GLU B 468 -2.26 0.68 14.02
N ALA B 469 -2.43 1.77 14.82
CA ALA B 469 -3.53 2.72 14.62
C ALA B 469 -3.30 3.51 13.33
N ARG B 470 -2.03 3.71 12.99
CA ARG B 470 -1.64 4.52 11.86
C ARG B 470 -1.92 3.80 10.54
N SER B 471 -1.93 2.47 10.58
CA SER B 471 -2.02 1.67 9.37
C SER B 471 -3.39 1.81 8.69
N LYS B 472 -4.37 2.37 9.39
CA LYS B 472 -5.71 2.46 8.87
C LYS B 472 -6.03 3.90 8.51
N VAL B 473 -5.03 4.77 8.61
CA VAL B 473 -5.28 6.20 8.38
C VAL B 473 -4.42 6.68 7.22
N PRO B 474 -5.05 7.17 6.13
CA PRO B 474 -4.32 7.80 5.03
C PRO B 474 -3.45 8.90 5.60
N LYS B 475 -2.25 9.08 4.99
CA LYS B 475 -1.21 9.92 5.57
C LYS B 475 -1.69 11.38 5.73
N GLU B 476 -2.46 11.87 4.77
CA GLU B 476 -2.88 13.26 4.78
C GLU B 476 -3.77 13.58 6.00
N PHE B 477 -4.37 12.56 6.61
CA PHE B 477 -5.20 12.80 7.80
C PHE B 477 -4.46 12.44 9.11
N GLN B 478 -3.16 12.11 9.03
CA GLN B 478 -2.50 11.66 10.26
C GLN B 478 -2.10 12.85 11.13
N THR B 479 -1.59 13.93 10.53
CA THR B 479 -0.96 14.99 11.32
C THR B 479 -2.00 15.75 12.14
N GLN B 480 -1.66 16.06 13.38
CA GLN B 480 -2.52 16.84 14.27
C GLN B 480 -1.95 18.24 14.45
N TYR B 481 -2.86 19.24 14.53
CA TYR B 481 -2.46 20.65 14.59
C TYR B 481 -2.95 21.28 15.87
N PRO B 482 -2.04 21.93 16.63
CA PRO B 482 -2.36 22.47 17.96
C PRO B 482 -3.35 23.66 17.99
N HIS B 483 -3.74 24.16 16.80
CA HIS B 483 -4.73 25.20 16.68
C HIS B 483 -6.11 24.64 16.30
N TYR B 484 -6.20 23.34 16.08
CA TYR B 484 -7.46 22.71 15.65
C TYR B 484 -8.27 22.22 16.87
N ALA B 485 -9.49 22.74 17.02
CA ALA B 485 -10.41 22.36 18.09
C ALA B 485 -11.36 21.27 17.59
N ASN B 486 -12.15 20.70 18.54
CA ASN B 486 -13.28 19.84 18.27
C ASN B 486 -14.38 20.21 19.29
N PRO B 487 -15.69 19.95 19.02
CA PRO B 487 -16.72 20.28 20.01
C PRO B 487 -16.43 19.60 21.34
N PRO B 488 -16.43 20.36 22.47
CA PRO B 488 -16.07 19.79 23.77
C PRO B 488 -17.23 19.05 24.45
N THR B 489 -17.73 17.99 23.79
CA THR B 489 -18.89 17.27 24.24
C THR B 489 -18.62 16.52 25.55
N LEU B 490 -17.33 16.33 25.92
CA LEU B 490 -17.07 15.57 27.16
C LEU B 490 -17.63 16.33 28.37
N PHE B 491 -17.90 17.63 28.20
CA PHE B 491 -18.50 18.44 29.26
C PHE B 491 -19.94 17.99 29.54
N LEU B 492 -20.63 17.43 28.49
CA LEU B 492 -22.00 16.97 28.63
C LEU B 492 -22.05 15.76 29.57
N VAL B 493 -21.03 14.90 29.53
CA VAL B 493 -20.95 13.77 30.44
C VAL B 493 -20.72 14.29 31.86
N LEU B 494 -19.82 15.26 32.00
CA LEU B 494 -19.54 15.82 33.32
C LEU B 494 -20.80 16.48 33.89
N ASP B 495 -21.62 17.11 33.03
CA ASP B 495 -22.87 17.68 33.48
C ASP B 495 -23.72 16.60 34.17
N ASN B 496 -23.82 15.41 33.56
CA ASN B 496 -24.61 14.32 34.13
C ASN B 496 -23.96 13.79 35.42
N PHE B 497 -22.63 13.72 35.44
CA PHE B 497 -21.95 13.28 36.63
C PHE B 497 -22.23 14.24 37.80
N VAL B 498 -22.18 15.55 37.52
CA VAL B 498 -22.38 16.54 38.58
C VAL B 498 -23.81 16.38 39.15
N GLU B 499 -24.82 16.24 38.25
CA GLU B 499 -26.21 16.09 38.65
C GLU B 499 -26.33 14.89 39.61
N ARG B 500 -25.67 13.79 39.25
CA ARG B 500 -25.72 12.54 40.00
C ARG B 500 -25.07 12.72 41.38
N LEU B 501 -23.98 13.48 41.43
CA LEU B 501 -23.28 13.75 42.67
C LEU B 501 -24.22 14.47 43.62
N ARG B 502 -24.95 15.46 43.08
CA ARG B 502 -25.76 16.40 43.86
C ARG B 502 -26.86 15.64 44.64
N LYS B 503 -27.50 14.64 43.98
CA LYS B 503 -28.62 13.89 44.56
C LYS B 503 -28.22 13.25 45.91
N THR B 520 -20.11 -2.55 44.46
CA THR B 520 -19.73 -2.55 43.02
C THR B 520 -18.81 -1.34 42.76
N LEU B 521 -17.72 -1.60 42.02
CA LEU B 521 -16.74 -0.58 41.68
C LEU B 521 -17.34 0.48 40.71
N SER B 522 -18.35 0.05 39.95
CA SER B 522 -19.02 0.87 38.95
C SER B 522 -19.43 2.25 39.48
N THR B 523 -19.87 2.30 40.75
CA THR B 523 -20.52 3.50 41.26
C THR B 523 -19.75 4.06 42.46
N ALA B 524 -18.51 3.60 42.68
CA ALA B 524 -17.84 3.93 43.93
C ALA B 524 -17.67 5.44 44.04
N SER B 525 -17.67 6.13 42.88
CA SER B 525 -17.44 7.57 42.82
C SER B 525 -18.66 8.37 43.27
N VAL B 526 -19.89 7.81 43.11
CA VAL B 526 -21.09 8.49 43.58
C VAL B 526 -21.49 7.96 44.97
N ASP B 527 -21.25 6.66 45.23
CA ASP B 527 -21.70 6.05 46.46
C ASP B 527 -21.08 6.78 47.65
N ASN B 528 -19.78 7.06 47.54
CA ASN B 528 -19.12 8.01 48.42
C ASN B 528 -18.86 9.27 47.63
N PRO B 529 -19.69 10.31 47.78
CA PRO B 529 -19.58 11.51 46.96
C PRO B 529 -18.28 12.29 47.19
N GLU B 530 -17.56 12.00 48.29
CA GLU B 530 -16.28 12.64 48.56
C GLU B 530 -15.24 12.18 47.53
N VAL B 531 -15.38 10.93 47.07
CA VAL B 531 -14.53 10.36 46.05
C VAL B 531 -14.79 11.06 44.72
N GLY B 532 -16.08 11.18 44.36
CA GLY B 532 -16.46 11.89 43.16
C GLY B 532 -15.94 13.33 43.18
N LEU B 533 -16.00 13.95 44.37
CA LEU B 533 -15.70 15.36 44.49
C LEU B 533 -14.19 15.58 44.35
N GLU B 534 -13.39 14.65 44.88
CA GLU B 534 -11.96 14.73 44.72
C GLU B 534 -11.59 14.59 43.25
N TYR B 535 -12.31 13.70 42.54
CA TYR B 535 -12.06 13.48 41.14
C TYR B 535 -12.28 14.79 40.39
N LEU B 536 -13.41 15.47 40.66
CA LEU B 536 -13.69 16.77 40.03
C LEU B 536 -12.62 17.77 40.43
N ARG B 537 -12.14 17.69 41.68
CA ARG B 537 -11.14 18.63 42.12
C ARG B 537 -9.87 18.49 41.28
N ARG B 538 -9.54 17.25 40.86
CA ARG B 538 -8.32 17.02 40.12
C ARG B 538 -8.49 17.43 38.66
N LEU B 539 -9.70 17.23 38.10
CA LEU B 539 -9.93 17.44 36.68
C LEU B 539 -10.18 18.93 36.39
N TYR B 540 -10.68 19.68 37.37
CA TYR B 540 -11.23 21.02 37.15
C TYR B 540 -10.18 21.99 36.56
N PRO B 541 -8.91 22.02 37.06
CA PRO B 541 -7.86 22.83 36.45
C PRO B 541 -7.64 22.54 34.96
N LEU B 542 -7.79 21.28 34.56
CA LEU B 542 -7.58 20.92 33.15
C LEU B 542 -8.77 21.40 32.29
N LEU B 543 -10.00 21.32 32.86
CA LEU B 543 -11.20 21.87 32.21
C LEU B 543 -11.01 23.36 31.99
N ARG B 544 -10.54 24.07 33.01
CA ARG B 544 -10.42 25.52 32.91
C ARG B 544 -9.35 25.87 31.86
N ARG B 545 -8.25 25.09 31.88
CA ARG B 545 -7.19 25.26 30.88
C ARG B 545 -7.75 25.07 29.47
N GLN B 546 -8.55 24.02 29.26
CA GLN B 546 -9.10 23.78 27.94
C GLN B 546 -9.96 24.96 27.54
N PHE B 547 -10.78 25.45 28.51
CA PHE B 547 -11.71 26.53 28.26
C PHE B 547 -10.93 27.80 27.87
N ASP B 548 -9.88 28.15 28.63
CA ASP B 548 -9.01 29.27 28.28
C ASP B 548 -8.47 29.09 26.86
N TRP B 549 -8.08 27.83 26.53
CA TRP B 549 -7.47 27.53 25.24
C TRP B 549 -8.45 27.85 24.08
N PHE B 550 -9.73 27.47 24.25
CA PHE B 550 -10.74 27.78 23.23
C PHE B 550 -10.82 29.29 23.05
N ARG B 551 -10.85 30.00 24.19
CA ARG B 551 -11.10 31.43 24.16
C ARG B 551 -9.94 32.17 23.51
N LYS B 552 -8.72 31.67 23.73
CA LYS B 552 -7.53 32.28 23.12
C LYS B 552 -7.43 31.90 21.63
N THR B 553 -7.48 30.59 21.31
CA THR B 553 -7.02 30.11 19.99
C THR B 553 -8.14 30.18 18.95
N GLN B 554 -9.41 30.23 19.39
CA GLN B 554 -10.52 30.22 18.44
C GLN B 554 -11.29 31.54 18.48
N ALA B 555 -10.66 32.61 18.99
CA ALA B 555 -11.33 33.91 19.13
C ALA B 555 -11.76 34.41 17.75
N GLY B 556 -12.95 35.01 17.67
CA GLY B 556 -13.36 35.75 16.49
C GLY B 556 -13.09 37.27 16.65
N ASP B 557 -13.27 38.01 15.54
CA ASP B 557 -12.88 39.41 15.48
C ASP B 557 -14.15 40.30 15.49
N ILE B 558 -14.30 41.07 16.56
CA ILE B 558 -15.32 42.10 16.64
C ILE B 558 -14.69 43.49 16.38
N LYS B 559 -13.57 43.78 17.09
CA LYS B 559 -13.04 45.14 17.25
C LYS B 559 -12.51 45.70 15.92
N SER B 560 -12.01 44.83 15.05
CA SER B 560 -11.32 45.29 13.86
C SER B 560 -12.29 45.55 12.68
N TYR B 561 -13.62 45.36 12.89
CA TYR B 561 -14.60 45.59 11.81
C TYR B 561 -15.71 46.54 12.28
N ASP B 562 -16.60 46.89 11.33
CA ASP B 562 -17.82 47.61 11.67
C ASP B 562 -18.84 46.63 12.24
N ARG B 563 -18.68 46.31 13.54
CA ARG B 563 -19.51 45.31 14.18
C ARG B 563 -19.99 45.84 15.52
N GLU B 564 -21.32 45.82 15.72
CA GLU B 564 -21.94 46.26 16.97
C GLU B 564 -22.41 45.04 17.75
N ALA B 565 -22.05 45.02 19.05
CA ALA B 565 -22.31 43.88 19.91
C ALA B 565 -22.26 44.32 21.36
N TYR B 566 -23.15 43.73 22.16
CA TYR B 566 -23.23 43.95 23.58
C TYR B 566 -21.85 43.71 24.23
N SER B 567 -21.10 42.69 23.77
CA SER B 567 -19.74 42.46 24.27
C SER B 567 -18.77 42.42 23.09
N THR B 568 -17.59 43.00 23.29
CA THR B 568 -16.59 43.04 22.24
C THR B 568 -15.59 41.89 22.44
N LYS B 569 -15.97 40.94 23.29
CA LYS B 569 -15.08 39.85 23.64
C LYS B 569 -15.66 38.51 23.11
N GLU B 570 -17.00 38.31 23.28
CA GLU B 570 -17.60 36.99 23.08
C GLU B 570 -17.91 36.78 21.60
N ALA B 571 -16.98 36.13 20.89
CA ALA B 571 -17.18 35.79 19.49
C ALA B 571 -16.06 34.87 19.05
N TYR B 572 -16.38 33.93 18.16
CA TYR B 572 -15.55 32.73 18.00
C TYR B 572 -15.52 32.29 16.55
N ARG B 573 -14.37 31.75 16.13
CA ARG B 573 -14.22 31.29 14.76
C ARG B 573 -13.41 29.99 14.74
N TRP B 574 -14.01 28.90 14.22
CA TRP B 574 -13.27 27.64 14.07
C TRP B 574 -12.01 27.91 13.23
N ARG B 575 -10.83 27.65 13.80
CA ARG B 575 -9.64 27.58 12.96
C ARG B 575 -9.71 26.32 12.06
N GLY B 576 -9.14 26.41 10.85
CA GLY B 576 -8.79 25.23 10.09
C GLY B 576 -9.81 24.92 8.99
N ARG B 577 -10.58 25.91 8.56
CA ARG B 577 -11.46 25.59 7.46
C ARG B 577 -10.78 25.76 6.12
N THR B 578 -11.30 25.03 5.14
CA THR B 578 -10.95 25.14 3.74
C THR B 578 -12.21 25.56 3.00
N VAL B 579 -12.13 25.69 1.68
CA VAL B 579 -13.18 26.34 0.93
C VAL B 579 -14.52 25.59 1.12
N SER B 580 -14.48 24.24 1.17
CA SER B 580 -15.70 23.45 1.12
C SER B 580 -15.93 22.64 2.42
N HIS B 581 -15.07 22.83 3.43
CA HIS B 581 -15.11 22.02 4.64
C HIS B 581 -14.87 22.87 5.89
N CYS B 582 -15.40 22.38 7.03
CA CYS B 582 -14.94 22.76 8.35
C CYS B 582 -14.91 21.52 9.25
N LEU B 583 -13.78 20.82 9.21
CA LEU B 583 -13.64 19.51 9.83
C LEU B 583 -13.59 19.64 11.36
N THR B 584 -12.98 20.74 11.84
CA THR B 584 -12.79 20.93 13.26
C THR B 584 -14.15 21.06 13.97
N SER B 585 -15.14 21.60 13.25
CA SER B 585 -16.45 21.79 13.81
C SER B 585 -17.12 20.47 14.05
N GLY B 586 -16.71 19.43 13.27
CA GLY B 586 -17.33 18.10 13.35
C GLY B 586 -18.44 17.91 12.32
N LEU B 587 -19.01 19.01 11.81
CA LEU B 587 -20.02 18.91 10.77
C LEU B 587 -19.34 19.23 9.44
N ASP B 588 -18.72 18.20 8.85
CA ASP B 588 -17.58 18.33 7.95
C ASP B 588 -17.88 19.33 6.84
N ASP B 589 -19.02 19.15 6.14
CA ASP B 589 -19.27 19.81 4.87
C ASP B 589 -20.53 20.64 4.97
N TYR B 590 -20.92 20.96 6.18
CA TYR B 590 -22.08 21.81 6.35
C TYR B 590 -21.74 23.19 5.78
N PRO B 591 -22.62 23.78 4.94
CA PRO B 591 -22.28 25.01 4.23
C PRO B 591 -21.97 26.20 5.18
N ARG B 592 -20.85 26.88 4.89
CA ARG B 592 -20.35 27.97 5.71
C ARG B 592 -20.23 29.21 4.82
N PRO B 593 -19.93 30.42 5.40
CA PRO B 593 -19.67 31.60 4.58
C PRO B 593 -18.65 31.28 3.49
N GLN B 594 -18.98 31.64 2.24
CA GLN B 594 -18.05 31.53 1.12
C GLN B 594 -17.72 32.94 0.62
N PRO B 595 -16.44 33.31 0.49
CA PRO B 595 -15.34 32.40 0.79
C PRO B 595 -15.08 32.44 2.30
N PRO B 596 -14.25 31.52 2.84
CA PRO B 596 -13.75 31.66 4.22
C PRO B 596 -13.05 33.00 4.39
N HIS B 597 -13.13 33.56 5.59
CA HIS B 597 -12.65 34.90 5.85
C HIS B 597 -12.22 34.98 7.32
N PRO B 598 -11.19 35.77 7.66
CA PRO B 598 -10.79 35.93 9.07
C PRO B 598 -11.87 36.63 9.88
N GLY B 599 -12.88 37.16 9.18
CA GLY B 599 -13.94 37.90 9.83
C GLY B 599 -15.17 37.04 10.14
N GLU B 600 -15.13 35.74 9.74
CA GLU B 600 -16.22 34.81 10.03
C GLU B 600 -16.47 34.72 11.53
N LEU B 601 -17.73 34.45 11.91
CA LEU B 601 -18.08 33.95 13.24
C LEU B 601 -18.99 32.74 13.09
N HIS B 602 -18.71 31.70 13.91
CA HIS B 602 -19.51 30.48 13.90
C HIS B 602 -20.37 30.38 15.18
N VAL B 603 -21.67 30.21 14.97
CA VAL B 603 -22.65 30.22 16.05
C VAL B 603 -22.57 28.90 16.83
N ASP B 604 -22.24 27.80 16.13
CA ASP B 604 -22.09 26.52 16.82
C ASP B 604 -20.95 26.62 17.84
N LEU B 605 -19.84 27.24 17.42
CA LEU B 605 -18.69 27.35 18.28
C LEU B 605 -19.03 28.22 19.49
N MET B 606 -19.79 29.31 19.26
CA MET B 606 -20.17 30.13 20.41
C MET B 606 -21.07 29.33 21.35
N SER B 607 -21.93 28.46 20.77
CA SER B 607 -22.80 27.62 21.62
C SER B 607 -21.98 26.70 22.54
N TRP B 608 -20.87 26.14 22.02
CA TRP B 608 -20.04 25.20 22.77
C TRP B 608 -19.26 25.94 23.87
N VAL B 609 -18.87 27.19 23.61
CA VAL B 609 -18.25 27.96 24.69
C VAL B 609 -19.29 28.17 25.79
N GLY B 610 -20.54 28.40 25.37
CA GLY B 610 -21.68 28.42 26.28
C GLY B 610 -21.77 27.16 27.15
N VAL B 611 -21.73 25.96 26.51
CA VAL B 611 -21.84 24.69 27.21
C VAL B 611 -20.73 24.60 28.27
N MET B 612 -19.55 25.04 27.89
CA MET B 612 -18.38 24.87 28.73
C MET B 612 -18.52 25.74 29.96
N VAL B 613 -18.87 27.02 29.74
CA VAL B 613 -18.97 27.94 30.86
C VAL B 613 -20.07 27.50 31.84
N LYS B 614 -21.19 26.97 31.31
CA LYS B 614 -22.25 26.46 32.19
C LYS B 614 -21.75 25.31 33.07
N SER B 615 -20.98 24.36 32.50
CA SER B 615 -20.41 23.26 33.29
C SER B 615 -19.46 23.78 34.36
N LEU B 616 -18.62 24.75 33.98
CA LEU B 616 -17.61 25.26 34.90
C LEU B 616 -18.30 25.95 36.08
N ILE B 617 -19.41 26.64 35.81
CA ILE B 617 -20.21 27.27 36.87
C ILE B 617 -20.66 26.21 37.89
N SER B 618 -21.24 25.10 37.40
CA SER B 618 -21.73 24.03 38.28
C SER B 618 -20.57 23.43 39.05
N ILE B 619 -19.48 23.12 38.34
CA ILE B 619 -18.41 22.35 38.93
C ILE B 619 -17.67 23.26 39.90
N GLY B 620 -17.37 24.50 39.45
CA GLY B 620 -16.74 25.51 40.28
C GLY B 620 -17.51 25.69 41.60
N SER B 621 -18.83 25.82 41.49
CA SER B 621 -19.71 26.02 42.63
C SER B 621 -19.63 24.82 43.59
N LEU B 622 -19.53 23.62 43.03
CA LEU B 622 -19.47 22.40 43.81
C LEU B 622 -18.17 22.37 44.62
N LEU B 623 -17.13 23.04 44.09
CA LEU B 623 -15.77 22.97 44.61
C LEU B 623 -15.47 24.20 45.46
N GLY B 624 -16.41 25.17 45.48
CA GLY B 624 -16.26 26.42 46.22
C GLY B 624 -15.28 27.40 45.54
N ALA B 625 -15.19 27.33 44.22
CA ALA B 625 -14.29 28.21 43.47
C ALA B 625 -14.94 29.58 43.26
N THR B 626 -15.09 30.36 44.34
CA THR B 626 -15.91 31.58 44.36
C THR B 626 -15.27 32.68 43.54
N GLU B 627 -13.95 32.63 43.43
CA GLU B 627 -13.19 33.59 42.64
C GLU B 627 -13.56 33.51 41.15
N ASP B 628 -13.81 32.28 40.65
CA ASP B 628 -14.10 32.08 39.23
C ASP B 628 -15.54 32.49 38.90
N VAL B 629 -16.42 32.51 39.94
CA VAL B 629 -17.86 32.68 39.76
C VAL B 629 -18.12 34.00 39.03
N GLU B 630 -17.44 35.06 39.47
CA GLU B 630 -17.61 36.40 38.90
C GLU B 630 -17.37 36.35 37.39
N PHE B 631 -16.29 35.63 36.99
CA PHE B 631 -15.82 35.60 35.63
C PHE B 631 -16.76 34.75 34.75
N TYR B 632 -17.08 33.53 35.20
CA TYR B 632 -17.90 32.63 34.41
C TYR B 632 -19.24 33.29 34.12
N THR B 633 -19.79 33.93 35.17
CA THR B 633 -21.08 34.61 35.15
C THR B 633 -21.07 35.76 34.12
N LYS B 634 -19.97 36.50 34.04
CA LYS B 634 -19.84 37.57 33.04
C LYS B 634 -19.81 36.98 31.62
N VAL B 635 -18.96 35.94 31.41
CA VAL B 635 -18.82 35.30 30.11
C VAL B 635 -20.21 34.77 29.64
N LEU B 636 -20.90 34.05 30.53
CA LEU B 636 -22.17 33.46 30.16
C LEU B 636 -23.15 34.55 29.76
N ASP B 637 -23.26 35.60 30.58
CA ASP B 637 -24.15 36.72 30.23
C ASP B 637 -23.79 37.27 28.84
N ALA B 638 -22.49 37.43 28.58
CA ALA B 638 -22.01 38.05 27.35
C ALA B 638 -22.36 37.20 26.13
N ILE B 639 -22.17 35.88 26.28
CA ILE B 639 -22.51 34.94 25.20
C ILE B 639 -23.99 35.04 24.89
N GLU B 640 -24.83 35.02 25.92
CA GLU B 640 -26.28 35.04 25.74
C GLU B 640 -26.71 36.24 24.90
N HIS B 641 -26.09 37.41 25.15
CA HIS B 641 -26.35 38.63 24.38
C HIS B 641 -25.78 38.55 22.96
N ASN B 642 -24.50 38.13 22.84
CA ASN B 642 -23.84 38.18 21.55
C ASN B 642 -24.47 37.17 20.57
N LEU B 643 -25.01 36.07 21.11
CA LEU B 643 -25.71 35.10 20.27
C LEU B 643 -26.79 35.81 19.47
N ASP B 644 -27.48 36.75 20.13
CA ASP B 644 -28.55 37.53 19.52
C ASP B 644 -27.96 38.59 18.59
N ASP B 645 -27.02 39.41 19.10
CA ASP B 645 -26.49 40.53 18.32
C ASP B 645 -25.81 40.04 17.04
N LEU B 646 -25.02 38.95 17.12
CA LEU B 646 -24.13 38.59 16.04
C LEU B 646 -24.70 37.47 15.18
N HIS B 647 -25.64 36.66 15.70
CA HIS B 647 -25.98 35.43 14.98
C HIS B 647 -27.49 35.33 14.69
N TRP B 648 -28.31 36.11 15.41
CA TRP B 648 -29.76 35.95 15.23
C TRP B 648 -30.23 36.77 14.02
N SER B 649 -30.94 36.10 13.10
CA SER B 649 -31.50 36.71 11.91
C SER B 649 -33.01 36.81 12.05
N GLU B 650 -33.50 38.04 12.23
CA GLU B 650 -34.92 38.25 12.35
C GLU B 650 -35.62 37.87 11.03
N LYS B 651 -34.96 38.16 9.91
CA LYS B 651 -35.50 37.79 8.60
C LYS B 651 -35.84 36.29 8.56
N GLU B 652 -34.86 35.44 8.93
CA GLU B 652 -34.97 34.00 8.67
C GLU B 652 -35.58 33.27 9.88
N GLY B 653 -35.61 33.93 11.05
CA GLY B 653 -36.12 33.31 12.28
C GLY B 653 -35.30 32.09 12.71
N CYS B 654 -33.97 32.23 12.66
CA CYS B 654 -33.01 31.23 13.14
C CYS B 654 -31.63 31.87 13.27
N TYR B 655 -30.71 31.16 13.95
CA TYR B 655 -29.32 31.59 14.09
C TYR B 655 -28.56 31.27 12.80
N CYS B 656 -27.51 32.07 12.54
CA CYS B 656 -26.69 31.90 11.34
C CYS B 656 -25.25 32.25 11.68
N ASP B 657 -24.32 31.60 10.95
CA ASP B 657 -22.92 32.04 10.88
C ASP B 657 -22.86 33.48 10.31
N ALA B 658 -21.77 34.20 10.62
CA ALA B 658 -21.55 35.55 10.11
C ALA B 658 -20.21 35.63 9.37
N THR B 659 -20.13 36.55 8.39
CA THR B 659 -18.85 36.89 7.76
C THR B 659 -18.67 38.40 7.75
N ILE B 660 -17.51 38.83 7.29
CA ILE B 660 -17.33 40.13 6.67
C ILE B 660 -17.34 39.91 5.18
N ASP B 661 -18.31 40.52 4.49
CA ASP B 661 -18.45 40.36 3.04
C ASP B 661 -17.40 41.22 2.34
N GLU B 662 -17.49 41.29 1.01
CA GLU B 662 -16.47 41.93 0.18
C GLU B 662 -16.47 43.45 0.38
N PHE B 663 -17.54 43.99 0.95
CA PHE B 663 -17.67 45.42 1.12
C PHE B 663 -17.26 45.86 2.54
N GLU B 664 -16.64 44.91 3.28
CA GLU B 664 -16.18 45.12 4.68
C GLU B 664 -17.36 45.21 5.65
N GLU B 665 -18.51 44.58 5.29
CA GLU B 665 -19.73 44.65 6.09
C GLU B 665 -20.01 43.31 6.80
N HIS B 666 -20.44 43.41 8.09
CA HIS B 666 -21.02 42.31 8.85
C HIS B 666 -22.29 41.81 8.16
N LYS B 667 -22.29 40.51 7.84
CA LYS B 667 -23.38 39.89 7.12
C LYS B 667 -23.66 38.50 7.69
N LEU B 668 -24.94 38.17 7.85
CA LEU B 668 -25.33 36.83 8.24
C LEU B 668 -25.45 35.96 7.00
N VAL B 669 -25.03 34.70 7.13
CA VAL B 669 -25.18 33.72 6.09
C VAL B 669 -26.01 32.57 6.63
N CYS B 670 -27.26 32.49 6.17
CA CYS B 670 -28.21 31.58 6.77
C CYS B 670 -28.40 30.38 5.87
N HIS B 671 -28.11 29.22 6.44
CA HIS B 671 -28.40 27.95 5.81
C HIS B 671 -29.16 27.11 6.82
N LYS B 672 -30.48 27.10 6.66
CA LYS B 672 -31.35 26.48 7.64
C LYS B 672 -31.00 25.00 7.77
N GLY B 673 -30.71 24.56 9.01
CA GLY B 673 -30.23 23.23 9.28
C GLY B 673 -29.75 23.13 10.72
N TYR B 674 -28.94 22.09 11.02
CA TYR B 674 -28.49 21.85 12.39
C TYR B 674 -27.84 23.11 12.98
N ILE B 675 -26.97 23.76 12.20
CA ILE B 675 -26.21 24.89 12.71
C ILE B 675 -27.19 25.95 13.24
N SER B 676 -28.34 26.05 12.57
CA SER B 676 -29.35 27.09 12.78
C SER B 676 -29.99 26.95 14.16
N LEU B 677 -29.91 25.73 14.73
CA LEU B 677 -30.61 25.36 15.97
C LEU B 677 -29.66 25.38 17.17
N PHE B 678 -28.39 25.73 16.96
CA PHE B 678 -27.33 25.27 17.85
C PHE B 678 -27.52 25.78 19.28
N PRO B 679 -27.83 27.08 19.49
CA PRO B 679 -28.06 27.59 20.85
C PRO B 679 -29.17 26.81 21.56
N PHE B 680 -30.09 26.22 20.77
CA PHE B 680 -31.15 25.40 21.33
C PHE B 680 -30.60 24.01 21.70
N LEU B 681 -29.92 23.35 20.74
CA LEU B 681 -29.38 22.01 20.92
C LEU B 681 -28.46 21.95 22.15
N THR B 682 -27.85 23.07 22.50
CA THR B 682 -26.86 23.08 23.56
C THR B 682 -27.48 23.59 24.85
N GLY B 683 -28.75 24.03 24.79
CA GLY B 683 -29.51 24.32 26.01
C GLY B 683 -29.17 25.70 26.60
N LEU B 684 -29.05 26.72 25.73
CA LEU B 684 -28.69 28.06 26.17
C LEU B 684 -29.92 28.95 26.25
N LEU B 685 -31.02 28.54 25.59
CA LEU B 685 -32.24 29.33 25.48
C LEU B 685 -33.16 29.04 26.66
N LYS B 686 -33.66 30.11 27.29
CA LYS B 686 -34.66 30.00 28.34
C LYS B 686 -35.98 29.48 27.73
N PRO B 687 -36.85 28.79 28.51
CA PRO B 687 -38.20 28.40 28.03
C PRO B 687 -39.16 29.51 27.57
N ASP B 688 -38.92 30.76 28.02
CA ASP B 688 -39.81 31.87 27.70
C ASP B 688 -39.30 32.66 26.49
N SER B 689 -38.25 32.17 25.83
CA SER B 689 -37.60 32.90 24.75
C SER B 689 -38.46 32.91 23.48
N PRO B 690 -38.77 34.10 22.94
CA PRO B 690 -39.47 34.18 21.65
C PRO B 690 -38.66 33.55 20.51
N LYS B 691 -37.33 33.56 20.64
CA LYS B 691 -36.46 32.93 19.64
C LYS B 691 -36.68 31.42 19.64
N LEU B 692 -36.85 30.85 20.84
CA LEU B 692 -37.11 29.42 21.00
C LEU B 692 -38.30 28.99 20.15
N GLY B 693 -39.39 29.77 20.19
CA GLY B 693 -40.61 29.45 19.46
C GLY B 693 -40.36 29.31 17.96
N LYS B 694 -39.51 30.19 17.42
CA LYS B 694 -39.24 30.23 15.99
C LYS B 694 -38.45 28.99 15.58
N LEU B 695 -37.49 28.58 16.44
CA LEU B 695 -36.68 27.39 16.20
C LEU B 695 -37.55 26.11 16.28
N LEU B 696 -38.59 26.12 17.14
CA LEU B 696 -39.53 25.00 17.22
C LEU B 696 -40.35 24.90 15.94
N ALA B 697 -40.74 26.06 15.38
CA ALA B 697 -41.51 26.08 14.12
C ALA B 697 -40.68 25.47 13.00
N LEU B 698 -39.39 25.80 12.97
CA LEU B 698 -38.48 25.33 11.92
C LEU B 698 -38.21 23.83 12.10
N ILE B 699 -37.97 23.41 13.35
CA ILE B 699 -37.70 22.01 13.67
C ILE B 699 -38.87 21.16 13.19
N GLY B 700 -40.11 21.66 13.44
CA GLY B 700 -41.32 20.86 13.21
C GLY B 700 -41.85 20.97 11.78
N ASP B 701 -41.17 21.78 10.95
CA ASP B 701 -41.63 22.12 9.62
C ASP B 701 -41.22 21.02 8.63
N GLU B 702 -42.23 20.29 8.12
CA GLU B 702 -42.06 19.14 7.23
C GLU B 702 -41.33 19.54 5.94
N SER B 703 -41.46 20.82 5.53
CA SER B 703 -40.88 21.30 4.28
C SER B 703 -39.44 21.77 4.48
N GLU B 704 -39.02 21.83 5.76
CA GLU B 704 -37.69 22.30 6.13
C GLU B 704 -36.87 21.13 6.69
N LEU B 705 -37.00 20.88 8.02
CA LEU B 705 -36.11 19.95 8.72
C LEU B 705 -36.81 18.62 9.03
N TRP B 706 -38.15 18.67 9.22
CA TRP B 706 -38.90 17.54 9.78
C TRP B 706 -39.16 16.47 8.71
N SER B 707 -38.25 15.49 8.60
CA SER B 707 -38.46 14.31 7.81
C SER B 707 -39.28 13.29 8.62
N PRO B 708 -39.84 12.23 7.97
CA PRO B 708 -40.44 11.11 8.71
C PRO B 708 -39.42 10.31 9.53
N TYR B 709 -38.12 10.57 9.29
CA TYR B 709 -37.06 9.73 9.81
C TYR B 709 -36.24 10.46 10.87
N GLY B 710 -36.61 11.72 11.11
CA GLY B 710 -35.91 12.57 12.07
C GLY B 710 -35.53 13.88 11.41
N LEU B 711 -34.80 14.72 12.14
CA LEU B 711 -34.40 16.02 11.63
C LEU B 711 -33.33 15.84 10.57
N ARG B 712 -33.55 16.46 9.38
CA ARG B 712 -32.57 16.59 8.32
C ARG B 712 -31.46 17.54 8.78
N SER B 713 -30.21 17.30 8.31
CA SER B 713 -29.07 18.13 8.71
C SER B 713 -29.19 19.50 8.08
N LEU B 714 -29.71 19.55 6.85
CA LEU B 714 -29.89 20.77 6.09
C LEU B 714 -31.33 20.80 5.60
N SER B 715 -31.89 22.02 5.50
CA SER B 715 -33.26 22.23 5.06
C SER B 715 -33.41 21.85 3.59
N LYS B 716 -34.60 21.33 3.23
CA LYS B 716 -34.92 20.96 1.85
C LYS B 716 -34.90 22.20 0.94
N LYS B 717 -35.20 23.36 1.54
CA LYS B 717 -35.29 24.61 0.81
C LYS B 717 -33.90 25.22 0.62
N ASP B 718 -32.88 24.71 1.33
CA ASP B 718 -31.55 25.27 1.20
C ASP B 718 -30.98 24.92 -0.16
N GLU B 719 -30.28 25.89 -0.75
CA GLU B 719 -29.69 25.74 -2.06
C GLU B 719 -28.67 24.61 -2.05
N PHE B 720 -28.10 24.30 -0.87
CA PHE B 720 -27.04 23.30 -0.80
C PHE B 720 -27.58 21.89 -0.50
N TYR B 721 -28.89 21.79 -0.26
CA TYR B 721 -29.51 20.50 0.04
C TYR B 721 -29.10 19.47 -1.00
N GLY B 722 -28.46 18.38 -0.56
CA GLY B 722 -28.18 17.22 -1.39
C GLY B 722 -26.85 17.34 -2.13
N THR B 723 -26.28 18.56 -2.19
CA THR B 723 -25.16 18.85 -3.07
C THR B 723 -23.90 18.12 -2.59
N ALA B 724 -22.88 18.09 -3.47
CA ALA B 724 -21.52 17.66 -3.14
C ALA B 724 -21.51 16.22 -2.63
N GLU B 725 -20.74 15.99 -1.56
CA GLU B 725 -20.64 14.66 -0.96
C GLU B 725 -21.85 14.43 -0.07
N ASN B 726 -22.61 15.50 0.23
CA ASN B 726 -23.92 15.37 0.89
C ASN B 726 -23.77 14.61 2.21
N TYR B 727 -22.76 14.98 3.00
CA TYR B 727 -22.44 14.31 4.25
C TYR B 727 -23.31 14.91 5.36
N TRP B 728 -23.28 16.24 5.45
CA TRP B 728 -24.06 16.94 6.45
C TRP B 728 -25.05 17.88 5.76
N ARG B 729 -25.43 17.56 4.50
CA ARG B 729 -26.23 18.44 3.66
C ARG B 729 -27.64 17.88 3.38
N SER B 730 -28.07 16.88 4.16
CA SER B 730 -29.46 16.42 4.12
C SER B 730 -29.70 15.30 5.16
N PRO B 731 -28.74 14.36 5.32
CA PRO B 731 -29.00 13.14 6.05
C PRO B 731 -29.28 13.34 7.54
N VAL B 732 -29.92 12.32 8.14
CA VAL B 732 -30.30 12.33 9.54
C VAL B 732 -29.12 11.77 10.35
N TRP B 733 -28.65 12.57 11.33
CA TRP B 733 -27.58 12.13 12.21
C TRP B 733 -28.12 11.99 13.63
N ILE B 734 -27.71 10.93 14.32
CA ILE B 734 -28.38 10.53 15.55
C ILE B 734 -27.90 11.39 16.73
N ASN B 735 -26.64 11.87 16.66
CA ASN B 735 -26.08 12.66 17.76
C ASN B 735 -26.83 13.98 17.86
N ILE B 736 -27.02 14.65 16.72
CA ILE B 736 -27.66 15.95 16.72
C ILE B 736 -29.14 15.79 17.04
N ASN B 737 -29.71 14.65 16.60
CA ASN B 737 -31.12 14.36 16.87
C ASN B 737 -31.31 14.09 18.36
N TYR B 738 -30.32 13.40 18.97
CA TYR B 738 -30.33 13.13 20.41
C TYR B 738 -30.36 14.45 21.18
N LEU B 739 -29.47 15.39 20.79
CA LEU B 739 -29.47 16.72 21.43
C LEU B 739 -30.86 17.35 21.32
N ALA B 740 -31.54 17.19 20.17
CA ALA B 740 -32.81 17.87 19.94
C ALA B 740 -33.87 17.29 20.87
N ILE B 741 -33.91 15.96 20.94
CA ILE B 741 -34.85 15.21 21.73
C ILE B 741 -34.70 15.61 23.20
N VAL B 742 -33.45 15.65 23.67
CA VAL B 742 -33.18 16.01 25.06
C VAL B 742 -33.73 17.41 25.34
N GLN B 743 -33.45 18.36 24.44
CA GLN B 743 -33.80 19.76 24.69
C GLN B 743 -35.32 19.98 24.56
N LEU B 744 -36.00 19.16 23.70
CA LEU B 744 -37.46 19.20 23.59
C LEU B 744 -38.08 18.73 24.91
N TYR B 745 -37.54 17.63 25.47
CA TYR B 745 -38.01 17.07 26.72
C TYR B 745 -37.91 18.11 27.86
N ASN B 746 -36.83 18.90 27.83
CA ASN B 746 -36.60 19.89 28.87
C ASN B 746 -37.70 20.96 28.83
N ILE B 747 -38.10 21.36 27.61
CA ILE B 747 -39.08 22.40 27.44
C ILE B 747 -40.46 21.88 27.85
N ALA B 748 -40.71 20.59 27.58
CA ALA B 748 -42.01 19.97 27.68
C ALA B 748 -42.38 19.74 29.15
N THR B 749 -41.40 19.90 30.05
CA THR B 749 -41.57 19.53 31.44
C THR B 749 -41.35 20.75 32.33
N GLN B 750 -41.54 21.94 31.79
CA GLN B 750 -41.64 23.12 32.63
C GLN B 750 -42.66 24.10 32.06
N ASP B 751 -43.03 25.08 32.89
CA ASP B 751 -44.09 26.03 32.57
C ASP B 751 -43.59 26.95 31.47
N GLY B 752 -44.45 27.23 30.50
CA GLY B 752 -44.20 28.32 29.57
C GLY B 752 -44.97 28.19 28.27
N PRO B 753 -44.87 29.19 27.37
CA PRO B 753 -45.61 29.19 26.12
C PRO B 753 -45.48 27.97 25.22
N TYR B 754 -44.28 27.32 25.21
CA TYR B 754 -43.99 26.30 24.18
C TYR B 754 -44.08 24.88 24.75
N LYS B 755 -44.62 24.75 25.98
CA LYS B 755 -44.55 23.50 26.70
C LYS B 755 -45.26 22.41 25.87
N GLU B 756 -46.46 22.74 25.37
CA GLU B 756 -47.26 21.81 24.58
C GLU B 756 -46.56 21.50 23.26
N THR B 757 -46.03 22.54 22.59
CA THR B 757 -45.37 22.37 21.29
C THR B 757 -44.18 21.44 21.46
N ALA B 758 -43.42 21.63 22.55
CA ALA B 758 -42.22 20.85 22.81
C ALA B 758 -42.58 19.38 23.09
N ARG B 759 -43.67 19.16 23.87
CA ARG B 759 -44.14 17.82 24.24
C ARG B 759 -44.50 17.02 22.98
N ASP B 760 -45.21 17.66 22.05
CA ASP B 760 -45.66 17.05 20.81
C ASP B 760 -44.44 16.66 19.98
N LEU B 761 -43.52 17.61 19.79
CA LEU B 761 -42.37 17.35 18.96
C LEU B 761 -41.51 16.26 19.60
N TYR B 762 -41.35 16.32 20.94
CA TYR B 762 -40.50 15.36 21.61
C TYR B 762 -41.00 13.95 21.34
N THR B 763 -42.32 13.75 21.50
CA THR B 763 -42.93 12.44 21.42
C THR B 763 -42.73 11.87 20.01
N ARG B 764 -42.88 12.74 19.03
CA ARG B 764 -42.93 12.33 17.64
C ARG B 764 -41.51 12.07 17.12
N LEU B 765 -40.56 12.92 17.55
CA LEU B 765 -39.17 12.78 17.09
C LEU B 765 -38.55 11.53 17.74
N ARG B 766 -38.88 11.30 19.01
CA ARG B 766 -38.45 10.10 19.68
C ARG B 766 -38.84 8.89 18.85
N LYS B 767 -40.15 8.79 18.50
CA LYS B 767 -40.68 7.64 17.74
C LYS B 767 -39.96 7.53 16.39
N ASN B 768 -39.92 8.64 15.66
CA ASN B 768 -39.30 8.62 14.34
C ASN B 768 -37.86 8.06 14.44
N ILE B 769 -37.04 8.64 15.35
CA ILE B 769 -35.61 8.28 15.42
C ILE B 769 -35.45 6.81 15.81
N VAL B 770 -36.11 6.37 16.90
CA VAL B 770 -35.94 5.01 17.36
C VAL B 770 -36.34 4.04 16.25
N GLU B 771 -37.43 4.39 15.54
CA GLU B 771 -38.01 3.53 14.53
C GLU B 771 -37.02 3.35 13.38
N THR B 772 -36.34 4.43 12.97
CA THR B 772 -35.50 4.35 11.80
C THR B 772 -34.25 3.52 12.08
N VAL B 773 -33.71 3.65 13.30
CA VAL B 773 -32.52 2.90 13.65
C VAL B 773 -32.89 1.44 13.88
N TYR B 774 -34.06 1.22 14.51
CA TYR B 774 -34.56 -0.12 14.79
C TYR B 774 -34.83 -0.88 13.50
N ARG B 775 -35.59 -0.25 12.57
CA ARG B 775 -36.03 -0.92 11.35
C ARG B 775 -34.79 -1.33 10.52
N ASN B 776 -33.80 -0.44 10.50
CA ASN B 776 -32.59 -0.68 9.72
C ASN B 776 -31.78 -1.81 10.34
N TRP B 777 -31.83 -1.92 11.67
CA TRP B 777 -31.01 -2.90 12.36
C TRP B 777 -31.63 -4.29 12.21
N GLU B 778 -32.97 -4.34 12.15
CA GLU B 778 -33.68 -5.57 11.81
C GLU B 778 -33.20 -6.08 10.46
N GLU B 779 -33.20 -5.19 9.45
CA GLU B 779 -33.00 -5.57 8.06
C GLU B 779 -31.53 -5.81 7.74
N THR B 780 -30.61 -5.08 8.40
CA THR B 780 -29.21 -5.12 7.99
C THR B 780 -28.36 -5.74 9.08
N GLY B 781 -28.82 -5.61 10.35
CA GLY B 781 -28.06 -6.04 11.52
C GLY B 781 -26.96 -5.04 11.96
N PHE B 782 -26.97 -3.81 11.38
CA PHE B 782 -25.97 -2.80 11.72
C PHE B 782 -26.62 -1.53 12.23
N ALA B 783 -25.90 -0.87 13.13
CA ALA B 783 -26.06 0.56 13.33
C ALA B 783 -25.34 1.31 12.20
N TRP B 784 -25.94 2.39 11.70
CA TRP B 784 -25.33 3.16 10.61
C TRP B 784 -24.83 4.52 11.09
N GLU B 785 -23.83 5.08 10.37
CA GLU B 785 -23.31 6.44 10.63
C GLU B 785 -24.41 7.48 10.45
N GLN B 786 -25.29 7.28 9.42
CA GLN B 786 -26.35 8.23 9.10
C GLN B 786 -27.49 7.53 8.39
N TYR B 787 -28.60 8.25 8.22
CA TYR B 787 -29.82 7.68 7.69
C TYR B 787 -30.37 8.60 6.61
N ASN B 788 -30.95 8.00 5.57
CA ASN B 788 -31.46 8.71 4.41
C ASN B 788 -32.75 9.42 4.79
N PRO B 789 -32.89 10.73 4.52
CA PRO B 789 -34.09 11.47 4.92
C PRO B 789 -35.35 11.21 4.06
N GLU B 790 -35.16 10.57 2.89
CA GLU B 790 -36.26 10.35 1.94
C GLU B 790 -36.80 8.91 2.09
N THR B 791 -35.90 7.96 2.34
CA THR B 791 -36.28 6.55 2.45
C THR B 791 -36.19 6.08 3.90
N GLY B 792 -35.25 6.66 4.64
CA GLY B 792 -34.97 6.23 6.00
C GLY B 792 -33.96 5.08 6.05
N LYS B 793 -33.26 4.83 4.93
CA LYS B 793 -32.30 3.74 4.86
C LYS B 793 -30.96 4.18 5.48
N GLY B 794 -30.34 3.27 6.24
CA GLY B 794 -28.96 3.42 6.67
C GLY B 794 -28.03 3.69 5.49
N GLN B 795 -27.15 4.68 5.66
CA GLN B 795 -26.20 5.13 4.63
C GLN B 795 -24.82 5.27 5.27
N ARG B 796 -23.80 5.42 4.41
CA ARG B 796 -22.42 5.63 4.83
C ARG B 796 -21.92 4.46 5.65
N THR B 797 -21.06 4.76 6.63
CA THR B 797 -20.29 3.72 7.32
C THR B 797 -21.18 2.90 8.29
N GLN B 798 -20.97 1.57 8.25
CA GLN B 798 -21.73 0.61 9.05
C GLN B 798 -20.96 0.30 10.32
N HIS B 799 -21.64 -0.32 11.29
CA HIS B 799 -21.07 -0.60 12.60
C HIS B 799 -20.73 0.69 13.33
N PHE B 800 -21.62 1.66 13.27
CA PHE B 800 -21.30 2.97 13.83
C PHE B 800 -21.79 3.03 15.27
N THR B 801 -20.98 2.51 16.20
CA THR B 801 -21.40 2.46 17.58
C THR B 801 -20.24 2.90 18.48
N GLY B 802 -19.95 4.21 18.48
CA GLY B 802 -20.56 5.17 17.57
C GLY B 802 -21.83 5.75 18.18
N TRP B 803 -22.05 7.07 17.96
CA TRP B 803 -23.04 7.77 18.72
C TRP B 803 -24.46 7.29 18.38
N THR B 804 -24.58 6.45 17.35
CA THR B 804 -25.88 5.89 16.96
C THR B 804 -26.47 5.06 18.11
N SER B 805 -25.60 4.60 19.00
CA SER B 805 -26.02 3.83 20.16
C SER B 805 -26.81 4.71 21.14
N LEU B 806 -26.84 6.04 20.89
CA LEU B 806 -27.54 6.95 21.78
C LEU B 806 -29.04 6.58 21.83
N VAL B 807 -29.51 5.77 20.86
CA VAL B 807 -30.91 5.37 20.74
C VAL B 807 -31.37 4.70 22.02
N VAL B 808 -30.46 3.95 22.68
CA VAL B 808 -30.75 3.29 23.92
C VAL B 808 -31.29 4.28 24.94
N LYS B 809 -30.63 5.45 25.06
CA LYS B 809 -31.09 6.47 26.00
C LYS B 809 -32.40 7.09 25.50
N ILE B 810 -32.52 7.27 24.18
CA ILE B 810 -33.74 7.78 23.62
C ILE B 810 -34.93 6.88 24.03
N MET B 811 -34.72 5.55 24.06
CA MET B 811 -35.78 4.61 24.40
C MET B 811 -36.10 4.65 25.91
N SER B 812 -35.08 4.97 26.71
CA SER B 812 -35.14 4.85 28.16
C SER B 812 -35.86 6.06 28.78
N GLY B 813 -35.84 7.19 28.06
CA GLY B 813 -36.40 8.45 28.55
C GLY B 813 -35.45 9.16 29.50
N HIS B 814 -35.86 10.35 29.96
CA HIS B 814 -35.02 11.17 30.83
C HIS B 814 -35.71 11.33 32.18
N1 W9Y C . 22.20 1.93 -10.93
N3 W9Y C . 21.12 -4.67 -5.86
C4 W9Y C . 22.47 3.48 -12.87
C5 W9Y C . 22.71 2.05 -12.31
C6 W9Y C . 21.90 1.05 -13.18
C7 W9Y C . 19.64 0.42 -14.03
C8 W9Y C . 23.20 1.67 -10.00
C10 W9Y C . 22.26 0.29 -8.03
C13 W9Y C . 23.77 -2.57 -6.47
C15 W9Y C . 24.69 -5.92 -5.73
C17 W9Y C . 23.18 -7.78 -6.14
C20 W9Y C . 23.09 -11.30 -7.11
C21 W9Y C . 23.68 -9.99 -7.18
C1 W9Y C . 20.43 1.46 -13.16
C11 W9Y C . 23.11 -0.12 -6.80
C12 W9Y C . 22.73 -1.47 -6.16
C14 W9Y C . 23.60 -5.03 -5.70
C16 W9Y C . 24.48 -7.29 -5.95
C18 W9Y C . 22.10 -6.91 -6.12
C19 W9Y C . 22.29 -5.54 -5.88
C2 W9Y C . 20.19 2.90 -13.68
C3 W9Y C . 20.99 3.90 -12.81
C9 W9Y C . 23.06 0.30 -9.34
N2 W9Y C . 23.84 -3.59 -5.42
N4 W9Y C . 22.94 -9.20 -6.38
N5 W9Y C . 21.97 -9.92 -5.84
N6 W9Y C . 22.03 -11.18 -6.28
O1 W9Y C . 20.22 0.43 -15.35
O2 W9Y C . 19.99 1.47 -11.82
O3 W9Y C . 18.83 3.16 -13.54
O4 W9Y C . 20.87 5.20 -13.39
O5 W9Y C . 23.25 4.42 -12.25
O6 W9Y C . 19.98 -5.04 -6.65
O7 W9Y C . 21.13 -3.49 -5.09
C1 NAG D . -5.38 -7.37 -22.56
C2 NAG D . -6.59 -6.67 -21.84
C3 NAG D . -6.72 -7.25 -20.41
C4 NAG D . -7.29 -8.65 -20.56
C5 NAG D . -6.26 -9.46 -21.40
C6 NAG D . -6.89 -10.22 -22.60
C7 NAG D . -7.53 -4.52 -21.44
C8 NAG D . -7.30 -3.27 -20.61
N2 NAG D . -6.46 -5.23 -21.74
O3 NAG D . -7.47 -6.39 -19.50
O4 NAG D . -7.51 -9.28 -19.28
O5 NAG D . -5.09 -8.62 -21.82
O6 NAG D . -8.28 -9.88 -22.73
O7 NAG D . -8.64 -4.91 -21.80
S SO4 E . 4.23 -13.38 -5.07
O1 SO4 E . 4.62 -11.99 -5.11
O2 SO4 E . 4.85 -14.08 -6.18
O3 SO4 E . 4.66 -13.96 -3.84
O4 SO4 E . 2.83 -13.48 -5.17
S SO4 F . 6.44 -43.76 -27.41
O1 SO4 F . 6.86 -42.37 -27.56
O2 SO4 F . 6.10 -44.28 -28.71
O3 SO4 F . 5.28 -43.84 -26.54
O4 SO4 F . 7.54 -44.54 -26.84
S SO4 G . 22.41 15.80 -41.87
O1 SO4 G . 22.87 15.51 -43.20
O2 SO4 G . 22.17 17.23 -41.73
O3 SO4 G . 23.42 15.38 -40.92
O4 SO4 G . 21.18 15.07 -41.62
S SO4 H . -7.64 -21.36 -14.48
O1 SO4 H . -7.83 -20.32 -15.47
O2 SO4 H . -6.30 -21.85 -14.55
O3 SO4 H . -7.88 -20.81 -13.16
O4 SO4 H . -8.56 -22.43 -14.73
S SO4 I . 11.94 -34.61 -34.58
O1 SO4 I . 11.42 -34.21 -35.86
O2 SO4 I . 13.09 -35.46 -34.75
O3 SO4 I . 12.32 -33.44 -33.83
O4 SO4 I . 10.91 -35.34 -33.86
S SO4 J . 6.25 -32.59 -38.60
O1 SO4 J . 6.69 -31.52 -39.47
O2 SO4 J . 7.20 -33.67 -38.65
O3 SO4 J . 6.15 -32.11 -37.23
O4 SO4 J . 4.96 -33.06 -39.03
S SO4 K . 4.00 1.01 -7.70
O1 SO4 K . 4.94 1.58 -8.61
O2 SO4 K . 3.37 -0.15 -8.31
O3 SO4 K . 2.97 2.00 -7.37
O4 SO4 K . 4.69 0.58 -6.50
S SO4 L . 9.94 -13.60 -0.68
O1 SO4 L . 10.24 -13.04 -1.95
O2 SO4 L . 11.11 -14.29 -0.17
O3 SO4 L . 9.56 -12.56 0.24
O4 SO4 L . 8.84 -14.55 -0.81
S SO4 M . 26.56 7.28 1.93
O1 SO4 M . 26.72 7.57 0.54
O2 SO4 M . 27.82 6.86 2.48
O3 SO4 M . 26.10 8.46 2.63
O4 SO4 M . 25.59 6.22 2.09
S SO4 N . 19.94 33.74 -21.85
O1 SO4 N . 19.01 33.84 -22.95
O2 SO4 N . 21.01 34.69 -22.04
O3 SO4 N . 19.27 34.03 -20.61
O4 SO4 N . 20.49 32.42 -21.80
C1 GOL O . 16.63 -12.25 1.09
O1 GOL O . 15.58 -12.85 1.85
C2 GOL O . 18.00 -12.43 1.75
O2 GOL O . 18.77 -13.42 1.05
C3 GOL O . 18.80 -11.14 1.87
O3 GOL O . 19.97 -11.16 1.06
N1 W9Y P . -16.19 12.51 9.83
N3 W9Y P . -10.32 7.68 7.39
C4 W9Y P . -18.14 13.04 11.04
C5 W9Y P . -17.41 11.94 10.28
C6 W9Y P . -17.03 10.77 11.22
C7 W9Y P . -15.88 10.01 13.36
C8 W9Y P . -15.99 12.18 8.43
C10 W9Y P . -14.21 11.25 6.91
C13 W9Y P . -10.64 10.66 5.73
C15 W9Y P . -10.62 7.70 3.54
C17 W9Y P . -9.69 5.62 4.36
C20 W9Y P . -7.97 2.40 4.55
C21 W9Y P . -8.43 3.61 5.15
C1 W9Y P . -16.21 11.23 12.45
C11 W9Y P . -12.85 10.56 7.02
C12 W9Y P . -11.63 11.43 6.64
C14 W9Y P . -10.71 8.20 4.85
C16 W9Y P . -10.11 6.43 3.29
C18 W9Y P . -9.79 6.11 5.65
C19 W9Y P . -10.28 7.36 5.93
C2 W9Y P . -16.97 12.36 13.22
C3 W9Y P . -17.28 13.56 12.24
C9 W9Y P . -14.92 11.15 8.26
N2 W9Y P . -11.29 9.55 5.02
N4 W9Y P . -9.09 4.30 4.18
N5 W9Y P . -9.02 3.61 3.06
N6 W9Y P . -8.37 2.46 3.26
O1 W9Y P . -17.08 9.29 13.54
O2 W9Y P . -14.98 11.75 12.08
O3 W9Y P . -16.15 12.85 14.25
O4 W9Y P . -18.07 14.49 12.96
O5 W9Y P . -18.55 14.08 10.18
O6 W9Y P . -10.24 9.01 7.93
O7 W9Y P . -10.38 6.57 8.29
C1 BTB Q . 14.32 -15.94 11.58
O1 BTB Q . 15.15 -14.92 12.11
C2 BTB Q . 13.04 -16.21 12.44
C3 BTB Q . 12.72 -17.74 12.36
O3 BTB Q . 13.81 -18.52 12.78
C4 BTB Q . 13.31 -15.77 13.95
O4 BTB Q . 12.25 -16.12 14.82
N BTB Q . 11.82 -15.48 11.85
C5 BTB Q . 11.55 -14.05 12.25
C6 BTB Q . 12.77 -13.13 12.35
O6 BTB Q . 13.07 -12.59 11.10
C7 BTB Q . 11.33 -15.94 10.52
C8 BTB Q . 11.78 -15.06 9.32
O8 BTB Q . 13.17 -14.85 9.36
S SO4 R . 4.95 3.96 17.43
O1 SO4 R . 4.17 5.17 17.23
O2 SO4 R . 6.13 4.05 16.64
O3 SO4 R . 5.31 3.86 18.81
O4 SO4 R . 4.20 2.78 17.05
S SO4 S . 0.42 -33.71 23.74
O1 SO4 S . 1.63 -33.37 24.46
O2 SO4 S . 0.75 -33.95 22.35
O3 SO4 S . -0.55 -32.59 23.82
O4 SO4 S . -0.17 -34.90 24.30
S SO4 T . -44.90 12.50 12.07
O1 SO4 T . -45.29 13.77 11.54
O2 SO4 T . -43.65 12.10 11.48
O3 SO4 T . -44.77 12.60 13.52
O4 SO4 T . -45.90 11.52 11.77
S SO4 U . -2.55 20.02 1.69
O1 SO4 U . -3.29 20.63 0.63
O2 SO4 U . -1.60 19.08 1.16
O3 SO4 U . -1.85 21.04 2.43
O4 SO4 U . -3.47 19.33 2.59
S SO4 V . -11.85 22.01 0.11
O1 SO4 V . -11.25 23.29 -0.17
O2 SO4 V . -12.66 21.58 -1.00
O3 SO4 V . -12.68 22.14 1.28
O4 SO4 V . -10.78 21.02 0.37
C1 GOL W . -25.02 -3.46 43.73
O1 GOL W . -25.88 -2.38 43.38
C2 GOL W . -25.59 -4.78 43.27
O2 GOL W . -26.16 -4.65 41.97
C3 GOL W . -24.58 -5.92 43.30
O3 GOL W . -25.10 -7.09 42.69
C1 GOL X . -3.63 15.23 21.95
O1 GOL X . -3.81 13.94 22.50
C2 GOL X . -2.19 15.63 21.96
O2 GOL X . -1.39 14.55 21.49
C3 GOL X . -1.72 16.05 23.32
O3 GOL X . -1.27 17.39 23.31
C1 GOL Y . -10.12 -28.37 32.86
O1 GOL Y . -9.93 -27.27 31.98
C2 GOL Y . -11.47 -29.04 32.64
O2 GOL Y . -12.52 -28.12 32.86
C3 GOL Y . -11.62 -29.68 31.28
O3 GOL Y . -10.62 -30.67 31.05
#